data_7UHF
#
_entry.id   7UHF
#
_cell.length_a   1.00
_cell.length_b   1.00
_cell.length_c   1.00
_cell.angle_alpha   90.00
_cell.angle_beta   90.00
_cell.angle_gamma   90.00
#
_symmetry.space_group_name_H-M   'P 1'
#
loop_
_entity.id
_entity.type
_entity.pdbx_description
1 polymer 'Voltage-dependent L-type calcium channel subunit alpha-1D'
2 polymer 'Voltage-dependent calcium channel subunit alpha-2/delta-1'
3 polymer 'Voltage-dependent L-type calcium channel subunit beta-3'
4 branched 2-acetamido-2-deoxy-beta-D-glucopyranose-(1-4)-2-acetamido-2-deoxy-beta-D-glucopyranose-(1-4)-2-acetamido-2-deoxy-beta-D-glucopyranose
5 branched 2-acetamido-2-deoxy-beta-D-glucopyranose-(1-4)-2-acetamido-2-deoxy-beta-D-glucopyranose
6 branched 2-acetamido-2-deoxy-beta-D-glucopyranose-(1-4)-2-acetamido-2-deoxy-beta-D-glucopyranose-(1-4)-2-acetamido-2-deoxy-beta-D-glucopyranose-(1-4)-2-acetamido-2-deoxy-beta-D-glucopyranose
7 non-polymer 1-(diphenylmethyl)-4-[(2E)-3-phenylprop-2-en-1-yl]piperazine
8 non-polymer 2-acetamido-2-deoxy-beta-D-glucopyranose
9 non-polymer 'CALCIUM ION'
10 non-polymer 'CHOLESTEROL HEMISUCCINATE'
11 non-polymer 1,2-Distearoyl-sn-glycerophosphoethanolamine
#
loop_
_entity_poly.entity_id
_entity_poly.type
_entity_poly.pdbx_seq_one_letter_code
_entity_poly.pdbx_strand_id
1 'polypeptide(L)'
;MMMMMMMKKMQHQRQQQADHANEANYARGTRLPLSGEGPTSQPNSSKQTVLSWQAAIDAARQAKAAQTMSTSAPPPVGSL
SQRKRQQYAKSKKQGNSSNSRPARALFCLSLNNPIRRACISIVEWKPFDIFILLAIFANCVALAIYIPFPEDDSNSTNHN
LEKVEYAFLIIFTVETFLKIIAYGLLLHPNAYVRNGWNLLDFVIVIVGLFSVILEQLTKETEGGNHSSGKSGGFDVKALR
AFRVLRPLRLVSGVPSLQVVLNSIIKAMVPLLHIALLVLFVIIIYAIIGLELFIGKMHKTCFFADSDIVAEEDPAPCAFS
GNGRQCTANGTECRSGWVGPNGGITNFDNFAFAMLTVFQCITMEGWTDVLYWMNDAMGFELPWVYFVSLVIFGSFFVLNL
VLGVLSGEFSKEREKAKARGDFQKLREKQQLEEDLKGYLDWITQAEDIDPENEEEGGEEGKRNTSMPTSETESVNTENVS
GEGENRGCCGSLCQAISKSKLSRRWRRWNRFNRRRCRAAVKSVTFYWLVIVLVFLNTLTISSEHYNQPDWLTQIQDIANK
VLLALFTCEMLVKMYSLGLQAYFVSLFNRFDCFVVCGGITETILVELEIMSPLGISVFRCVRLLRIFKVTRHWTSLSNLV
ASLLNSMKSIASLLLLLFLFIIIFSLLGMQLFGGKFNFDETQTKRSTFDNFPQALLTVFQILTGEDWNAVMYDGIMAYGG
PSSSGMIVCIYFIILFICGNYILLNVFLAIAVDNLADAESLNTAQKEEAEEKERKKIARKESLENKKNNKPEVNQIANSD
NKVTIDDYREEDEDKDPYPPCDVPVGEEEEEEEEDEPEVPAGPRPRRISELNMKEKIAPIPEGSAFFILSKTNPIRVGCH
KLINHHIFTNLILVFIMLSSAALAAEDPIRSHSFRNTILGYFDYAFTAIFTVEILLKMTTFGAFLHKGAFCRNYFNLLDM
LVVGVSLVSFGIQSSAISVVKILRVLRVLRPLRAINRAKGLKHVVQCVFVAIRTIGNIMIVTTLLQFMFACIGVQLFKGK
FYRCTDEAKSNPEECRGLFILYKDGDVDSPVVRERIWQNSDFNFDNVLSAMMALFTVSTFEGWPALLYKAIDSNGENIGP
IYNHRVEISIFFIIYIIIVAFFMMNIFVGFVIVTFQEQGEKEYKNCELDKNQRQCVEYALKARPLRRYIPKNPYQYKFWY
VVNSSPFEYMMFVLIMLNTLCLAMQHYEQSKMFNDAMDILNMVFTGVFTVEMVLKVIAFKPKGYFSDAWNTFDSLIVIGS
IIDVALSEADPTESENVPVPTATPGNSEESNRISITFFRLFRVMRLVKLLSRGEGIRTLLWTFIKSFQALPYVALLIAML
FFIYAVIGMQMFGKVAMRDNNQINRNNNFQTFPQAVLLLFRCATGEAWQEIMLACLPGKLCDPESDYNPGEEYTCGSNFA
IVYFISFYMLCAFLIINLFVAVIMDNFDYLTRDWSILGPHHLDEFKRIWSEYDPEAKGRIKHLDVVTLLRRIQPPLGFGK
LCPHRVACKRLVAMNMPLNSDGTVMFNATLFALVRTALKIKTEGNLEQANEELRAVIKKIWKKTSMKLLDQVVPPAGDDE
VTVGKFYATFLIQDYFRKFKKRKEQGLVGKYPAKNTTIALQAGLRTLHDIGPEIRRAISCDLQDDEPEETKREEEDDVFK
RNGALLGNHVNHVNSDRRDSLQQTNTTHRPLHVQRPSIPPASDTEKPLFPPAGNSVCHNHHNHNSIGKQVPTSTNANLNN
ANMSKAAHGKRPSIGNLEHVSENGHHSSHKHDREPQRRSSVKRTRYYETYIRSDSGDEQLPTICREDPEIHGYFRDPHCL
GEQEYFSSEECYEDDSSPTWSRQNYGYYSRYPGRNIDSERPRGYHHPQGFLEDDDSPVCYDSRRSPRRRLLPPTPASHRR
SSFNFECLRRQSSQEEVPSSPIFPHRTALPLHLMQQQIMAVAGLDSSKAQKYSPSHSTRSWATPPATPPYRDWTPCYTPL
IQVEQSEALDQVNGSLPSLHRSSWYTDEPDISYRTFTPASLTVPSSFRNKNSDKQRSADSLVEAVLISEGLGRYARDPKF
VSATKHEIADACDLTIDEMESAASTLLNGNVRPRANGDVGPLSHRQDYELQDFGPGYSDEEPDPGRDEEDLADEMICITT
L
;
A
2 'polypeptide(L)'
;MAAGCLLALTLTLFQSLLIGPSSEEPFPSAVTIKSWVDKMQEDLVTLAKTASGVNQLVDIYEKYQDLYTVEPNNARQLVE
IAARDIEKLLSNRSKALVRLALEAEKVQAAHQWREDFASNEVVYYNAKDDLDPEKNDSEPGSQRIKPVFIEDANFGRQIS
YQHAAVHIPTDIYEGSTIVLNELNWTSALDEVFKKNREEDPSLLWQVFGSATGLARYYPASPWVDNSRTPNKIDLYDVRR
RPWYIQGAASPKDMLILVDVSGSVSGLTLKLIRTSVSEMLETLSDDDFVNVASFNSNAQDVSCFQHLVQANVRNKKVLKD
AVNNITAKGITDYKKGFSFAFEQLLNYNVSRANCNKIIMLFTDGGEERAQEIFNKYNKDKKVRVFTFSVGQHNYDRGPIQ
WMACENKGYYYEIPSIGAIRINTQEYLDVLGRPMVLAGDKAKQVQWTNVYLDALELGLVITGTLPVFNITGQFENKTNLK
NQLILGVMGVDVSLEDIKRLTPRFTLCPNGYYFAIDPNGYVLLHPNLQPKPIGVGIPTINLRKRRPNIQNPKSQEPVTLD
FLDAELENDIKVEIRNKMIDGESGEKTFRTLVKSQDERYIDKGNRTYTWTPVNGTDYSLALVLPTYSFYYIKAKLEETIT
QARYSETLKPDNFEESGYTFIAPRDYCNDLKISDNNTEFLLNFNEFIDRKTPNNPSCNADLINRVLLDAGFTNELVQNYW
SKQKNIKGVKARFVVTDGGITRVYPKEAGENWQENPETYEDSFYKRSLDNDNYVFTAPYFNKSGPGAYESGIMVSKAVEI
YIQGKLLKPAVVGIKIDVNSWIENFTKTSIRDPCAGPVCDCKRNSDVMDCVILDDGGFLLMANHDDYTNQIGRFFGEIDP
SLMRHLVNISVYAFNKSYDYQSVCEPGAAPKQGAGHRSAYVPSVADILQIGWWATAAAWSILQQFLLSLTFPRLLEAVEM
EDDDFTASLSKQSCITEQTQYFFDNDSKSFSGVLDCGNCSRIFHGEKLMNTNLIFIMVESKGTCPCDTRLLIQAEQTSDG
PNPCDMVKQPRYRKGPDVCFDNNVLEDYTDCGGVSGLNPSLWYIIGIQFLLLWLVSGSTHRLL
;
D
3 'polypeptide(L)'
;MYDDSYVPGFEDSEAGSADSYTSRPSLDSDVSLEEDRESARREVESQAQQQLERAKHKPVAFAVRTNVSYCGVLDEECPV
QGSGVNFEAKDFLHIKEKYSNDWWIGRLVKEGGDIAFIPSPQRLESIRLKQEQKARRSGNPSSLSDIGNRRSPPPSLAKQ
KQKQAEHVPPYDVVPSMRPVVLVGPSLKGYEVTDMMQKALFDFLKHRFDGRISITRVTADLSLAKRSVLNNPGKRTIIER
SSARSSIAEVQSEIERIFELAKSLQLVVLDADTINHPAQLAKTSLAPIIVFVKVSSPKVLQRLIRSRGKSQMKHLTVQMM
AYDKLVQCPPESFDVILDENQLEDACEHLAEYLEVYWRATHHPAPGPGLLGPPSAIPGLQNQQLLGERGEEHSPLERDSL
MPSDEASESSRQAWTGSSQRSSRHLEEDYADAYQDLYQPHRQHTSGLPSANGHDPQDRLLAQDSEHNHSDRNWQRNRPWP
KDSY
;
C
#
# COMPACT_ATOMS: atom_id res chain seq x y z
N SER A 121 12.54 -44.88 28.04
CA SER A 121 11.39 -45.07 28.91
C SER A 121 11.73 -44.73 30.36
N ILE A 122 13.03 -44.72 30.67
CA ILE A 122 13.49 -44.39 32.01
C ILE A 122 14.49 -43.25 31.89
N VAL A 123 15.17 -43.16 30.75
CA VAL A 123 16.14 -42.09 30.50
C VAL A 123 15.46 -40.78 30.14
N GLU A 124 14.16 -40.81 29.85
CA GLU A 124 13.43 -39.61 29.45
C GLU A 124 13.00 -38.82 30.70
N TRP A 125 13.98 -38.14 31.30
CA TRP A 125 13.71 -37.29 32.44
C TRP A 125 14.02 -35.83 32.19
N LYS A 126 15.20 -35.50 31.68
CA LYS A 126 15.54 -34.10 31.45
C LYS A 126 16.40 -33.90 30.20
N PRO A 127 17.48 -34.67 29.99
CA PRO A 127 18.22 -34.54 28.72
C PRO A 127 17.37 -34.85 27.50
N PHE A 128 16.42 -35.77 27.62
CA PHE A 128 15.59 -36.18 26.50
C PHE A 128 14.59 -35.12 26.08
N ASP A 129 13.99 -34.39 27.02
CA ASP A 129 13.01 -33.37 26.69
C ASP A 129 13.65 -32.09 26.16
N ILE A 130 14.83 -31.73 26.67
CA ILE A 130 15.57 -30.61 26.10
C ILE A 130 15.93 -30.89 24.65
N PHE A 131 16.26 -32.15 24.34
CA PHE A 131 16.53 -32.54 22.96
C PHE A 131 15.29 -32.32 22.09
N ILE A 132 14.11 -32.69 22.59
CA ILE A 132 12.89 -32.52 21.82
C ILE A 132 12.59 -31.04 21.61
N LEU A 133 12.81 -30.23 22.64
CA LEU A 133 12.58 -28.78 22.50
C LEU A 133 13.52 -28.17 21.47
N LEU A 134 14.80 -28.55 21.51
CA LEU A 134 15.76 -28.04 20.54
C LEU A 134 15.45 -28.54 19.13
N ALA A 135 14.98 -29.78 19.00
CA ALA A 135 14.56 -30.28 17.70
C ALA A 135 13.37 -29.49 17.16
N ILE A 136 12.43 -29.15 18.04
CA ILE A 136 11.29 -28.33 17.63
C ILE A 136 11.76 -26.95 17.17
N PHE A 137 12.70 -26.36 17.89
CA PHE A 137 13.25 -25.07 17.48
C PHE A 137 13.94 -25.17 16.12
N ALA A 138 14.71 -26.24 15.90
CA ALA A 138 15.37 -26.44 14.61
C ALA A 138 14.35 -26.63 13.50
N ASN A 139 13.27 -27.37 13.77
CA ASN A 139 12.22 -27.55 12.78
C ASN A 139 11.55 -26.21 12.47
N CYS A 140 11.35 -25.37 13.48
CA CYS A 140 10.78 -24.05 13.24
C CYS A 140 11.70 -23.22 12.35
N VAL A 141 13.00 -23.26 12.60
CA VAL A 141 13.93 -22.52 11.75
C VAL A 141 13.88 -23.04 10.32
N ALA A 142 13.90 -24.36 10.15
CA ALA A 142 13.86 -24.94 8.81
C ALA A 142 12.57 -24.61 8.08
N LEU A 143 11.44 -24.64 8.77
CA LEU A 143 10.16 -24.27 8.17
C LEU A 143 10.06 -22.78 7.89
N ALA A 144 10.85 -21.97 8.60
CA ALA A 144 10.88 -20.54 8.33
C ALA A 144 11.81 -20.16 7.18
N ILE A 145 12.82 -20.97 6.90
CA ILE A 145 13.75 -20.67 5.81
C ILE A 145 13.31 -21.33 4.49
N TYR A 146 12.07 -21.80 4.43
CA TYR A 146 11.52 -22.39 3.22
C TYR A 146 10.85 -21.30 2.38
N ILE A 147 11.26 -21.19 1.12
CA ILE A 147 10.74 -20.15 0.23
C ILE A 147 9.57 -20.72 -0.57
N PRO A 148 8.35 -20.21 -0.38
CA PRO A 148 7.21 -20.68 -1.17
C PRO A 148 7.21 -20.06 -2.56
N PHE A 149 7.49 -20.87 -3.56
CA PHE A 149 7.50 -20.38 -4.93
C PHE A 149 6.13 -20.55 -5.57
N PRO A 150 5.79 -19.70 -6.54
CA PRO A 150 4.49 -19.82 -7.20
C PRO A 150 4.51 -20.94 -8.25
N GLU A 151 3.47 -21.78 -8.22
CA GLU A 151 3.20 -22.79 -9.24
C GLU A 151 4.38 -23.75 -9.41
N ASP A 152 4.62 -24.51 -8.33
CA ASP A 152 5.45 -25.72 -8.30
C ASP A 152 6.94 -25.41 -8.44
N ASP A 153 7.32 -24.15 -8.67
CA ASP A 153 8.73 -23.84 -8.79
C ASP A 153 9.46 -24.10 -7.48
N SER A 154 10.79 -24.21 -7.55
CA SER A 154 11.59 -24.56 -6.39
C SER A 154 13.04 -24.17 -6.66
N ASN A 155 13.88 -24.38 -5.65
CA ASN A 155 15.33 -24.23 -5.78
C ASN A 155 15.99 -25.38 -5.02
N SER A 156 17.31 -25.32 -4.90
CA SER A 156 18.03 -26.39 -4.23
C SER A 156 17.74 -26.40 -2.73
N THR A 157 17.57 -25.23 -2.13
CA THR A 157 17.32 -25.16 -0.70
C THR A 157 16.01 -25.85 -0.33
N ASN A 158 14.98 -25.68 -1.14
CA ASN A 158 13.70 -26.34 -0.87
C ASN A 158 13.84 -27.85 -0.94
N HIS A 159 14.59 -28.36 -1.92
CA HIS A 159 14.81 -29.80 -2.02
C HIS A 159 15.58 -30.32 -0.80
N ASN A 160 16.61 -29.59 -0.38
CA ASN A 160 17.37 -30.00 0.80
C ASN A 160 16.50 -29.99 2.05
N LEU A 161 15.64 -28.97 2.19
CA LEU A 161 14.76 -28.92 3.36
C LEU A 161 13.73 -30.03 3.31
N GLU A 162 13.25 -30.39 2.13
CA GLU A 162 12.34 -31.52 2.00
C GLU A 162 13.02 -32.82 2.43
N LYS A 163 14.29 -32.99 2.05
CA LYS A 163 15.05 -34.13 2.54
C LYS A 163 15.24 -34.11 4.05
N VAL A 164 15.52 -32.93 4.62
CA VAL A 164 15.68 -32.78 6.07
C VAL A 164 14.42 -33.12 6.84
N GLU A 165 13.25 -32.69 6.37
CA GLU A 165 11.99 -32.92 7.08
C GLU A 165 11.69 -34.39 7.31
N TYR A 166 12.28 -35.30 6.53
CA TYR A 166 12.14 -36.72 6.79
C TYR A 166 12.69 -37.13 8.14
N ALA A 167 13.85 -36.58 8.50
CA ALA A 167 14.48 -36.86 9.78
C ALA A 167 13.57 -36.38 10.90
N PHE A 168 13.10 -35.15 10.79
CA PHE A 168 12.23 -34.57 11.80
C PHE A 168 10.97 -35.41 11.97
N LEU A 169 10.37 -35.82 10.86
CA LEU A 169 9.16 -36.63 10.94
C LEU A 169 9.44 -38.01 11.51
N ILE A 170 10.62 -38.56 11.23
CA ILE A 170 10.97 -39.87 11.75
C ILE A 170 11.16 -39.82 13.26
N ILE A 171 11.69 -38.70 13.75
CA ILE A 171 11.91 -38.52 15.17
C ILE A 171 10.61 -38.21 15.91
N PHE A 172 9.74 -37.43 15.29
CA PHE A 172 8.48 -37.06 15.91
C PHE A 172 7.44 -38.18 15.84
N THR A 173 7.65 -39.15 14.97
CA THR A 173 6.73 -40.28 14.85
C THR A 173 7.18 -41.39 15.79
N VAL A 174 8.45 -41.33 16.19
CA VAL A 174 9.00 -42.33 17.10
C VAL A 174 8.75 -41.91 18.53
N GLU A 175 8.51 -40.62 18.73
CA GLU A 175 8.25 -40.08 20.06
C GLU A 175 7.00 -40.72 20.65
N THR A 176 5.96 -40.85 19.83
CA THR A 176 4.72 -41.47 20.26
C THR A 176 4.79 -42.98 20.06
N PHE A 177 5.71 -43.42 19.21
CA PHE A 177 5.91 -44.84 18.94
C PHE A 177 6.49 -45.51 20.18
N LEU A 178 7.36 -44.78 20.87
CA LEU A 178 7.99 -45.29 22.07
C LEU A 178 7.31 -44.71 23.31
N LYS A 179 6.11 -44.17 23.11
CA LYS A 179 5.33 -43.61 24.21
C LYS A 179 4.23 -44.56 24.63
N ILE A 180 4.52 -45.38 25.63
CA ILE A 180 3.57 -46.36 26.14
C ILE A 180 3.11 -45.97 27.54
N ILE A 181 4.00 -46.14 28.51
CA ILE A 181 3.76 -45.83 29.93
C ILE A 181 2.35 -46.14 30.45
N TYR A 192 -0.93 -38.50 29.41
CA TYR A 192 -0.15 -39.44 28.63
C TYR A 192 -0.89 -39.85 27.36
N VAL A 193 -2.22 -40.03 27.46
CA VAL A 193 -3.08 -40.22 26.31
C VAL A 193 -4.24 -39.22 26.31
N ARG A 194 -4.63 -38.72 27.48
CA ARG A 194 -5.78 -37.83 27.59
C ARG A 194 -5.40 -36.36 27.68
N ASN A 195 -4.13 -36.02 27.55
CA ASN A 195 -3.72 -34.63 27.63
C ASN A 195 -4.20 -33.85 26.42
N GLY A 196 -4.40 -32.54 26.62
CA GLY A 196 -4.78 -31.67 25.52
C GLY A 196 -3.66 -31.35 24.56
N TRP A 197 -2.43 -31.75 24.89
CA TRP A 197 -1.29 -31.56 24.02
C TRP A 197 -0.83 -32.84 23.34
N ASN A 198 -0.97 -33.99 24.01
CA ASN A 198 -0.60 -35.25 23.40
C ASN A 198 -1.53 -35.61 22.25
N LEU A 199 -2.81 -35.28 22.35
CA LEU A 199 -3.72 -35.47 21.23
C LEU A 199 -3.33 -34.61 20.03
N LEU A 200 -2.93 -33.36 20.27
CA LEU A 200 -2.44 -32.52 19.19
C LEU A 200 -1.16 -33.11 18.58
N ASP A 201 -0.27 -33.62 19.42
CA ASP A 201 0.93 -34.27 18.91
C ASP A 201 0.59 -35.45 18.02
N PHE A 202 -0.36 -36.28 18.45
CA PHE A 202 -0.75 -37.45 17.67
C PHE A 202 -1.39 -37.04 16.34
N VAL A 203 -2.24 -36.01 16.36
CA VAL A 203 -2.83 -35.52 15.13
C VAL A 203 -1.76 -35.01 14.18
N ILE A 204 -0.79 -34.23 14.69
CA ILE A 204 0.28 -33.74 13.84
C ILE A 204 1.06 -34.90 13.24
N VAL A 205 1.39 -35.91 14.06
CA VAL A 205 2.17 -37.04 13.58
C VAL A 205 1.41 -37.80 12.48
N ILE A 206 0.13 -38.08 12.71
CA ILE A 206 -0.63 -38.87 11.76
C ILE A 206 -0.85 -38.08 10.47
N VAL A 207 -1.05 -36.77 10.58
CA VAL A 207 -1.24 -35.96 9.38
C VAL A 207 0.07 -35.88 8.59
N GLY A 208 1.20 -35.75 9.28
CA GLY A 208 2.48 -35.74 8.58
C GLY A 208 2.76 -37.04 7.88
N LEU A 209 2.49 -38.17 8.54
CA LEU A 209 2.68 -39.46 7.89
C LEU A 209 1.74 -39.63 6.70
N PHE A 210 0.48 -39.22 6.85
CA PHE A 210 -0.48 -39.36 5.76
C PHE A 210 -0.14 -38.46 4.58
N SER A 211 0.49 -37.31 4.84
CA SER A 211 0.95 -36.43 3.78
C SER A 211 2.22 -36.91 3.11
N VAL A 212 3.14 -37.52 3.87
CA VAL A 212 4.34 -38.09 3.27
C VAL A 212 4.04 -39.34 2.44
N ILE A 213 3.11 -40.20 2.89
CA ILE A 213 2.75 -41.37 2.11
C ILE A 213 1.83 -41.03 0.94
N LEU A 214 1.28 -39.83 0.90
CA LEU A 214 0.42 -39.40 -0.20
C LEU A 214 1.21 -38.75 -1.33
N GLU A 215 2.49 -38.47 -1.13
CA GLU A 215 3.34 -37.92 -2.18
C GLU A 215 4.32 -38.92 -2.77
N GLN A 216 4.52 -40.07 -2.12
CA GLN A 216 5.42 -41.08 -2.68
C GLN A 216 4.72 -41.95 -3.71
N LEU A 217 3.45 -42.28 -3.49
CA LEU A 217 2.70 -43.06 -4.47
C LEU A 217 2.39 -42.23 -5.71
N THR A 218 2.19 -40.93 -5.54
CA THR A 218 1.93 -40.04 -6.67
C THR A 218 3.24 -39.41 -7.15
N ASP A 235 -3.34 -32.29 -4.82
CA ASP A 235 -3.51 -31.17 -3.89
C ASP A 235 -2.90 -31.51 -2.54
N VAL A 236 -1.82 -32.31 -2.56
CA VAL A 236 -1.14 -32.70 -1.35
C VAL A 236 -0.47 -31.52 -0.67
N LYS A 237 -0.19 -30.45 -1.40
CA LYS A 237 0.48 -29.29 -0.82
C LYS A 237 -0.39 -28.58 0.20
N ALA A 238 -1.71 -28.60 0.02
CA ALA A 238 -2.60 -27.97 0.99
C ALA A 238 -2.54 -28.68 2.34
N LEU A 239 -2.45 -30.01 2.33
CA LEU A 239 -2.40 -30.78 3.57
C LEU A 239 -1.10 -30.57 4.34
N ARG A 240 -0.10 -29.94 3.74
CA ARG A 240 1.17 -29.66 4.39
C ARG A 240 1.08 -28.52 5.40
N ALA A 241 -0.05 -27.83 5.47
CA ALA A 241 -0.22 -26.68 6.36
C ALA A 241 -0.36 -27.07 7.83
N PHE A 242 -0.18 -28.35 8.16
CA PHE A 242 -0.22 -28.78 9.55
C PHE A 242 1.14 -28.70 10.24
N ARG A 243 2.22 -28.46 9.48
CA ARG A 243 3.53 -28.34 10.10
C ARG A 243 3.67 -27.08 10.93
N VAL A 244 2.85 -26.06 10.66
CA VAL A 244 2.88 -24.83 11.45
C VAL A 244 2.31 -25.02 12.85
N LEU A 245 1.69 -26.18 13.11
CA LEU A 245 1.24 -26.52 14.45
C LEU A 245 2.35 -27.10 15.32
N ARG A 246 3.48 -27.49 14.72
CA ARG A 246 4.60 -27.99 15.52
C ARG A 246 5.17 -26.96 16.48
N PRO A 247 5.35 -25.68 16.12
CA PRO A 247 5.78 -24.70 17.12
C PRO A 247 4.78 -24.52 18.27
N LEU A 248 3.52 -24.92 18.09
CA LEU A 248 2.55 -24.86 19.18
C LEU A 248 2.92 -25.78 20.33
N ARG A 249 3.84 -26.73 20.11
CA ARG A 249 4.29 -27.59 21.19
C ARG A 249 5.12 -26.82 22.22
N LEU A 250 5.68 -25.68 21.83
CA LEU A 250 6.53 -24.92 22.75
C LEU A 250 5.79 -24.41 23.97
N VAL A 251 4.49 -24.12 23.84
CA VAL A 251 3.74 -23.66 25.01
C VAL A 251 3.57 -24.79 26.02
N SER A 252 3.48 -26.04 25.56
CA SER A 252 3.38 -27.17 26.46
C SER A 252 4.73 -27.57 27.07
N GLY A 253 5.84 -27.37 26.36
CA GLY A 253 7.14 -27.72 26.89
C GLY A 253 7.72 -26.72 27.86
N VAL A 254 7.15 -25.53 27.93
CA VAL A 254 7.58 -24.48 28.86
C VAL A 254 6.45 -24.22 29.84
N PRO A 255 6.62 -24.61 31.11
CA PRO A 255 5.53 -24.39 32.09
C PRO A 255 5.20 -22.92 32.30
N SER A 256 6.20 -22.03 32.16
CA SER A 256 5.94 -20.60 32.31
C SER A 256 4.98 -20.11 31.24
N LEU A 257 5.11 -20.62 30.02
CA LEU A 257 4.15 -20.34 28.96
C LEU A 257 2.82 -21.07 29.16
N GLN A 258 2.87 -22.28 29.71
CA GLN A 258 1.65 -23.05 29.91
C GLN A 258 0.72 -22.37 30.92
N VAL A 259 1.27 -21.83 32.00
CA VAL A 259 0.44 -21.16 32.99
C VAL A 259 -0.10 -19.85 32.43
N VAL A 260 0.70 -19.15 31.62
CA VAL A 260 0.27 -17.86 31.07
C VAL A 260 -0.86 -18.07 30.06
N LEU A 261 -0.75 -19.10 29.22
CA LEU A 261 -1.83 -19.37 28.27
C LEU A 261 -3.12 -19.73 28.99
N ASN A 262 -3.03 -20.55 30.04
CA ASN A 262 -4.23 -20.88 30.81
C ASN A 262 -4.82 -19.66 31.48
N SER A 263 -3.97 -18.77 32.01
CA SER A 263 -4.48 -17.55 32.64
C SER A 263 -5.17 -16.63 31.63
N ILE A 264 -4.58 -16.46 30.44
CA ILE A 264 -5.18 -15.59 29.45
C ILE A 264 -6.47 -16.18 28.88
N ILE A 265 -6.60 -17.50 28.89
CA ILE A 265 -7.81 -18.13 28.36
C ILE A 265 -8.91 -18.20 29.40
N LYS A 266 -8.53 -18.10 30.67
CA LYS A 266 -9.49 -18.16 31.76
C LYS A 266 -9.90 -16.78 32.26
N ALA A 267 -9.20 -15.75 31.80
CA ALA A 267 -9.50 -14.39 32.20
C ALA A 267 -10.39 -13.68 31.19
N MET A 268 -10.95 -14.44 30.25
CA MET A 268 -11.82 -13.89 29.23
C MET A 268 -13.17 -14.58 29.22
N VAL A 269 -13.59 -15.09 30.36
CA VAL A 269 -14.88 -15.76 30.46
C VAL A 269 -15.94 -14.75 30.89
N PRO A 270 -15.55 -13.81 31.77
CA PRO A 270 -16.44 -12.76 32.28
C PRO A 270 -16.79 -11.75 31.20
N LEU A 271 -15.90 -11.57 30.24
CA LEU A 271 -16.12 -10.62 29.16
C LEU A 271 -16.69 -11.29 27.90
N LEU A 272 -17.31 -12.45 28.08
CA LEU A 272 -17.90 -13.17 26.95
C LEU A 272 -19.17 -12.46 26.49
N HIS A 273 -19.96 -12.00 27.46
CA HIS A 273 -21.20 -11.29 27.19
C HIS A 273 -20.99 -10.15 26.21
N ILE A 274 -19.86 -9.46 26.31
CA ILE A 274 -19.57 -8.37 25.39
C ILE A 274 -19.48 -8.90 23.96
N ALA A 275 -18.77 -10.02 23.77
CA ALA A 275 -18.66 -10.60 22.43
C ALA A 275 -20.00 -11.11 21.92
N LEU A 276 -20.84 -11.64 22.82
CA LEU A 276 -22.19 -12.02 22.42
C LEU A 276 -22.95 -10.82 21.90
N LEU A 277 -22.86 -9.69 22.60
CA LEU A 277 -23.50 -8.47 22.12
C LEU A 277 -22.92 -8.01 20.79
N VAL A 278 -21.61 -8.17 20.61
CA VAL A 278 -20.97 -7.80 19.34
C VAL A 278 -21.57 -8.59 18.20
N LEU A 279 -21.65 -9.92 18.36
CA LEU A 279 -22.22 -10.75 17.31
C LEU A 279 -23.69 -10.43 17.09
N PHE A 280 -24.41 -10.13 18.17
CA PHE A 280 -25.82 -9.75 18.09
C PHE A 280 -26.00 -8.51 17.21
N VAL A 281 -25.21 -7.46 17.48
CA VAL A 281 -25.30 -6.23 16.71
C VAL A 281 -24.87 -6.45 15.27
N ILE A 282 -23.82 -7.25 15.06
CA ILE A 282 -23.33 -7.49 13.71
C ILE A 282 -24.40 -8.21 12.88
N ILE A 283 -25.06 -9.20 13.47
CA ILE A 283 -26.11 -9.92 12.76
C ILE A 283 -27.28 -9.00 12.46
N ILE A 284 -27.68 -8.17 13.44
CA ILE A 284 -28.78 -7.24 13.18
C ILE A 284 -28.44 -6.30 12.03
N TYR A 285 -27.23 -5.74 12.04
CA TYR A 285 -26.87 -4.79 10.99
C TYR A 285 -26.73 -5.47 9.64
N ALA A 286 -26.25 -6.71 9.60
CA ALA A 286 -26.20 -7.44 8.34
C ALA A 286 -27.60 -7.66 7.78
N ILE A 287 -28.54 -8.04 8.64
CA ILE A 287 -29.91 -8.26 8.17
C ILE A 287 -30.53 -6.94 7.72
N ILE A 288 -30.27 -5.85 8.44
CA ILE A 288 -30.79 -4.55 8.03
C ILE A 288 -30.22 -4.15 6.68
N GLY A 289 -28.93 -4.41 6.45
CA GLY A 289 -28.34 -4.11 5.16
C GLY A 289 -28.96 -4.93 4.05
N LEU A 290 -29.19 -6.23 4.29
CA LEU A 290 -29.88 -7.06 3.32
C LEU A 290 -31.25 -6.49 2.99
N GLU A 291 -32.02 -6.12 4.01
CA GLU A 291 -33.37 -5.62 3.78
C GLU A 291 -33.34 -4.30 3.02
N LEU A 292 -32.43 -3.40 3.39
CA LEU A 292 -32.42 -2.06 2.79
C LEU A 292 -31.93 -2.10 1.35
N PHE A 293 -30.87 -2.88 1.09
CA PHE A 293 -30.21 -2.83 -0.22
C PHE A 293 -29.56 -4.19 -0.52
N ILE A 294 -30.01 -4.82 -1.59
CA ILE A 294 -29.40 -6.04 -2.12
C ILE A 294 -29.13 -5.83 -3.60
N GLY A 295 -27.89 -6.04 -4.01
CA GLY A 295 -27.51 -5.93 -5.40
C GLY A 295 -27.73 -4.55 -6.00
N LYS A 296 -27.40 -3.50 -5.23
CA LYS A 296 -27.46 -2.14 -5.74
C LYS A 296 -26.16 -1.68 -6.38
N MET A 297 -25.04 -2.29 -6.04
CA MET A 297 -23.72 -1.89 -6.54
C MET A 297 -23.31 -2.77 -7.73
N HIS A 298 -24.10 -2.68 -8.81
CA HIS A 298 -23.91 -3.56 -9.97
C HIS A 298 -24.07 -2.80 -11.28
N LYS A 299 -23.96 -1.47 -11.27
CA LYS A 299 -24.20 -0.67 -12.46
C LYS A 299 -23.11 0.39 -12.57
N THR A 300 -22.05 0.08 -13.30
CA THR A 300 -21.03 1.06 -13.65
C THR A 300 -21.21 1.48 -15.09
N CYS A 301 -20.68 2.65 -15.46
CA CYS A 301 -20.89 3.22 -16.77
C CYS A 301 -19.80 2.76 -17.74
N PHE A 302 -20.19 1.88 -18.65
CA PHE A 302 -19.32 1.42 -19.73
C PHE A 302 -19.35 2.42 -20.87
N PHE A 303 -18.60 2.12 -21.93
CA PHE A 303 -18.71 2.88 -23.16
C PHE A 303 -19.99 2.49 -23.90
N ALA A 304 -20.46 3.39 -24.76
CA ALA A 304 -21.72 3.16 -25.46
C ALA A 304 -21.63 1.94 -26.36
N ASP A 305 -22.62 1.06 -26.26
CA ASP A 305 -22.74 -0.13 -27.09
C ASP A 305 -21.47 -0.98 -27.04
N SER A 306 -20.96 -1.18 -25.83
CA SER A 306 -19.76 -1.97 -25.63
C SER A 306 -19.86 -2.69 -24.29
N ASP A 307 -18.78 -3.37 -23.89
CA ASP A 307 -18.76 -4.10 -22.64
C ASP A 307 -17.49 -3.81 -21.84
N ILE A 308 -16.89 -2.64 -22.01
CA ILE A 308 -15.66 -2.26 -21.32
C ILE A 308 -15.96 -1.08 -20.42
N VAL A 309 -15.51 -1.17 -19.16
CA VAL A 309 -15.75 -0.10 -18.19
C VAL A 309 -14.99 1.15 -18.61
N ALA A 310 -15.66 2.29 -18.54
CA ALA A 310 -15.07 3.54 -19.00
C ALA A 310 -13.92 3.99 -18.10
N GLU A 311 -14.14 3.99 -16.80
CA GLU A 311 -13.16 4.52 -15.86
C GLU A 311 -12.28 3.42 -15.28
N GLU A 312 -11.07 3.81 -14.86
CA GLU A 312 -10.13 2.86 -14.29
C GLU A 312 -10.51 2.44 -12.87
N ASP A 313 -11.25 3.29 -12.15
CA ASP A 313 -11.75 3.00 -10.81
C ASP A 313 -13.25 3.16 -10.83
N PRO A 314 -13.98 2.17 -11.34
CA PRO A 314 -15.43 2.33 -11.52
C PRO A 314 -16.18 2.48 -10.21
N ALA A 315 -17.26 3.23 -10.26
CA ALA A 315 -18.20 3.42 -9.17
C ALA A 315 -19.61 3.21 -9.68
N PRO A 316 -20.52 2.77 -8.83
CA PRO A 316 -21.89 2.44 -9.30
C PRO A 316 -22.66 3.66 -9.76
N CYS A 317 -23.58 3.42 -10.70
CA CYS A 317 -24.57 4.41 -11.08
C CYS A 317 -25.72 4.44 -10.08
N ALA A 318 -26.71 5.27 -10.39
CA ALA A 318 -27.95 5.27 -9.63
C ALA A 318 -28.72 3.99 -9.93
N PHE A 319 -29.23 3.35 -8.88
CA PHE A 319 -30.04 2.14 -9.08
C PHE A 319 -31.38 2.48 -9.69
N SER A 320 -32.04 3.53 -9.20
CA SER A 320 -33.33 3.97 -9.71
C SER A 320 -33.33 5.42 -10.15
N GLY A 321 -32.18 5.97 -10.52
CA GLY A 321 -32.12 7.35 -10.98
C GLY A 321 -32.07 8.35 -9.85
N ASN A 322 -31.57 7.94 -8.69
CA ASN A 322 -31.50 8.81 -7.52
C ASN A 322 -30.09 9.15 -7.08
N GLY A 323 -29.11 8.30 -7.37
CA GLY A 323 -27.75 8.53 -6.91
C GLY A 323 -26.89 9.27 -7.90
N ARG A 324 -25.85 8.62 -8.41
CA ARG A 324 -24.89 9.23 -9.32
C ARG A 324 -25.14 8.76 -10.75
N GLN A 325 -25.02 9.69 -11.70
CA GLN A 325 -25.14 9.40 -13.11
C GLN A 325 -23.86 9.81 -13.81
N CYS A 326 -23.29 8.89 -14.59
CA CYS A 326 -22.13 9.23 -15.42
C CYS A 326 -22.55 10.15 -16.56
N THR A 327 -21.86 11.27 -16.68
CA THR A 327 -22.14 12.27 -17.70
C THR A 327 -20.93 12.47 -18.60
N ALA A 328 -20.18 11.41 -18.83
CA ALA A 328 -19.03 11.43 -19.73
C ALA A 328 -19.52 11.25 -21.17
N ASN A 329 -18.84 11.92 -22.09
CA ASN A 329 -19.22 11.86 -23.49
C ASN A 329 -19.10 10.46 -24.08
N GLY A 330 -20.25 9.82 -24.29
CA GLY A 330 -20.26 8.49 -24.87
C GLY A 330 -20.21 7.38 -23.83
N THR A 331 -20.92 7.55 -22.72
CA THR A 331 -20.95 6.56 -21.65
C THR A 331 -22.39 6.30 -21.24
N GLU A 332 -22.66 5.06 -20.86
CA GLU A 332 -23.98 4.65 -20.40
C GLU A 332 -23.77 3.49 -19.44
N CYS A 333 -24.68 3.31 -18.48
CA CYS A 333 -24.51 2.20 -17.55
C CYS A 333 -25.66 1.22 -17.49
N ARG A 334 -25.31 -0.05 -17.36
CA ARG A 334 -26.28 -1.13 -17.32
C ARG A 334 -25.86 -2.14 -16.27
N SER A 335 -26.84 -2.79 -15.65
CA SER A 335 -26.57 -3.78 -14.61
C SER A 335 -25.86 -5.01 -15.18
N GLY A 336 -24.53 -4.98 -15.12
CA GLY A 336 -23.72 -6.08 -15.62
C GLY A 336 -22.31 -5.94 -15.09
N TRP A 337 -22.22 -5.32 -13.93
CA TRP A 337 -20.95 -5.08 -13.24
C TRP A 337 -20.81 -6.01 -12.05
N VAL A 338 -19.59 -6.51 -11.85
CA VAL A 338 -19.36 -7.49 -10.79
C VAL A 338 -19.45 -6.84 -9.41
N GLY A 339 -18.89 -5.65 -9.25
CA GLY A 339 -18.90 -4.98 -7.97
C GLY A 339 -17.68 -4.12 -7.73
N PRO A 340 -17.69 -3.36 -6.64
CA PRO A 340 -16.60 -2.42 -6.36
C PRO A 340 -15.24 -3.08 -6.14
N ASN A 341 -15.15 -4.01 -5.20
CA ASN A 341 -13.89 -4.68 -4.88
C ASN A 341 -13.77 -6.03 -5.54
N GLY A 342 -14.29 -6.16 -6.76
CA GLY A 342 -14.36 -7.45 -7.42
C GLY A 342 -15.49 -8.32 -6.96
N GLY A 343 -16.50 -7.76 -6.31
CA GLY A 343 -17.62 -8.51 -5.78
C GLY A 343 -17.48 -8.96 -4.35
N ILE A 344 -16.32 -8.72 -3.72
CA ILE A 344 -16.14 -9.11 -2.34
C ILE A 344 -16.96 -8.23 -1.41
N THR A 345 -17.00 -6.93 -1.67
CA THR A 345 -17.72 -5.97 -0.83
C THR A 345 -19.07 -5.67 -1.48
N ASN A 346 -20.13 -6.21 -0.89
CA ASN A 346 -21.50 -5.96 -1.33
C ASN A 346 -22.43 -6.52 -0.25
N PHE A 347 -23.73 -6.27 -0.45
CA PHE A 347 -24.74 -6.66 0.52
C PHE A 347 -25.76 -7.62 -0.08
N ASP A 348 -25.35 -8.46 -1.02
CA ASP A 348 -26.25 -9.34 -1.75
C ASP A 348 -26.14 -10.79 -1.28
N ASN A 349 -25.77 -10.99 -0.02
CA ASN A 349 -25.71 -12.30 0.61
C ASN A 349 -25.61 -12.08 2.11
N PHE A 350 -25.94 -13.12 2.88
CA PHE A 350 -25.77 -13.01 4.32
C PHE A 350 -24.30 -13.03 4.73
N ALA A 351 -23.51 -13.94 4.16
CA ALA A 351 -22.08 -13.96 4.42
C ALA A 351 -21.39 -12.68 3.95
N PHE A 352 -21.74 -12.20 2.76
CA PHE A 352 -21.16 -10.96 2.25
C PHE A 352 -21.54 -9.78 3.12
N ALA A 353 -22.80 -9.71 3.55
CA ALA A 353 -23.23 -8.61 4.43
C ALA A 353 -22.52 -8.68 5.78
N MET A 354 -22.38 -9.88 6.34
CA MET A 354 -21.67 -10.02 7.61
C MET A 354 -20.21 -9.60 7.49
N LEU A 355 -19.56 -10.01 6.39
CA LEU A 355 -18.18 -9.60 6.17
C LEU A 355 -18.06 -8.09 6.02
N THR A 356 -18.98 -7.48 5.27
CA THR A 356 -18.94 -6.03 5.10
C THR A 356 -19.17 -5.31 6.42
N VAL A 357 -20.09 -5.80 7.24
CA VAL A 357 -20.36 -5.18 8.52
C VAL A 357 -19.15 -5.30 9.45
N PHE A 358 -18.51 -6.47 9.46
CA PHE A 358 -17.31 -6.64 10.29
C PHE A 358 -16.18 -5.75 9.80
N GLN A 359 -16.06 -5.57 8.48
CA GLN A 359 -15.04 -4.67 7.95
C GLN A 359 -15.32 -3.23 8.35
N CYS A 360 -16.59 -2.83 8.34
CA CYS A 360 -16.94 -1.44 8.67
C CYS A 360 -16.86 -1.15 10.16
N ILE A 361 -17.08 -2.16 11.01
CA ILE A 361 -17.08 -1.92 12.45
C ILE A 361 -15.66 -1.82 13.01
N THR A 362 -14.66 -2.16 12.19
CA THR A 362 -13.28 -2.07 12.63
C THR A 362 -12.64 -0.81 12.08
N MET A 363 -13.48 0.14 11.66
CA MET A 363 -13.03 1.42 11.11
C MET A 363 -11.97 1.27 10.03
N GLU A 364 -12.22 0.34 9.12
CA GLU A 364 -11.34 0.05 8.00
C GLU A 364 -12.15 0.02 6.72
N GLY A 365 -11.94 1.04 5.87
CA GLY A 365 -12.65 1.10 4.61
C GLY A 365 -14.14 1.26 4.72
N TRP A 366 -14.65 1.73 5.86
CA TRP A 366 -16.08 1.95 5.99
C TRP A 366 -16.54 3.14 5.15
N THR A 367 -15.70 4.17 5.04
CA THR A 367 -16.05 5.30 4.19
C THR A 367 -16.10 4.90 2.71
N ASP A 368 -15.31 3.91 2.31
CA ASP A 368 -15.38 3.43 0.93
C ASP A 368 -16.76 2.85 0.63
N VAL A 369 -17.26 2.01 1.53
CA VAL A 369 -18.60 1.44 1.35
C VAL A 369 -19.65 2.54 1.43
N LEU A 370 -19.47 3.50 2.34
CA LEU A 370 -20.41 4.61 2.46
C LEU A 370 -20.49 5.41 1.17
N TYR A 371 -19.33 5.69 0.56
CA TYR A 371 -19.31 6.48 -0.66
C TYR A 371 -19.84 5.68 -1.84
N TRP A 372 -19.57 4.38 -1.89
CA TRP A 372 -20.14 3.56 -2.95
C TRP A 372 -21.66 3.52 -2.85
N MET A 373 -22.19 3.42 -1.63
CA MET A 373 -23.64 3.46 -1.47
C MET A 373 -24.20 4.85 -1.75
N ASN A 374 -23.41 5.89 -1.48
CA ASN A 374 -23.82 7.23 -1.89
C ASN A 374 -23.95 7.33 -3.40
N ASP A 375 -22.99 6.75 -4.12
CA ASP A 375 -23.06 6.73 -5.58
C ASP A 375 -24.25 5.91 -6.07
N ALA A 376 -24.54 4.80 -5.40
CA ALA A 376 -25.60 3.91 -5.86
C ALA A 376 -26.99 4.48 -5.54
N MET A 377 -27.30 4.64 -4.26
CA MET A 377 -28.66 5.03 -3.86
C MET A 377 -28.86 6.55 -3.94
N GLY A 378 -28.11 7.29 -3.13
CA GLY A 378 -28.31 8.73 -3.06
C GLY A 378 -27.47 9.39 -1.98
N PHE A 379 -28.08 10.26 -1.18
CA PHE A 379 -27.34 10.96 -0.14
C PHE A 379 -28.11 11.05 1.17
N GLU A 380 -29.19 10.30 1.35
CA GLU A 380 -30.05 10.43 2.51
C GLU A 380 -30.08 9.18 3.37
N LEU A 381 -30.28 8.01 2.75
CA LEU A 381 -30.40 6.76 3.51
C LEU A 381 -29.05 6.20 3.97
N PRO A 382 -28.05 6.05 3.10
CA PRO A 382 -26.84 5.30 3.51
C PRO A 382 -26.09 5.89 4.69
N TRP A 383 -26.10 7.22 4.87
CA TRP A 383 -25.29 7.80 5.94
C TRP A 383 -25.80 7.39 7.31
N VAL A 384 -27.12 7.21 7.46
CA VAL A 384 -27.66 6.77 8.75
C VAL A 384 -27.16 5.37 9.09
N TYR A 385 -27.15 4.49 8.11
CA TYR A 385 -26.76 3.10 8.36
C TYR A 385 -25.32 2.99 8.80
N PHE A 386 -24.42 3.72 8.15
CA PHE A 386 -22.98 3.54 8.38
C PHE A 386 -22.45 4.36 9.54
N VAL A 387 -22.91 5.59 9.73
CA VAL A 387 -22.45 6.40 10.85
C VAL A 387 -22.88 5.79 12.18
N SER A 388 -24.10 5.31 12.25
CA SER A 388 -24.61 4.69 13.46
C SER A 388 -23.94 3.35 13.70
N LEU A 389 -23.40 2.76 12.64
CA LEU A 389 -22.73 1.46 12.75
C LEU A 389 -21.32 1.60 13.27
N VAL A 390 -20.76 2.81 13.19
CA VAL A 390 -19.40 3.06 13.65
C VAL A 390 -19.42 3.71 15.03
N ILE A 391 -20.60 4.12 15.47
CA ILE A 391 -20.75 4.74 16.77
C ILE A 391 -21.21 3.70 17.77
N PHE A 392 -22.26 2.97 17.40
CA PHE A 392 -22.81 1.92 18.24
C PHE A 392 -21.89 0.71 18.16
N GLY A 393 -21.21 0.58 17.03
CA GLY A 393 -20.32 -0.53 16.80
C GLY A 393 -18.97 -0.50 17.49
N SER A 394 -17.94 -0.17 16.73
CA SER A 394 -16.59 -0.16 17.28
C SER A 394 -16.36 0.78 18.45
N PHE A 395 -16.70 2.05 18.28
CA PHE A 395 -16.50 3.07 19.32
C PHE A 395 -17.07 2.64 20.67
N PHE A 396 -18.38 2.49 20.74
CA PHE A 396 -19.03 2.05 21.98
C PHE A 396 -18.52 0.73 22.52
N VAL A 397 -18.76 -0.35 21.78
CA VAL A 397 -18.34 -1.68 22.18
C VAL A 397 -16.87 -1.75 22.53
N LEU A 398 -15.99 -1.13 21.72
CA LEU A 398 -14.57 -1.10 22.05
C LEU A 398 -14.34 -0.47 23.42
N ASN A 399 -15.22 0.46 23.80
CA ASN A 399 -15.20 0.98 25.16
C ASN A 399 -15.52 -0.11 26.17
N LEU A 400 -16.51 -0.95 25.87
CA LEU A 400 -16.88 -2.02 26.78
C LEU A 400 -15.78 -3.07 26.90
N VAL A 401 -15.23 -3.52 25.78
CA VAL A 401 -14.20 -4.56 25.81
C VAL A 401 -13.00 -4.09 26.60
N LEU A 402 -12.53 -2.88 26.32
CA LEU A 402 -11.33 -2.38 26.98
C LEU A 402 -11.60 -2.08 28.46
N GLY A 403 -12.78 -1.56 28.77
CA GLY A 403 -13.11 -1.27 30.16
C GLY A 403 -13.23 -2.54 31.00
N VAL A 404 -13.93 -3.55 30.48
CA VAL A 404 -14.13 -4.77 31.23
C VAL A 404 -12.83 -5.56 31.36
N LEU A 405 -12.09 -5.69 30.26
CA LEU A 405 -10.82 -6.43 30.31
C LEU A 405 -9.85 -5.80 31.29
N SER A 406 -9.66 -4.49 31.18
CA SER A 406 -8.73 -3.80 32.09
C SER A 406 -9.31 -3.59 33.47
N GLY A 407 -10.63 -3.75 33.65
CA GLY A 407 -11.20 -3.69 34.97
C GLY A 407 -10.72 -4.81 35.87
N GLU A 408 -10.49 -6.00 35.30
CA GLU A 408 -9.98 -7.11 36.09
C GLU A 408 -8.48 -6.96 36.36
N PHE A 409 -7.75 -6.29 35.46
CA PHE A 409 -6.34 -6.00 35.72
C PHE A 409 -6.18 -5.14 36.96
N SER A 410 -7.01 -4.11 37.10
CA SER A 410 -7.01 -3.31 38.33
C SER A 410 -7.52 -4.13 39.50
N LYS A 411 -8.52 -4.99 39.26
CA LYS A 411 -9.01 -5.87 40.32
C LYS A 411 -7.92 -6.82 40.80
N GLU A 412 -7.16 -7.38 39.87
CA GLU A 412 -6.05 -8.27 40.24
C GLU A 412 -4.97 -7.53 41.02
N ARG A 413 -4.87 -6.21 40.88
CA ARG A 413 -3.89 -5.45 41.64
C ARG A 413 -4.18 -5.48 43.14
N GLU A 414 -5.46 -5.45 43.51
CA GLU A 414 -5.82 -5.60 44.92
C GLU A 414 -5.41 -6.98 45.44
N LYS A 415 -5.65 -8.02 44.64
CA LYS A 415 -5.11 -9.33 44.97
C LYS A 415 -3.59 -9.32 44.96
N ALA A 416 -2.98 -8.63 43.99
CA ALA A 416 -1.53 -8.48 43.97
C ALA A 416 -1.04 -7.61 45.11
N LYS A 417 -1.88 -6.74 45.66
CA LYS A 417 -1.46 -5.86 46.75
C LYS A 417 -0.99 -6.64 47.97
N ALA A 418 -1.48 -7.87 48.14
CA ALA A 418 -1.09 -8.71 49.27
C ALA A 418 -0.66 -10.11 48.84
N ARG A 419 -0.29 -10.30 47.57
CA ARG A 419 0.12 -11.61 47.11
C ARG A 419 1.62 -11.87 47.20
N GLY A 420 2.44 -10.81 47.28
CA GLY A 420 3.87 -11.02 47.43
C GLY A 420 4.77 -10.08 46.66
N ASP A 421 4.20 -9.11 45.93
CA ASP A 421 5.04 -8.18 45.18
C ASP A 421 4.90 -6.74 45.68
N PHE A 422 3.69 -6.34 46.08
CA PHE A 422 3.44 -4.95 46.43
C PHE A 422 4.32 -4.48 47.58
N GLN A 423 4.46 -5.32 48.62
CA GLN A 423 5.33 -4.96 49.73
C GLN A 423 6.80 -5.06 49.34
N LYS A 424 7.12 -5.95 48.39
CA LYS A 424 8.51 -6.09 47.96
C LYS A 424 8.98 -4.88 47.18
N LEU A 425 8.12 -4.35 46.29
CA LEU A 425 8.50 -3.16 45.54
C LEU A 425 8.71 -1.96 46.46
N ARG A 426 7.85 -1.81 47.46
CA ARG A 426 8.03 -0.73 48.43
C ARG A 426 9.32 -0.91 49.22
N GLU A 427 9.75 -2.17 49.42
CA GLU A 427 11.02 -2.41 50.09
C GLU A 427 12.20 -1.98 49.21
N LYS A 428 12.20 -2.38 47.95
CA LYS A 428 13.32 -2.10 47.05
C LYS A 428 13.17 -0.77 46.31
N GLN A 429 12.84 0.31 47.02
CA GLN A 429 12.84 1.63 46.42
C GLN A 429 13.54 2.61 47.36
N GLN A 430 13.59 2.26 48.66
CA GLN A 430 14.23 3.11 49.64
C GLN A 430 15.69 2.74 49.86
N LEU A 431 16.02 1.45 49.78
CA LEU A 431 17.41 1.03 49.93
C LEU A 431 18.26 1.46 48.73
N GLU A 432 17.69 1.43 47.52
CA GLU A 432 18.42 1.92 46.36
C GLU A 432 18.72 3.40 46.49
N GLU A 433 17.76 4.19 47.00
CA GLU A 433 18.01 5.58 47.29
C GLU A 433 18.88 5.75 48.54
N ASP A 434 18.85 4.78 49.45
CA ASP A 434 19.68 4.88 50.66
C ASP A 434 21.17 4.85 50.31
N LEU A 435 21.57 3.97 49.38
CA LEU A 435 22.96 3.88 49.00
C LEU A 435 23.46 5.15 48.32
N LYS A 436 22.57 5.97 47.78
CA LYS A 436 22.99 7.25 47.19
C LYS A 436 23.60 8.17 48.24
N GLY A 437 22.91 8.36 49.35
CA GLY A 437 23.41 9.17 50.44
C GLY A 437 24.30 8.46 51.43
N TYR A 438 24.42 7.14 51.33
CA TYR A 438 25.28 6.36 52.21
C TYR A 438 26.67 6.13 51.62
N LEU A 439 26.77 5.99 50.29
CA LEU A 439 28.07 5.87 49.65
C LEU A 439 28.75 7.23 49.49
N ASP A 440 27.98 8.32 49.44
CA ASP A 440 28.60 9.64 49.36
C ASP A 440 29.17 10.06 50.71
N TRP A 441 28.54 9.66 51.80
CA TRP A 441 29.07 9.93 53.14
C TRP A 441 30.28 9.06 53.46
N ILE A 442 30.40 7.90 52.83
CA ILE A 442 31.48 6.97 53.17
C ILE A 442 32.77 7.30 52.43
N THR A 443 32.72 8.22 51.46
CA THR A 443 33.89 8.54 50.63
C THR A 443 34.54 9.86 51.03
N GLN A 444 33.77 10.94 51.09
CA GLN A 444 34.37 12.27 51.31
C GLN A 444 34.90 12.44 52.72
N ALA A 445 34.53 11.54 53.65
CA ALA A 445 34.93 11.71 55.05
C ALA A 445 36.44 11.53 55.22
N GLU A 446 37.00 10.48 54.62
CA GLU A 446 38.42 10.18 54.76
C GLU A 446 39.21 10.41 53.48
N ASP A 447 38.73 9.88 52.35
CA ASP A 447 39.42 10.03 51.08
C ASP A 447 39.18 11.41 50.47
N CYS A 516 38.34 21.98 44.53
CA CYS A 516 38.63 20.56 44.31
C CYS A 516 37.41 19.82 43.79
N ARG A 517 36.52 19.44 44.69
CA ARG A 517 35.31 18.71 44.33
C ARG A 517 34.14 19.63 43.99
N ALA A 518 34.31 20.94 44.10
CA ALA A 518 33.24 21.90 43.87
C ALA A 518 33.18 22.38 42.42
N ALA A 519 34.11 21.97 41.57
CA ALA A 519 34.11 22.37 40.17
C ALA A 519 33.18 21.52 39.31
N VAL A 520 32.56 20.50 39.88
CA VAL A 520 31.62 19.63 39.18
C VAL A 520 30.19 19.86 39.67
N LYS A 521 30.00 19.94 40.98
CA LYS A 521 28.67 20.14 41.55
C LYS A 521 28.21 21.60 41.47
N SER A 522 29.09 22.51 41.04
CA SER A 522 28.72 23.91 40.96
C SER A 522 27.57 24.12 39.99
N VAL A 523 26.69 25.06 40.32
CA VAL A 523 25.52 25.33 39.49
C VAL A 523 25.94 25.80 38.10
N THR A 524 27.01 26.59 38.03
CA THR A 524 27.47 27.09 36.74
C THR A 524 27.94 25.95 35.85
N PHE A 525 28.54 24.91 36.43
CA PHE A 525 29.00 23.77 35.64
C PHE A 525 27.82 23.07 34.98
N TYR A 526 26.77 22.80 35.76
CA TYR A 526 25.61 22.10 35.22
C TYR A 526 24.84 22.95 34.21
N TRP A 527 24.72 24.26 34.48
CA TRP A 527 24.06 25.14 33.53
C TRP A 527 24.88 25.37 32.27
N LEU A 528 26.20 25.18 32.34
CA LEU A 528 27.02 25.20 31.14
C LEU A 528 26.91 23.90 30.36
N VAL A 529 26.80 22.78 31.06
CA VAL A 529 26.58 21.49 30.40
C VAL A 529 25.24 21.50 29.67
N ILE A 530 24.22 22.16 30.23
CA ILE A 530 22.94 22.28 29.54
C ILE A 530 23.13 22.97 28.20
N VAL A 531 23.89 24.07 28.18
CA VAL A 531 24.13 24.81 26.94
C VAL A 531 24.97 23.97 25.98
N LEU A 532 25.92 23.20 26.52
CA LEU A 532 26.71 22.30 25.69
C LEU A 532 25.82 21.31 24.95
N VAL A 533 24.89 20.69 25.68
CA VAL A 533 24.00 19.71 25.07
C VAL A 533 23.06 20.39 24.08
N PHE A 534 22.61 21.60 24.39
CA PHE A 534 21.75 22.33 23.47
C PHE A 534 22.47 22.61 22.15
N LEU A 535 23.73 23.05 22.23
CA LEU A 535 24.50 23.27 21.01
C LEU A 535 24.76 21.97 20.26
N ASN A 536 25.04 20.88 20.99
CA ASN A 536 25.28 19.61 20.34
C ASN A 536 24.06 19.13 19.57
N THR A 537 22.87 19.27 20.16
CA THR A 537 21.65 18.87 19.46
C THR A 537 21.25 19.85 18.36
N LEU A 538 21.63 21.13 18.51
CA LEU A 538 21.35 22.09 17.45
C LEU A 538 22.19 21.82 16.22
N THR A 539 23.44 21.38 16.41
CA THR A 539 24.27 21.03 15.27
C THR A 539 23.76 19.80 14.54
N ILE A 540 23.14 18.85 15.25
CA ILE A 540 22.64 17.64 14.62
C ILE A 540 21.30 17.88 13.95
N SER A 541 20.39 18.61 14.61
CA SER A 541 19.04 18.80 14.10
C SER A 541 18.95 19.88 13.02
N SER A 542 20.07 20.51 12.67
CA SER A 542 20.08 21.53 11.63
C SER A 542 20.38 20.97 10.25
N GLU A 543 20.59 19.66 10.12
CA GLU A 543 20.84 19.06 8.82
C GLU A 543 19.58 19.02 7.98
N HIS A 544 19.76 19.13 6.66
CA HIS A 544 18.66 19.01 5.72
C HIS A 544 19.24 18.66 4.36
N TYR A 545 18.35 18.23 3.46
CA TYR A 545 18.76 17.92 2.10
C TYR A 545 19.24 19.18 1.40
N ASN A 546 20.34 19.06 0.66
CA ASN A 546 20.91 20.17 -0.12
C ASN A 546 21.26 21.35 0.77
N GLN A 547 21.87 21.08 1.92
CA GLN A 547 22.28 22.14 2.82
C GLN A 547 23.48 22.88 2.23
N PRO A 548 23.63 24.16 2.54
CA PRO A 548 24.79 24.91 2.05
C PRO A 548 26.09 24.39 2.63
N ASP A 549 27.17 24.59 1.86
CA ASP A 549 28.48 24.09 2.28
C ASP A 549 28.97 24.78 3.54
N TRP A 550 28.72 26.07 3.69
CA TRP A 550 29.15 26.78 4.89
C TRP A 550 28.45 26.24 6.14
N LEU A 551 27.20 25.81 6.00
CA LEU A 551 26.52 25.17 7.13
C LEU A 551 27.20 23.87 7.50
N THR A 552 27.63 23.08 6.51
CA THR A 552 28.38 21.87 6.80
C THR A 552 29.71 22.18 7.49
N GLN A 553 30.41 23.22 7.05
CA GLN A 553 31.67 23.59 7.68
C GLN A 553 31.48 24.02 9.13
N ILE A 554 30.52 24.92 9.36
CA ILE A 554 30.25 25.41 10.69
C ILE A 554 29.63 24.33 11.56
N GLN A 555 29.16 23.26 10.93
CA GLN A 555 28.55 22.16 11.65
C GLN A 555 29.46 20.96 11.79
N ASP A 556 30.50 20.90 10.96
CA ASP A 556 31.43 19.77 11.04
C ASP A 556 32.64 20.12 11.90
N ILE A 557 32.72 21.39 12.30
CA ILE A 557 33.79 21.84 13.20
C ILE A 557 33.18 22.03 14.59
N ALA A 558 31.86 22.23 14.64
CA ALA A 558 31.13 22.44 15.89
C ALA A 558 31.20 21.19 16.75
N ASN A 559 31.16 20.02 16.11
CA ASN A 559 31.28 18.78 16.84
C ASN A 559 32.73 18.58 17.27
N LYS A 560 33.66 19.10 16.47
CA LYS A 560 35.08 18.98 16.79
C LYS A 560 35.42 19.78 18.03
N VAL A 561 34.79 20.94 18.19
CA VAL A 561 35.04 21.78 19.36
C VAL A 561 34.20 21.31 20.54
N LEU A 562 33.18 20.51 20.27
CA LEU A 562 32.31 19.99 21.32
C LEU A 562 32.83 18.66 21.83
N LEU A 563 33.47 17.88 20.96
CA LEU A 563 34.03 16.60 21.36
C LEU A 563 35.32 16.87 22.11
N ALA A 564 35.99 17.94 21.73
CA ALA A 564 37.23 18.32 22.38
C ALA A 564 36.93 18.86 23.76
N LEU A 565 35.76 19.49 23.91
CA LEU A 565 35.41 20.04 25.23
C LEU A 565 34.74 18.98 26.10
N PHE A 566 33.91 18.12 25.50
CA PHE A 566 33.29 17.05 26.26
C PHE A 566 34.33 16.06 26.76
N THR A 567 35.34 15.75 25.94
CA THR A 567 36.43 14.89 26.40
C THR A 567 37.20 15.55 27.53
N CYS A 568 37.40 16.86 27.45
CA CYS A 568 38.04 17.59 28.55
C CYS A 568 37.22 17.47 29.83
N GLU A 569 35.90 17.63 29.73
CA GLU A 569 35.04 17.49 30.90
C GLU A 569 35.08 16.07 31.45
N MET A 570 35.13 15.08 30.57
CA MET A 570 35.28 13.69 31.01
C MET A 570 36.59 13.48 31.75
N LEU A 571 37.68 14.06 31.26
CA LEU A 571 38.95 13.96 31.96
C LEU A 571 38.88 14.66 33.31
N VAL A 572 38.19 15.80 33.38
CA VAL A 572 38.06 16.52 34.64
C VAL A 572 37.29 15.68 35.65
N LYS A 573 36.18 15.08 35.22
CA LYS A 573 35.34 14.30 36.13
C LYS A 573 35.95 12.96 36.49
N MET A 574 36.78 12.38 35.62
CA MET A 574 37.37 11.08 35.91
C MET A 574 38.42 11.18 37.00
N TYR A 575 39.27 12.20 36.95
CA TYR A 575 40.40 12.32 37.86
C TYR A 575 40.08 13.14 39.11
N SER A 576 38.84 13.62 39.26
CA SER A 576 38.44 14.35 40.45
C SER A 576 37.51 13.57 41.36
N LEU A 577 36.83 12.54 40.85
CA LEU A 577 35.93 11.73 41.66
C LEU A 577 36.47 10.35 41.96
N GLY A 578 37.50 9.90 41.25
CA GLY A 578 38.04 8.57 41.44
C GLY A 578 37.74 7.64 40.29
N LEU A 579 38.73 6.85 39.87
CA LEU A 579 38.55 5.95 38.75
C LEU A 579 37.53 4.85 39.02
N GLN A 580 37.32 4.49 40.29
CA GLN A 580 36.46 3.37 40.66
C GLN A 580 34.99 3.77 40.82
N ALA A 581 34.72 4.83 41.56
CA ALA A 581 33.35 5.21 41.87
C ALA A 581 32.58 5.73 40.65
N TYR A 582 33.26 6.03 39.55
CA TYR A 582 32.57 6.54 38.37
C TYR A 582 31.60 5.51 37.78
N PHE A 583 32.03 4.25 37.70
CA PHE A 583 31.22 3.20 37.08
C PHE A 583 30.35 2.54 38.15
N VAL A 584 29.49 3.36 38.76
CA VAL A 584 28.51 2.91 39.74
C VAL A 584 27.09 3.01 39.19
N SER A 585 26.75 4.15 38.60
CA SER A 585 25.45 4.33 37.96
C SER A 585 25.54 3.94 36.49
N LEU A 586 24.41 3.47 35.95
CA LEU A 586 24.38 3.02 34.56
C LEU A 586 24.57 4.19 33.60
N PHE A 587 24.20 5.40 34.00
CA PHE A 587 24.27 6.54 33.10
C PHE A 587 25.71 6.95 32.81
N ASN A 588 26.59 6.83 33.81
CA ASN A 588 27.99 7.21 33.62
C ASN A 588 28.66 6.34 32.56
N ARG A 589 28.40 5.03 32.60
CA ARG A 589 28.93 4.14 31.57
C ARG A 589 28.39 4.52 30.20
N PHE A 590 27.11 4.87 30.13
CA PHE A 590 26.52 5.32 28.88
C PHE A 590 27.22 6.56 28.35
N ASP A 591 27.48 7.53 29.24
CA ASP A 591 28.15 8.76 28.83
C ASP A 591 29.56 8.50 28.34
N CYS A 592 30.32 7.65 29.06
CA CYS A 592 31.69 7.39 28.61
C CYS A 592 31.69 6.61 27.30
N PHE A 593 30.72 5.73 27.11
CA PHE A 593 30.59 5.03 25.83
C PHE A 593 30.33 6.01 24.70
N VAL A 594 29.45 6.99 24.92
CA VAL A 594 29.15 7.97 23.89
C VAL A 594 30.40 8.80 23.58
N VAL A 595 31.11 9.23 24.62
CA VAL A 595 32.31 10.04 24.40
C VAL A 595 33.38 9.25 23.66
N CYS A 596 33.59 7.98 24.02
CA CYS A 596 34.57 7.17 23.32
C CYS A 596 34.15 6.84 21.89
N GLY A 597 32.85 6.74 21.63
CA GLY A 597 32.38 6.54 20.28
C GLY A 597 32.54 7.76 19.40
N GLY A 598 32.44 8.96 19.99
CA GLY A 598 32.70 10.18 19.23
C GLY A 598 34.12 10.30 18.71
N ILE A 599 35.10 9.87 19.51
CA ILE A 599 36.49 9.87 19.08
C ILE A 599 36.71 8.99 17.86
N THR A 600 36.10 7.79 17.84
CA THR A 600 36.20 6.92 16.68
C THR A 600 35.62 7.56 15.43
N GLU A 601 34.45 8.17 15.55
CA GLU A 601 33.83 8.85 14.41
C GLU A 601 34.67 9.99 13.89
N THR A 602 35.27 10.79 14.78
CA THR A 602 36.06 11.93 14.34
C THR A 602 37.28 11.52 13.53
N ILE A 603 37.87 10.35 13.78
CA ILE A 603 39.09 9.92 13.12
C ILE A 603 38.80 9.06 11.89
N LEU A 604 37.76 8.22 11.93
CA LEU A 604 37.44 7.43 10.75
C LEU A 604 36.98 8.30 9.58
N VAL A 605 36.21 9.36 9.85
CA VAL A 605 35.79 10.25 8.76
C VAL A 605 36.94 10.99 8.12
N GLU A 606 38.11 11.01 8.74
CA GLU A 606 39.30 11.62 8.16
C GLU A 606 40.28 10.59 7.60
N LEU A 607 40.23 9.35 8.07
CA LEU A 607 41.10 8.30 7.57
C LEU A 607 40.54 7.73 6.26
N GLU A 608 41.20 6.68 5.76
CA GLU A 608 40.83 6.11 4.46
C GLU A 608 39.45 5.44 4.48
N ILE A 609 39.00 4.99 5.65
CA ILE A 609 37.70 4.31 5.73
C ILE A 609 36.60 5.33 5.55
N MET A 610 35.86 5.22 4.44
CA MET A 610 34.82 6.19 4.12
C MET A 610 33.54 5.92 4.90
N SER A 611 32.94 4.74 4.68
CA SER A 611 31.72 4.30 5.34
C SER A 611 30.60 5.34 5.26
N PRO A 612 30.00 5.54 4.08
CA PRO A 612 28.88 6.49 3.99
C PRO A 612 27.73 6.16 4.93
N LEU A 613 27.41 4.89 5.11
CA LEU A 613 26.40 4.50 6.10
C LEU A 613 26.95 4.57 7.52
N GLY A 614 28.22 4.19 7.71
CA GLY A 614 28.81 4.27 9.03
C GLY A 614 28.86 5.67 9.58
N ILE A 615 29.00 6.67 8.70
CA ILE A 615 28.92 8.06 9.13
C ILE A 615 27.54 8.35 9.74
N SER A 616 26.48 7.90 9.06
CA SER A 616 25.13 8.18 9.54
C SER A 616 24.87 7.54 10.90
N VAL A 617 25.32 6.30 11.10
CA VAL A 617 25.07 5.63 12.36
C VAL A 617 25.81 6.32 13.51
N PHE A 618 27.03 6.80 13.26
CA PHE A 618 27.79 7.45 14.32
C PHE A 618 27.19 8.79 14.72
N ARG A 619 26.64 9.53 13.76
CA ARG A 619 25.98 10.79 14.11
C ARG A 619 24.71 10.57 14.92
N CYS A 620 24.11 9.39 14.82
CA CYS A 620 23.00 9.03 15.70
C CYS A 620 23.45 8.81 17.14
N VAL A 621 24.66 8.29 17.33
CA VAL A 621 25.19 8.11 18.68
C VAL A 621 25.35 9.45 19.38
N ARG A 622 25.84 10.47 18.67
CA ARG A 622 25.97 11.80 19.25
C ARG A 622 24.62 12.40 19.63
N LEU A 623 23.53 11.86 19.09
CA LEU A 623 22.19 12.32 19.46
C LEU A 623 21.76 11.77 20.82
N LEU A 624 22.54 10.86 21.39
CA LEU A 624 22.18 10.31 22.70
C LEU A 624 22.59 11.23 23.84
N ARG A 625 23.31 12.32 23.56
CA ARG A 625 23.77 13.20 24.62
C ARG A 625 22.63 14.04 25.20
N ILE A 626 21.51 14.14 24.49
CA ILE A 626 20.38 14.92 24.98
C ILE A 626 19.80 14.30 26.25
N PHE A 627 20.02 13.01 26.47
CA PHE A 627 19.50 12.38 27.68
C PHE A 627 20.15 12.94 28.94
N LYS A 628 21.28 13.63 28.81
CA LYS A 628 21.95 14.19 29.98
C LYS A 628 21.10 15.27 30.64
N VAL A 629 20.43 16.10 29.84
CA VAL A 629 19.61 17.17 30.42
C VAL A 629 18.33 16.62 31.04
N THR A 630 17.84 15.47 30.58
CA THR A 630 16.68 14.81 31.15
C THR A 630 17.05 13.87 32.29
N ARG A 631 18.34 13.60 32.48
CA ARG A 631 18.80 12.72 33.55
C ARG A 631 18.24 13.12 34.91
N HIS A 632 18.33 14.40 35.25
CA HIS A 632 17.90 14.88 36.57
C HIS A 632 16.47 15.40 36.49
N TRP A 633 15.54 14.47 36.24
CA TRP A 633 14.12 14.78 36.25
C TRP A 633 13.34 13.98 37.27
N THR A 634 13.95 12.96 37.88
CA THR A 634 13.41 12.21 39.02
C THR A 634 12.10 11.49 38.71
N SER A 635 11.62 11.53 37.47
CA SER A 635 10.38 10.85 37.13
C SER A 635 10.59 9.88 35.98
N LEU A 636 11.38 10.29 34.99
CA LEU A 636 11.72 9.37 33.89
C LEU A 636 12.59 8.22 34.37
N SER A 637 13.40 8.46 35.40
CA SER A 637 14.19 7.38 35.98
C SER A 637 13.30 6.32 36.60
N ASN A 638 12.21 6.75 37.26
CA ASN A 638 11.27 5.80 37.84
C ASN A 638 10.64 4.92 36.75
N LEU A 639 10.33 5.50 35.60
CA LEU A 639 9.69 4.74 34.52
C LEU A 639 10.62 3.63 34.03
N VAL A 640 11.87 3.97 33.71
CA VAL A 640 12.80 2.96 33.22
C VAL A 640 13.15 1.96 34.31
N ALA A 641 13.23 2.40 35.57
CA ALA A 641 13.49 1.47 36.66
C ALA A 641 12.36 0.45 36.80
N SER A 642 11.12 0.93 36.75
CA SER A 642 9.98 0.03 36.84
C SER A 642 9.95 -0.95 35.67
N LEU A 643 10.24 -0.45 34.46
CA LEU A 643 10.29 -1.35 33.31
C LEU A 643 11.39 -2.40 33.45
N LEU A 644 12.59 -1.98 33.88
CA LEU A 644 13.68 -2.94 33.98
C LEU A 644 13.44 -3.95 35.09
N ASN A 645 12.68 -3.57 36.11
CA ASN A 645 12.36 -4.53 37.17
C ASN A 645 11.13 -5.37 36.86
N SER A 646 10.31 -4.97 35.89
CA SER A 646 9.09 -5.70 35.58
C SER A 646 9.11 -6.43 34.24
N MET A 647 10.16 -6.28 33.44
CA MET A 647 10.25 -7.06 32.21
C MET A 647 10.35 -8.55 32.47
N LYS A 648 10.89 -8.94 33.64
CA LYS A 648 11.07 -10.35 33.96
C LYS A 648 9.76 -11.05 34.28
N SER A 649 8.72 -10.31 34.66
CA SER A 649 7.43 -10.88 34.98
C SER A 649 6.46 -10.89 33.80
N ILE A 650 6.88 -10.35 32.65
CA ILE A 650 6.05 -10.36 31.45
C ILE A 650 6.82 -10.84 30.22
N ALA A 651 8.09 -11.22 30.37
CA ALA A 651 8.80 -11.84 29.26
C ALA A 651 8.07 -13.09 28.77
N SER A 652 7.41 -13.83 29.66
CA SER A 652 6.65 -15.00 29.24
C SER A 652 5.53 -14.60 28.28
N LEU A 653 4.76 -13.58 28.63
CA LEU A 653 3.67 -13.13 27.76
C LEU A 653 4.19 -12.54 26.45
N LEU A 654 5.30 -11.81 26.51
CA LEU A 654 5.88 -11.28 25.28
C LEU A 654 6.36 -12.40 24.36
N LEU A 655 6.96 -13.43 24.94
CA LEU A 655 7.39 -14.56 24.13
C LEU A 655 6.20 -15.34 23.58
N LEU A 656 5.10 -15.42 24.34
CA LEU A 656 3.88 -16.01 23.80
C LEU A 656 3.35 -15.22 22.62
N LEU A 657 3.37 -13.89 22.72
CA LEU A 657 2.96 -13.05 21.60
C LEU A 657 3.85 -13.27 20.39
N PHE A 658 5.16 -13.35 20.61
CA PHE A 658 6.08 -13.56 19.51
C PHE A 658 5.89 -14.93 18.86
N LEU A 659 5.61 -15.96 19.67
CA LEU A 659 5.32 -17.27 19.13
C LEU A 659 4.03 -17.26 18.32
N PHE A 660 3.02 -16.53 18.79
CA PHE A 660 1.79 -16.34 18.02
C PHE A 660 2.08 -15.69 16.68
N ILE A 661 2.92 -14.66 16.68
CA ILE A 661 3.29 -13.98 15.44
C ILE A 661 3.97 -14.94 14.49
N ILE A 662 4.91 -15.75 15.00
CA ILE A 662 5.63 -16.68 14.14
C ILE A 662 4.69 -17.74 13.59
N ILE A 663 3.76 -18.23 14.41
CA ILE A 663 2.84 -19.28 13.96
C ILE A 663 1.97 -18.76 12.81
N PHE A 664 1.38 -17.58 12.98
CA PHE A 664 0.57 -17.08 11.87
C PHE A 664 1.40 -16.61 10.69
N SER A 665 2.65 -16.18 10.90
CA SER A 665 3.51 -15.88 9.76
C SER A 665 3.76 -17.12 8.92
N LEU A 666 4.08 -18.24 9.58
CA LEU A 666 4.31 -19.48 8.85
C LEU A 666 3.03 -19.98 8.18
N LEU A 667 1.89 -19.87 8.88
CA LEU A 667 0.63 -20.32 8.30
C LEU A 667 0.25 -19.49 7.07
N GLY A 668 0.42 -18.18 7.15
CA GLY A 668 0.15 -17.33 6.00
C GLY A 668 1.13 -17.58 4.87
N MET A 669 2.39 -17.87 5.20
CA MET A 669 3.36 -18.21 4.16
C MET A 669 2.95 -19.49 3.45
N GLN A 670 2.41 -20.46 4.18
CA GLN A 670 1.96 -21.69 3.54
C GLN A 670 0.69 -21.45 2.70
N LEU A 671 -0.27 -20.70 3.23
CA LEU A 671 -1.55 -20.55 2.54
C LEU A 671 -1.45 -19.63 1.33
N PHE A 672 -0.75 -18.51 1.46
CA PHE A 672 -0.72 -17.47 0.42
C PHE A 672 0.69 -17.25 -0.12
N GLY A 673 1.56 -18.24 0.01
CA GLY A 673 2.91 -18.10 -0.50
C GLY A 673 2.99 -18.21 -2.01
N GLY A 674 3.28 -17.09 -2.67
CA GLY A 674 3.39 -17.07 -4.11
C GLY A 674 2.06 -17.02 -4.85
N LYS A 675 0.94 -16.99 -4.14
CA LYS A 675 -0.38 -16.98 -4.76
C LYS A 675 -0.88 -15.58 -5.04
N PHE A 676 -0.08 -14.55 -4.78
CA PHE A 676 -0.47 -13.16 -4.99
C PHE A 676 -0.01 -12.63 -6.34
N ASN A 677 0.10 -13.49 -7.34
CA ASN A 677 0.54 -13.14 -8.68
C ASN A 677 -0.60 -13.28 -9.69
N PHE A 678 -1.80 -12.87 -9.28
CA PHE A 678 -2.98 -12.99 -10.12
C PHE A 678 -3.33 -11.69 -10.85
N ASP A 679 -2.93 -10.53 -10.33
CA ASP A 679 -3.33 -9.27 -10.92
C ASP A 679 -2.76 -9.10 -12.32
N GLU A 680 -1.49 -9.47 -12.52
CA GLU A 680 -0.77 -9.45 -13.80
C GLU A 680 -0.51 -8.02 -14.27
N THR A 681 -1.05 -7.00 -13.59
CA THR A 681 -0.85 -5.62 -14.01
C THR A 681 0.05 -4.83 -13.06
N GLN A 682 0.30 -5.32 -11.85
CA GLN A 682 1.12 -4.61 -10.90
C GLN A 682 1.73 -5.61 -9.93
N THR A 683 2.75 -5.17 -9.21
CA THR A 683 3.41 -5.97 -8.19
C THR A 683 2.94 -5.53 -6.80
N LYS A 684 2.61 -6.50 -5.97
CA LYS A 684 2.05 -6.24 -4.65
C LYS A 684 3.13 -6.33 -3.58
N ARG A 685 3.12 -5.37 -2.65
CA ARG A 685 4.16 -5.26 -1.64
C ARG A 685 3.83 -6.03 -0.37
N SER A 686 2.57 -6.04 0.04
CA SER A 686 2.15 -6.73 1.25
C SER A 686 1.76 -8.17 0.89
N THR A 687 2.77 -9.02 0.85
CA THR A 687 2.60 -10.42 0.45
C THR A 687 3.15 -11.34 1.54
N PHE A 688 3.10 -12.64 1.28
CA PHE A 688 3.70 -13.66 2.12
C PHE A 688 4.79 -14.40 1.36
N ASP A 689 5.58 -13.65 0.59
CA ASP A 689 6.57 -14.26 -0.30
C ASP A 689 7.64 -15.03 0.46
N ASN A 690 8.11 -14.47 1.57
CA ASN A 690 9.10 -15.13 2.41
C ASN A 690 8.87 -14.72 3.86
N PHE A 691 9.74 -15.20 4.75
CA PHE A 691 9.52 -15.00 6.18
C PHE A 691 9.56 -13.53 6.59
N PRO A 692 10.53 -12.70 6.17
CA PRO A 692 10.47 -11.28 6.56
C PRO A 692 9.22 -10.57 6.04
N GLN A 693 8.82 -10.84 4.80
CA GLN A 693 7.63 -10.21 4.27
C GLN A 693 6.37 -10.73 4.95
N ALA A 694 6.35 -12.01 5.31
CA ALA A 694 5.22 -12.54 6.06
C ALA A 694 5.12 -11.88 7.43
N LEU A 695 6.25 -11.69 8.11
CA LEU A 695 6.25 -11.01 9.40
C LEU A 695 5.75 -9.58 9.26
N LEU A 696 6.22 -8.87 8.23
CA LEU A 696 5.78 -7.50 8.02
C LEU A 696 4.28 -7.43 7.75
N THR A 697 3.76 -8.34 6.92
CA THR A 697 2.34 -8.33 6.61
C THR A 697 1.50 -8.67 7.84
N VAL A 698 1.95 -9.63 8.66
CA VAL A 698 1.20 -9.97 9.86
C VAL A 698 1.20 -8.80 10.85
N PHE A 699 2.33 -8.12 10.98
CA PHE A 699 2.38 -6.93 11.83
C PHE A 699 1.43 -5.85 11.32
N GLN A 700 1.41 -5.63 10.00
CA GLN A 700 0.50 -4.63 9.43
C GLN A 700 -0.96 -5.01 9.66
N ILE A 701 -1.27 -6.30 9.58
CA ILE A 701 -2.64 -6.74 9.86
C ILE A 701 -2.99 -6.49 11.32
N LEU A 702 -2.05 -6.74 12.23
CA LEU A 702 -2.33 -6.46 13.64
C LEU A 702 -2.59 -4.98 13.87
N THR A 703 -1.77 -4.10 13.29
CA THR A 703 -2.02 -2.68 13.46
C THR A 703 -3.36 -2.24 12.86
N GLY A 704 -3.96 -3.06 12.00
CA GLY A 704 -5.26 -2.77 11.45
C GLY A 704 -5.25 -1.92 10.20
N GLU A 705 -4.09 -1.41 9.79
CA GLU A 705 -4.04 -0.54 8.63
C GLU A 705 -4.07 -1.38 7.35
N ASP A 706 -5.15 -1.22 6.59
CA ASP A 706 -5.31 -1.88 5.29
C ASP A 706 -5.29 -3.40 5.41
N TRP A 707 -5.81 -3.94 6.52
CA TRP A 707 -5.94 -5.39 6.63
C TRP A 707 -6.98 -5.93 5.65
N ASN A 708 -8.00 -5.12 5.34
CA ASN A 708 -9.01 -5.55 4.39
C ASN A 708 -8.45 -5.69 2.98
N ALA A 709 -7.47 -4.88 2.61
CA ALA A 709 -6.85 -5.02 1.31
C ALA A 709 -6.12 -6.35 1.17
N VAL A 710 -5.38 -6.74 2.20
CA VAL A 710 -4.71 -8.04 2.19
C VAL A 710 -5.74 -9.15 2.23
N MET A 711 -6.85 -8.97 2.95
CA MET A 711 -7.91 -9.98 2.93
C MET A 711 -8.49 -10.15 1.54
N TYR A 712 -8.72 -9.04 0.83
CA TYR A 712 -9.22 -9.13 -0.54
C TYR A 712 -8.20 -9.83 -1.43
N ASP A 713 -6.92 -9.52 -1.25
CA ASP A 713 -5.88 -10.18 -2.05
C ASP A 713 -5.88 -11.68 -1.81
N GLY A 714 -5.98 -12.10 -0.56
CA GLY A 714 -6.02 -13.51 -0.24
C GLY A 714 -7.26 -14.21 -0.74
N ILE A 715 -8.40 -13.50 -0.73
CA ILE A 715 -9.64 -14.08 -1.25
C ILE A 715 -9.58 -14.25 -2.76
N MET A 716 -9.09 -13.22 -3.46
CA MET A 716 -8.96 -13.32 -4.91
C MET A 716 -7.84 -14.27 -5.32
N ALA A 717 -6.92 -14.59 -4.42
CA ALA A 717 -5.91 -15.61 -4.70
C ALA A 717 -6.51 -17.01 -4.76
N TYR A 718 -7.73 -17.20 -4.27
CA TYR A 718 -8.38 -18.51 -4.26
C TYR A 718 -9.58 -18.54 -5.20
N GLY A 719 -9.59 -17.67 -6.21
CA GLY A 719 -10.65 -17.67 -7.20
C GLY A 719 -11.53 -16.45 -7.19
N GLY A 720 -11.87 -15.95 -6.00
CA GLY A 720 -12.68 -14.76 -5.88
C GLY A 720 -13.90 -14.97 -5.01
N PRO A 721 -14.85 -14.02 -5.09
CA PRO A 721 -16.09 -14.04 -4.32
C PRO A 721 -16.94 -15.28 -4.59
N SER A 722 -16.78 -15.88 -5.77
CA SER A 722 -17.55 -17.07 -6.11
C SER A 722 -16.94 -18.32 -5.47
N SER A 723 -17.70 -19.41 -5.48
CA SER A 723 -17.27 -20.68 -4.90
C SER A 723 -16.78 -20.60 -3.44
N SER A 724 -15.81 -21.46 -3.12
CA SER A 724 -15.26 -21.52 -1.77
C SER A 724 -13.99 -20.72 -1.61
N GLY A 725 -13.89 -19.62 -2.35
CA GLY A 725 -12.73 -18.77 -2.27
C GLY A 725 -12.85 -17.78 -1.13
N MET A 726 -14.08 -17.63 -0.63
CA MET A 726 -14.36 -16.70 0.46
C MET A 726 -14.31 -17.40 1.81
N ILE A 727 -13.88 -18.65 1.83
CA ILE A 727 -13.79 -19.39 3.07
C ILE A 727 -12.42 -19.23 3.71
N VAL A 728 -11.52 -18.55 3.01
CA VAL A 728 -10.18 -18.32 3.52
C VAL A 728 -10.04 -16.91 4.08
N CYS A 729 -11.18 -16.32 4.40
CA CYS A 729 -11.21 -15.00 4.99
C CYS A 729 -11.38 -15.10 6.50
N ILE A 730 -11.26 -16.32 7.03
CA ILE A 730 -11.37 -16.56 8.46
C ILE A 730 -9.96 -16.49 9.02
N TYR A 731 -8.98 -16.52 8.12
CA TYR A 731 -7.58 -16.37 8.54
C TYR A 731 -7.31 -14.95 9.01
N PHE A 732 -7.83 -13.96 8.30
CA PHE A 732 -7.61 -12.56 8.65
C PHE A 732 -8.52 -12.08 9.77
N ILE A 733 -9.59 -12.82 10.09
CA ILE A 733 -10.43 -12.46 11.21
C ILE A 733 -9.85 -12.97 12.52
N ILE A 734 -9.39 -14.22 12.54
CA ILE A 734 -8.76 -14.78 13.73
C ILE A 734 -7.47 -14.03 14.04
N LEU A 735 -6.66 -13.75 13.01
CA LEU A 735 -5.41 -13.04 13.22
C LEU A 735 -5.65 -11.63 13.76
N PHE A 736 -6.77 -11.01 13.38
CA PHE A 736 -7.07 -9.66 13.85
C PHE A 736 -7.71 -9.70 15.23
N ILE A 737 -8.73 -10.53 15.41
CA ILE A 737 -9.45 -10.57 16.68
C ILE A 737 -8.57 -11.16 17.79
N CYS A 738 -7.93 -12.28 17.52
CA CYS A 738 -7.12 -12.95 18.54
C CYS A 738 -5.73 -12.36 18.68
N GLY A 739 -5.29 -11.58 17.70
CA GLY A 739 -3.97 -10.99 17.76
C GLY A 739 -4.05 -9.66 18.49
N ASN A 740 -5.17 -8.98 18.33
CA ASN A 740 -5.40 -7.70 18.97
C ASN A 740 -5.73 -7.91 20.44
N TYR A 741 -6.36 -9.05 20.74
CA TYR A 741 -6.71 -9.38 22.11
C TYR A 741 -5.44 -9.59 22.93
N ILE A 742 -4.54 -10.40 22.39
CA ILE A 742 -3.27 -10.69 23.07
C ILE A 742 -2.50 -9.40 23.31
N LEU A 743 -2.50 -8.49 22.33
CA LEU A 743 -1.78 -7.23 22.48
C LEU A 743 -2.33 -6.39 23.62
N LEU A 744 -3.64 -6.46 23.87
CA LEU A 744 -4.20 -5.76 25.02
C LEU A 744 -3.63 -6.30 26.32
N ASN A 745 -3.61 -7.63 26.47
CA ASN A 745 -3.09 -8.24 27.68
C ASN A 745 -1.59 -8.03 27.84
N VAL A 746 -0.88 -7.72 26.76
CA VAL A 746 0.53 -7.40 26.87
C VAL A 746 0.74 -5.93 27.22
N PHE A 747 -0.09 -5.03 26.69
CA PHE A 747 0.07 -3.60 26.92
C PHE A 747 -0.71 -3.09 28.11
N LEU A 748 -1.83 -3.72 28.48
CA LEU A 748 -2.53 -3.32 29.69
C LEU A 748 -1.83 -3.81 30.94
N ALA A 749 -1.29 -5.03 30.91
CA ALA A 749 -0.59 -5.57 32.06
C ALA A 749 0.77 -4.93 32.29
N ILE A 750 1.34 -4.29 31.27
CA ILE A 750 2.64 -3.62 31.41
C ILE A 750 2.47 -2.17 31.85
N ALA A 751 1.24 -1.71 32.00
CA ALA A 751 0.97 -0.36 32.48
C ALA A 751 0.10 -0.33 33.72
N VAL A 752 -0.88 -1.24 33.83
CA VAL A 752 -1.74 -1.26 35.01
C VAL A 752 -0.93 -1.57 36.25
N ASP A 753 -0.09 -2.60 36.19
CA ASP A 753 0.72 -3.02 37.31
C ASP A 753 2.15 -2.50 37.25
N ASN A 754 2.45 -1.59 36.32
CA ASN A 754 3.76 -0.97 36.25
C ASN A 754 3.75 0.55 36.27
N LEU A 755 2.56 1.12 36.04
CA LEU A 755 2.34 2.55 36.08
C LEU A 755 1.71 2.89 37.43
N ALA A 756 1.04 1.90 38.04
CA ALA A 756 0.43 2.05 39.34
C ALA A 756 1.47 1.76 40.43
N ASP A 757 2.59 1.15 40.01
CA ASP A 757 3.69 0.84 40.92
C ASP A 757 4.59 2.07 41.06
N ALA A 758 4.45 3.01 40.13
CA ALA A 758 5.20 4.26 40.14
C ALA A 758 4.38 5.36 40.83
N GLU A 759 3.20 4.99 41.34
CA GLU A 759 2.33 5.90 42.05
C GLU A 759 2.65 5.79 43.54
N SER A 760 2.85 4.55 43.98
CA SER A 760 3.19 4.29 45.38
C SER A 760 4.69 4.51 45.57
N LEU A 761 5.43 4.42 44.47
CA LEU A 761 6.87 4.62 44.49
C LEU A 761 7.19 6.03 44.97
N ASN A 762 6.45 7.00 44.46
CA ASN A 762 6.63 8.39 44.84
C ASN A 762 5.81 8.74 46.07
N THR A 763 4.93 7.83 46.48
CA THR A 763 4.11 8.05 47.65
C THR A 763 5.00 8.03 48.89
N ALA A 764 5.97 7.13 48.88
CA ALA A 764 6.92 7.00 49.99
C ALA A 764 8.04 8.03 49.85
N GLN A 765 8.19 8.57 48.65
CA GLN A 765 9.20 9.59 48.38
C GLN A 765 8.63 10.96 48.77
N LYS A 766 7.31 11.05 48.80
CA LYS A 766 6.63 12.28 49.18
C LYS A 766 6.42 12.32 50.69
N GLU A 767 6.55 11.16 51.32
CA GLU A 767 6.38 11.05 52.77
C GLU A 767 7.63 11.58 53.44
N GLU A 768 8.76 11.43 52.76
CA GLU A 768 10.05 11.90 53.27
C GLU A 768 10.26 13.37 52.91
N ALA A 769 9.43 13.87 52.01
CA ALA A 769 9.50 15.27 51.57
C ALA A 769 8.53 16.13 52.37
N GLU A 770 7.85 15.52 53.34
CA GLU A 770 6.90 16.23 54.18
C GLU A 770 7.17 16.00 55.66
N GLU A 771 7.19 14.74 56.07
CA GLU A 771 7.42 14.41 57.47
C GLU A 771 8.77 14.96 57.96
N LYS A 772 9.85 14.50 57.35
CA LYS A 772 11.19 14.97 57.73
C LYS A 772 12.00 15.33 56.48
N ILE A 875 -29.14 55.57 40.45
CA ILE A 875 -29.15 54.27 41.10
C ILE A 875 -28.81 53.18 40.08
N ARG A 876 -28.34 52.04 40.57
CA ARG A 876 -27.96 50.91 39.73
C ARG A 876 -28.56 49.62 40.28
N VAL A 877 -29.81 49.69 40.75
CA VAL A 877 -30.48 48.54 41.33
C VAL A 877 -31.65 48.06 40.45
N GLY A 878 -32.26 48.93 39.66
CA GLY A 878 -33.39 48.55 38.84
C GLY A 878 -33.04 47.71 37.63
N CYS A 879 -31.75 47.47 37.38
CA CYS A 879 -31.31 46.65 36.27
C CYS A 879 -30.88 45.25 36.69
N HIS A 880 -30.47 45.08 37.95
CA HIS A 880 -29.99 43.78 38.40
C HIS A 880 -31.09 42.73 38.38
N LYS A 881 -32.30 43.11 38.79
CA LYS A 881 -33.41 42.15 38.79
C LYS A 881 -33.72 41.68 37.37
N LEU A 882 -33.71 42.60 36.40
CA LEU A 882 -33.93 42.21 35.02
C LEU A 882 -32.79 41.33 34.50
N ILE A 883 -31.55 41.64 34.91
CA ILE A 883 -30.41 40.85 34.45
C ILE A 883 -30.52 39.41 34.96
N ASN A 884 -30.77 39.24 36.24
CA ASN A 884 -30.74 37.92 36.87
C ASN A 884 -32.10 37.23 36.88
N HIS A 885 -33.10 37.80 36.21
CA HIS A 885 -34.41 37.17 36.18
C HIS A 885 -34.37 35.84 35.44
N HIS A 886 -35.26 34.93 35.86
CA HIS A 886 -35.33 33.62 35.22
C HIS A 886 -35.73 33.74 33.75
N ILE A 887 -36.58 34.71 33.43
CA ILE A 887 -37.02 34.89 32.04
C ILE A 887 -35.88 35.36 31.15
N PHE A 888 -34.97 36.20 31.64
CA PHE A 888 -33.93 36.80 30.82
C PHE A 888 -32.68 35.92 30.72
N THR A 889 -32.64 34.81 31.44
CA THR A 889 -31.55 33.86 31.32
C THR A 889 -31.87 32.68 30.41
N ASN A 890 -33.07 32.63 29.84
CA ASN A 890 -33.45 31.57 28.90
C ASN A 890 -33.91 32.11 27.56
N LEU A 891 -33.97 33.44 27.40
CA LEU A 891 -34.22 34.03 26.10
C LEU A 891 -32.94 34.26 25.30
N ILE A 892 -31.90 34.81 25.93
CA ILE A 892 -30.63 35.00 25.24
C ILE A 892 -29.94 33.68 24.93
N LEU A 893 -30.17 32.65 25.74
CA LEU A 893 -29.56 31.35 25.50
C LEU A 893 -30.12 30.67 24.25
N VAL A 894 -31.29 31.12 23.77
CA VAL A 894 -31.78 30.61 22.50
C VAL A 894 -31.47 31.57 21.35
N PHE A 895 -31.33 32.87 21.62
CA PHE A 895 -30.81 33.77 20.58
C PHE A 895 -29.41 33.35 20.14
N ILE A 896 -28.57 32.93 21.09
CA ILE A 896 -27.22 32.52 20.73
C ILE A 896 -27.24 31.24 19.90
N MET A 897 -28.13 30.29 20.23
CA MET A 897 -28.31 29.11 19.39
C MET A 897 -28.76 29.47 17.98
N LEU A 898 -29.74 30.38 17.84
CA LEU A 898 -30.16 30.80 16.52
C LEU A 898 -29.04 31.50 15.76
N SER A 899 -28.24 32.31 16.45
CA SER A 899 -27.12 32.97 15.80
C SER A 899 -26.10 31.96 15.29
N SER A 900 -25.77 30.97 16.11
CA SER A 900 -24.84 29.93 15.69
C SER A 900 -25.39 29.13 14.52
N ALA A 901 -26.68 28.81 14.55
CA ALA A 901 -27.30 28.08 13.45
C ALA A 901 -27.27 28.90 12.16
N ALA A 902 -27.53 30.21 12.27
CA ALA A 902 -27.47 31.07 11.09
C ALA A 902 -26.06 31.15 10.55
N LEU A 903 -25.07 31.18 11.44
CA LEU A 903 -23.67 31.14 10.99
C LEU A 903 -23.37 29.83 10.27
N ALA A 904 -23.88 28.72 10.78
CA ALA A 904 -23.63 27.41 10.19
C ALA A 904 -24.33 27.21 8.84
N ALA A 905 -25.30 28.05 8.50
CA ALA A 905 -26.02 27.94 7.25
C ALA A 905 -25.44 28.82 6.14
N GLU A 906 -24.32 29.49 6.40
CA GLU A 906 -23.71 30.34 5.39
C GLU A 906 -23.23 29.52 4.20
N ASP A 907 -23.33 30.11 3.01
CA ASP A 907 -22.89 29.45 1.79
C ASP A 907 -21.46 29.84 1.49
N PRO A 908 -20.51 28.90 1.47
CA PRO A 908 -19.10 29.28 1.28
C PRO A 908 -18.78 29.69 -0.15
N ILE A 909 -19.37 29.06 -1.15
CA ILE A 909 -19.04 29.33 -2.55
C ILE A 909 -19.70 30.62 -3.01
N ARG A 910 -21.03 30.63 -3.01
CA ARG A 910 -21.81 31.71 -3.61
C ARG A 910 -21.89 32.87 -2.63
N SER A 911 -20.97 33.82 -2.77
CA SER A 911 -20.99 35.00 -1.92
C SER A 911 -22.14 35.94 -2.30
N HIS A 912 -22.34 36.15 -3.59
CA HIS A 912 -23.44 37.01 -4.07
C HIS A 912 -24.62 36.12 -4.49
N SER A 913 -25.31 35.60 -3.47
CA SER A 913 -26.42 34.69 -3.68
C SER A 913 -27.62 35.13 -2.84
N PHE A 914 -28.79 34.63 -3.22
CA PHE A 914 -30.02 35.03 -2.55
C PHE A 914 -30.02 34.56 -1.09
N ARG A 915 -29.54 33.35 -0.84
CA ARG A 915 -29.48 32.85 0.53
C ARG A 915 -28.49 33.63 1.39
N ASN A 916 -27.33 33.98 0.82
CA ASN A 916 -26.29 34.63 1.60
C ASN A 916 -26.74 35.99 2.09
N THR A 917 -27.46 36.74 1.25
CA THR A 917 -27.93 38.07 1.64
C THR A 917 -28.92 37.99 2.81
N ILE A 918 -29.80 37.00 2.79
CA ILE A 918 -30.80 36.86 3.84
C ILE A 918 -30.13 36.63 5.19
N LEU A 919 -29.14 35.73 5.22
CA LEU A 919 -28.44 35.44 6.47
C LEU A 919 -27.66 36.63 6.98
N GLY A 920 -27.31 37.58 6.11
CA GLY A 920 -26.66 38.79 6.57
C GLY A 920 -27.57 39.65 7.43
N TYR A 921 -28.86 39.69 7.10
CA TYR A 921 -29.81 40.49 7.87
C TYR A 921 -30.05 39.90 9.24
N PHE A 922 -29.96 38.58 9.39
CA PHE A 922 -30.09 37.96 10.70
C PHE A 922 -28.93 38.34 11.62
N ASP A 923 -27.74 38.55 11.06
CA ASP A 923 -26.62 38.99 11.89
C ASP A 923 -26.86 40.38 12.46
N TYR A 924 -27.50 41.26 11.69
CA TYR A 924 -27.83 42.59 12.21
C TYR A 924 -28.75 42.51 13.41
N ALA A 925 -29.76 41.64 13.34
CA ALA A 925 -30.73 41.55 14.43
C ALA A 925 -30.09 40.98 15.69
N PHE A 926 -29.33 39.89 15.55
CA PHE A 926 -28.74 39.25 16.72
C PHE A 926 -27.69 40.13 17.38
N THR A 927 -26.86 40.80 16.58
CA THR A 927 -25.86 41.70 17.15
C THR A 927 -26.49 42.89 17.83
N ALA A 928 -27.64 43.38 17.32
CA ALA A 928 -28.36 44.43 18.00
C ALA A 928 -28.87 43.96 19.36
N ILE A 929 -29.36 42.73 19.44
CA ILE A 929 -29.81 42.17 20.70
C ILE A 929 -28.63 42.00 21.66
N PHE A 930 -27.50 41.54 21.14
CA PHE A 930 -26.32 41.37 22.00
C PHE A 930 -25.80 42.71 22.50
N THR A 931 -25.77 43.73 21.65
CA THR A 931 -25.17 45.00 22.04
C THR A 931 -26.07 45.78 23.00
N VAL A 932 -27.39 45.55 22.96
CA VAL A 932 -28.30 46.23 23.88
C VAL A 932 -28.35 45.55 25.24
N GLU A 933 -27.88 44.31 25.34
CA GLU A 933 -27.83 43.58 26.59
C GLU A 933 -26.47 43.67 27.29
N ILE A 934 -25.38 43.77 26.52
CA ILE A 934 -24.06 43.78 27.12
C ILE A 934 -23.84 45.06 27.92
N LEU A 935 -24.38 46.18 27.45
CA LEU A 935 -24.28 47.43 28.21
C LEU A 935 -25.08 47.36 29.50
N LEU A 936 -26.13 46.54 29.54
CA LEU A 936 -26.88 46.36 30.77
C LEU A 936 -26.05 45.65 31.83
N LYS A 937 -25.20 44.71 31.42
CA LYS A 937 -24.40 43.95 32.38
C LYS A 937 -23.47 44.85 33.18
N MET A 938 -22.75 45.75 32.49
CA MET A 938 -21.81 46.62 33.16
C MET A 938 -22.48 47.71 33.97
N THR A 939 -23.80 47.91 33.80
CA THR A 939 -24.52 48.87 34.64
C THR A 939 -24.49 48.45 36.10
N THR A 940 -24.65 47.16 36.38
CA THR A 940 -24.63 46.63 37.73
C THR A 940 -23.22 46.34 38.23
N PHE A 941 -22.21 46.93 37.61
CA PHE A 941 -20.82 46.77 38.01
C PHE A 941 -20.16 48.14 38.09
N GLY A 942 -19.22 48.29 39.02
CA GLY A 942 -18.50 49.53 39.19
C GLY A 942 -17.60 49.55 40.40
N ASN A 953 -17.01 38.10 35.22
CA ASN A 953 -15.90 38.76 35.90
C ASN A 953 -14.65 38.80 35.03
N TYR A 954 -14.29 37.65 34.44
CA TYR A 954 -13.14 37.59 33.53
C TYR A 954 -13.57 36.96 32.22
N PHE A 955 -14.49 35.99 32.29
CA PHE A 955 -15.04 35.37 31.08
C PHE A 955 -15.93 36.32 30.30
N ASN A 956 -16.37 37.43 30.91
CA ASN A 956 -17.19 38.40 30.21
C ASN A 956 -16.40 39.13 29.13
N LEU A 957 -15.08 39.11 29.18
CA LEU A 957 -14.28 39.79 28.16
C LEU A 957 -14.55 39.21 26.78
N LEU A 958 -14.77 37.90 26.71
CA LEU A 958 -15.11 37.28 25.43
C LEU A 958 -16.45 37.78 24.91
N ASP A 959 -17.32 38.27 25.80
CA ASP A 959 -18.63 38.75 25.37
C ASP A 959 -18.52 39.99 24.50
N MET A 960 -17.64 40.94 24.87
CA MET A 960 -17.43 42.08 23.99
C MET A 960 -16.48 41.75 22.86
N LEU A 961 -15.75 40.63 22.96
CA LEU A 961 -14.87 40.22 21.89
C LEU A 961 -15.64 39.90 20.62
N VAL A 962 -16.74 39.16 20.75
CA VAL A 962 -17.51 38.75 19.58
C VAL A 962 -18.23 39.94 18.96
N VAL A 963 -18.83 40.80 19.78
CA VAL A 963 -19.58 41.93 19.24
C VAL A 963 -18.64 42.92 18.56
N GLY A 964 -17.44 43.10 19.11
CA GLY A 964 -16.46 43.98 18.47
C GLY A 964 -16.03 43.46 17.12
N VAL A 965 -15.94 42.14 16.96
CA VAL A 965 -15.59 41.56 15.67
C VAL A 965 -16.66 41.85 14.63
N SER A 966 -17.94 41.72 15.02
CA SER A 966 -19.03 41.84 14.06
C SER A 966 -19.16 43.27 13.54
N LEU A 967 -19.17 44.25 14.43
CA LEU A 967 -19.30 45.63 14.00
C LEU A 967 -18.10 46.08 13.16
N VAL A 968 -16.90 45.67 13.55
CA VAL A 968 -15.71 45.97 12.75
C VAL A 968 -15.81 45.27 11.39
N SER A 969 -16.37 44.05 11.37
CA SER A 969 -16.59 43.36 10.11
C SER A 969 -17.53 44.13 9.19
N PHE A 970 -18.39 44.98 9.76
CA PHE A 970 -19.29 45.81 8.96
C PHE A 970 -18.56 47.02 8.40
N VAL A 979 -7.57 42.73 7.16
CA VAL A 979 -7.95 41.52 6.44
C VAL A 979 -9.41 41.17 6.72
N VAL A 980 -10.23 41.19 5.66
CA VAL A 980 -11.64 40.83 5.82
C VAL A 980 -11.81 39.34 6.04
N LYS A 981 -10.82 38.52 5.66
CA LYS A 981 -10.91 37.08 5.81
C LYS A 981 -10.61 36.62 7.24
N ILE A 982 -10.10 37.50 8.09
CA ILE A 982 -9.84 37.13 9.48
C ILE A 982 -11.03 37.44 10.38
N LEU A 983 -11.69 38.59 10.16
CA LEU A 983 -12.87 38.92 10.94
C LEU A 983 -13.99 37.91 10.71
N ARG A 984 -14.08 37.35 9.50
CA ARG A 984 -15.11 36.37 9.19
C ARG A 984 -14.82 35.01 9.82
N VAL A 985 -13.56 34.65 10.01
CA VAL A 985 -13.23 33.36 10.62
C VAL A 985 -13.16 33.45 12.14
N LEU A 986 -12.89 34.63 12.70
CA LEU A 986 -12.76 34.78 14.13
C LEU A 986 -14.13 34.95 14.81
N ARG A 987 -15.19 35.16 14.03
CA ARG A 987 -16.52 35.36 14.57
C ARG A 987 -17.25 34.05 14.82
N VAL A 988 -16.52 32.93 14.87
CA VAL A 988 -17.12 31.63 15.10
C VAL A 988 -17.30 31.34 16.59
N LEU A 989 -16.74 32.18 17.45
CA LEU A 989 -16.76 31.94 18.89
C LEU A 989 -18.08 32.36 19.51
N ARG A 990 -19.19 31.95 18.90
CA ARG A 990 -20.52 32.14 19.46
C ARG A 990 -20.86 31.09 20.50
N PRO A 991 -20.67 29.79 20.23
CA PRO A 991 -20.95 28.79 21.28
C PRO A 991 -19.92 28.76 22.39
N LEU A 992 -18.79 29.47 22.25
CA LEU A 992 -17.77 29.45 23.27
C LEU A 992 -18.20 30.21 24.52
N ARG A 993 -19.04 31.23 24.39
CA ARG A 993 -19.53 31.97 25.55
C ARG A 993 -20.79 31.38 26.15
N ALA A 994 -21.38 30.36 25.52
CA ALA A 994 -22.49 29.65 26.14
C ALA A 994 -22.06 28.79 27.32
N ILE A 995 -20.75 28.59 27.49
CA ILE A 995 -20.25 27.84 28.64
C ILE A 995 -20.54 28.58 29.94
N ASN A 996 -20.33 29.89 29.94
CA ASN A 996 -20.50 30.67 31.17
C ASN A 996 -21.93 30.63 31.67
N ARG A 997 -22.90 30.73 30.75
CA ARG A 997 -24.30 30.72 31.14
C ARG A 997 -24.79 29.34 31.59
N ALA A 998 -24.01 28.29 31.33
CA ALA A 998 -24.38 26.94 31.72
C ALA A 998 -23.66 26.52 32.99
N LYS A 999 -24.33 25.70 33.80
CA LYS A 999 -23.79 25.30 35.09
C LYS A 999 -22.79 24.17 34.95
N GLY A 1000 -23.23 23.03 34.42
CA GLY A 1000 -22.36 21.87 34.30
C GLY A 1000 -21.31 21.99 33.22
N LEU A 1001 -21.54 22.84 32.22
CA LEU A 1001 -20.57 22.99 31.14
C LEU A 1001 -19.25 23.56 31.65
N LYS A 1002 -19.32 24.58 32.51
CA LYS A 1002 -18.11 25.15 33.08
C LYS A 1002 -17.38 24.13 33.95
N HIS A 1003 -18.13 23.34 34.72
CA HIS A 1003 -17.51 22.31 35.55
C HIS A 1003 -16.80 21.27 34.68
N VAL A 1004 -17.42 20.87 33.57
CA VAL A 1004 -16.79 19.91 32.68
C VAL A 1004 -15.54 20.50 32.04
N VAL A 1005 -15.59 21.78 31.66
CA VAL A 1005 -14.41 22.44 31.08
C VAL A 1005 -13.28 22.49 32.10
N GLN A 1006 -13.60 22.82 33.35
CA GLN A 1006 -12.57 22.84 34.39
C GLN A 1006 -12.01 21.45 34.65
N CYS A 1007 -12.86 20.42 34.61
CA CYS A 1007 -12.38 19.05 34.75
C CYS A 1007 -11.46 18.68 33.60
N VAL A 1008 -11.75 19.16 32.40
CA VAL A 1008 -10.88 18.93 31.25
C VAL A 1008 -9.52 19.60 31.47
N PHE A 1009 -9.55 20.85 31.96
CA PHE A 1009 -8.29 21.57 32.22
C PHE A 1009 -7.50 20.96 33.36
N VAL A 1010 -8.16 20.25 34.28
CA VAL A 1010 -7.44 19.54 35.33
C VAL A 1010 -6.88 18.23 34.81
N ALA A 1011 -7.70 17.56 33.99
CA ALA A 1011 -7.33 16.29 33.39
C ALA A 1011 -6.09 16.49 32.56
N ILE A 1012 -6.10 17.50 31.69
CA ILE A 1012 -4.96 17.81 30.82
C ILE A 1012 -3.56 17.84 31.48
N ARG A 1013 -3.46 18.35 32.70
CA ARG A 1013 -2.19 18.40 33.42
C ARG A 1013 -1.72 17.04 33.95
N THR A 1014 -2.59 16.04 33.97
CA THR A 1014 -2.19 14.71 34.45
C THR A 1014 -1.01 14.19 33.62
N ILE A 1015 -1.09 14.32 32.30
CA ILE A 1015 0.02 13.86 31.47
C ILE A 1015 1.01 14.97 31.16
N GLY A 1016 1.58 15.56 32.20
CA GLY A 1016 2.52 16.63 32.03
C GLY A 1016 3.91 16.08 31.78
N ASN A 1017 4.13 14.85 32.22
CA ASN A 1017 5.42 14.20 32.07
C ASN A 1017 5.51 13.33 30.82
N ILE A 1018 4.56 12.41 30.68
CA ILE A 1018 4.56 11.52 29.52
C ILE A 1018 4.55 12.32 28.23
N MET A 1019 3.59 13.23 28.11
CA MET A 1019 3.46 14.05 26.91
C MET A 1019 4.75 14.79 26.56
N ILE A 1020 5.71 14.86 27.49
CA ILE A 1020 7.01 15.45 27.20
C ILE A 1020 8.00 14.41 26.72
N VAL A 1021 8.04 13.25 27.38
CA VAL A 1021 8.97 12.21 26.98
C VAL A 1021 8.59 11.65 25.61
N THR A 1022 7.30 11.57 25.29
CA THR A 1022 6.91 11.08 23.97
C THR A 1022 7.30 12.09 22.89
N THR A 1023 7.20 13.39 23.18
CA THR A 1023 7.66 14.40 22.23
C THR A 1023 9.16 14.32 22.03
N LEU A 1024 9.90 14.10 23.12
CA LEU A 1024 11.35 13.97 23.02
C LEU A 1024 11.73 12.76 22.19
N LEU A 1025 11.05 11.63 22.40
CA LEU A 1025 11.35 10.43 21.63
C LEU A 1025 10.97 10.62 20.16
N GLN A 1026 9.87 11.31 19.89
CA GLN A 1026 9.50 11.60 18.51
C GLN A 1026 10.55 12.47 17.84
N PHE A 1027 11.09 13.45 18.57
CA PHE A 1027 12.14 14.30 18.00
C PHE A 1027 13.41 13.51 17.72
N MET A 1028 13.81 12.63 18.64
CA MET A 1028 15.00 11.82 18.42
C MET A 1028 14.82 10.89 17.22
N PHE A 1029 13.65 10.26 17.11
CA PHE A 1029 13.39 9.40 15.97
C PHE A 1029 13.31 10.20 14.67
N ALA A 1030 12.81 11.43 14.73
CA ALA A 1030 12.80 12.28 13.55
C ALA A 1030 14.22 12.59 13.09
N CYS A 1031 15.11 12.88 14.03
CA CYS A 1031 16.50 13.15 13.67
C CYS A 1031 17.16 11.90 13.09
N ILE A 1032 16.90 10.74 13.68
CA ILE A 1032 17.46 9.49 13.15
C ILE A 1032 16.93 9.22 11.75
N GLY A 1033 15.63 9.44 11.53
CA GLY A 1033 15.07 9.27 10.20
C GLY A 1033 15.61 10.26 9.19
N VAL A 1034 15.91 11.49 9.63
CA VAL A 1034 16.56 12.45 8.75
C VAL A 1034 17.93 11.93 8.34
N GLN A 1035 18.68 11.40 9.29
CA GLN A 1035 19.98 10.82 8.97
C GLN A 1035 19.86 9.64 8.00
N LEU A 1036 18.81 8.83 8.17
CA LEU A 1036 18.70 7.60 7.41
C LEU A 1036 18.16 7.82 6.00
N PHE A 1037 17.11 8.62 5.85
CA PHE A 1037 16.40 8.78 4.58
C PHE A 1037 16.45 10.23 4.09
N LYS A 1038 17.60 10.88 4.16
CA LYS A 1038 17.72 12.26 3.71
C LYS A 1038 17.77 12.27 2.19
N GLY A 1039 16.69 12.71 1.56
CA GLY A 1039 16.66 12.88 0.12
C GLY A 1039 16.55 11.59 -0.68
N LYS A 1040 16.32 10.46 -0.03
CA LYS A 1040 16.29 9.18 -0.71
C LYS A 1040 14.90 8.80 -1.24
N PHE A 1041 13.89 9.65 -1.04
CA PHE A 1041 12.53 9.33 -1.42
C PHE A 1041 12.12 9.88 -2.77
N TYR A 1042 13.04 10.50 -3.51
CA TYR A 1042 12.71 11.00 -4.83
C TYR A 1042 12.47 9.87 -5.81
N ARG A 1043 11.70 10.15 -6.85
CA ARG A 1043 11.49 9.21 -7.94
C ARG A 1043 10.98 9.98 -9.15
N CYS A 1044 11.14 9.37 -10.32
CA CYS A 1044 10.72 9.96 -11.58
C CYS A 1044 9.32 9.47 -11.95
N THR A 1045 8.69 10.20 -12.88
CA THR A 1045 7.32 9.89 -13.27
C THR A 1045 7.23 8.51 -13.92
N ASP A 1046 8.21 8.16 -14.75
CA ASP A 1046 8.27 6.82 -15.34
C ASP A 1046 9.30 6.00 -14.58
N GLU A 1047 8.94 4.75 -14.27
CA GLU A 1047 9.81 3.92 -13.45
C GLU A 1047 10.91 3.28 -14.28
N ALA A 1048 11.64 4.11 -15.03
CA ALA A 1048 12.76 3.64 -15.82
C ALA A 1048 13.99 4.53 -15.72
N LYS A 1049 13.88 5.75 -15.19
CA LYS A 1049 15.01 6.66 -15.05
C LYS A 1049 15.32 6.83 -13.57
N SER A 1050 16.58 6.59 -13.21
CA SER A 1050 17.00 6.66 -11.81
C SER A 1050 17.57 8.03 -11.45
N ASN A 1051 18.41 8.59 -12.31
CA ASN A 1051 19.02 9.87 -12.01
C ASN A 1051 18.04 11.00 -12.30
N PRO A 1052 18.15 12.12 -11.59
CA PRO A 1052 17.38 13.32 -11.98
C PRO A 1052 17.80 13.90 -13.31
N GLU A 1053 19.01 13.58 -13.79
CA GLU A 1053 19.46 14.07 -15.09
C GLU A 1053 18.78 13.32 -16.22
N GLU A 1054 18.45 12.05 -16.01
CA GLU A 1054 17.73 11.27 -17.01
C GLU A 1054 16.23 11.50 -16.96
N CYS A 1055 15.72 12.14 -15.91
CA CYS A 1055 14.28 12.38 -15.77
C CYS A 1055 13.96 13.79 -16.28
N ARG A 1056 14.06 13.94 -17.60
CA ARG A 1056 13.76 15.20 -18.26
C ARG A 1056 13.12 14.93 -19.61
N GLY A 1057 12.16 15.76 -19.97
CA GLY A 1057 11.50 15.64 -21.27
C GLY A 1057 10.19 14.88 -21.19
N LEU A 1058 9.82 14.30 -22.31
CA LEU A 1058 8.60 13.52 -22.44
C LEU A 1058 8.93 12.03 -22.48
N PHE A 1059 7.90 11.21 -22.25
CA PHE A 1059 8.05 9.77 -22.32
C PHE A 1059 6.72 9.15 -22.71
N ILE A 1060 6.79 7.91 -23.18
CA ILE A 1060 5.61 7.18 -23.63
C ILE A 1060 5.13 6.31 -22.48
N LEU A 1061 3.89 6.54 -22.05
CA LEU A 1061 3.28 5.79 -20.96
C LEU A 1061 2.19 4.90 -21.53
N TYR A 1062 2.16 3.64 -21.09
CA TYR A 1062 1.18 2.67 -21.54
C TYR A 1062 0.11 2.52 -20.46
N LYS A 1063 -1.15 2.76 -20.84
CA LYS A 1063 -2.23 2.74 -19.88
C LYS A 1063 -2.58 1.31 -19.48
N ASP A 1064 -2.65 1.07 -18.16
CA ASP A 1064 -3.07 -0.21 -17.60
C ASP A 1064 -2.19 -1.37 -18.06
N GLY A 1065 -0.93 -1.08 -18.38
CA GLY A 1065 -0.01 -2.11 -18.79
C GLY A 1065 -0.20 -2.63 -20.20
N ASP A 1066 -1.07 -2.00 -21.00
CA ASP A 1066 -1.32 -2.43 -22.37
C ASP A 1066 -0.34 -1.75 -23.31
N VAL A 1067 0.39 -2.55 -24.08
CA VAL A 1067 1.38 -2.00 -25.02
C VAL A 1067 0.72 -1.38 -26.25
N ASP A 1068 -0.56 -1.67 -26.49
CA ASP A 1068 -1.25 -1.18 -27.68
C ASP A 1068 -1.94 0.17 -27.46
N SER A 1069 -1.92 0.71 -26.24
CA SER A 1069 -2.58 1.97 -25.92
C SER A 1069 -1.59 2.89 -25.23
N PRO A 1070 -0.71 3.54 -25.98
CA PRO A 1070 0.25 4.47 -25.38
C PRO A 1070 -0.24 5.90 -25.36
N VAL A 1071 0.27 6.65 -24.38
CA VAL A 1071 -0.04 8.07 -24.22
C VAL A 1071 1.26 8.79 -23.91
N VAL A 1072 1.38 10.02 -24.39
CA VAL A 1072 2.59 10.82 -24.18
C VAL A 1072 2.43 11.65 -22.91
N ARG A 1073 3.36 11.47 -21.98
CA ARG A 1073 3.37 12.21 -20.73
C ARG A 1073 4.78 12.74 -20.49
N GLU A 1074 4.86 13.80 -19.68
CA GLU A 1074 6.13 14.38 -19.30
C GLU A 1074 6.61 13.79 -17.98
N ARG A 1075 7.91 13.55 -17.88
CA ARG A 1075 8.49 12.97 -16.68
C ARG A 1075 9.00 14.07 -15.77
N ILE A 1076 8.63 13.99 -14.50
CA ILE A 1076 8.97 15.00 -13.50
C ILE A 1076 9.68 14.31 -12.35
N TRP A 1077 10.80 14.88 -11.90
CA TRP A 1077 11.56 14.35 -10.77
C TRP A 1077 10.88 14.80 -9.49
N GLN A 1078 9.87 14.02 -9.08
CA GLN A 1078 9.04 14.38 -7.95
C GLN A 1078 9.63 13.85 -6.65
N ASN A 1079 9.17 14.45 -5.54
CA ASN A 1079 9.56 14.06 -4.20
C ASN A 1079 8.32 13.53 -3.46
N SER A 1080 8.55 12.64 -2.52
CA SER A 1080 7.45 12.06 -1.77
C SER A 1080 6.76 13.15 -0.93
N ASP A 1081 5.44 13.00 -0.79
CA ASP A 1081 4.68 13.96 -0.01
C ASP A 1081 5.09 13.95 1.45
N PHE A 1082 5.35 12.78 2.00
CA PHE A 1082 5.82 12.62 3.38
C PHE A 1082 7.25 12.10 3.32
N ASN A 1083 8.20 13.03 3.26
CA ASN A 1083 9.61 12.71 3.12
C ASN A 1083 10.33 12.89 4.46
N PHE A 1084 11.65 12.77 4.43
CA PHE A 1084 12.51 12.95 5.60
C PHE A 1084 13.61 13.95 5.30
N ASP A 1085 13.30 14.97 4.49
CA ASP A 1085 14.34 15.90 4.05
C ASP A 1085 14.93 16.69 5.20
N ASN A 1086 14.09 17.17 6.12
CA ASN A 1086 14.55 17.93 7.28
C ASN A 1086 13.79 17.44 8.51
N VAL A 1087 14.03 18.11 9.64
CA VAL A 1087 13.48 17.65 10.91
C VAL A 1087 11.97 17.82 10.95
N LEU A 1088 11.46 18.94 10.42
CA LEU A 1088 10.01 19.17 10.45
C LEU A 1088 9.28 18.14 9.58
N SER A 1089 9.79 17.86 8.38
CA SER A 1089 9.18 16.85 7.53
C SER A 1089 9.25 15.48 8.19
N ALA A 1090 10.36 15.17 8.83
CA ALA A 1090 10.48 13.90 9.54
C ALA A 1090 9.46 13.79 10.66
N MET A 1091 9.25 14.88 11.41
CA MET A 1091 8.26 14.86 12.47
C MET A 1091 6.86 14.67 11.92
N MET A 1092 6.57 15.29 10.78
CA MET A 1092 5.26 15.14 10.17
C MET A 1092 5.04 13.71 9.71
N ALA A 1093 6.05 13.12 9.07
CA ALA A 1093 5.94 11.74 8.60
C ALA A 1093 5.79 10.77 9.77
N LEU A 1094 6.56 10.99 10.83
CA LEU A 1094 6.47 10.11 11.99
C LEU A 1094 5.13 10.27 12.71
N PHE A 1095 4.58 11.47 12.73
CA PHE A 1095 3.25 11.65 13.30
C PHE A 1095 2.20 10.89 12.49
N THR A 1096 2.28 10.98 11.16
CA THR A 1096 1.35 10.22 10.33
C THR A 1096 1.51 8.71 10.55
N VAL A 1097 2.75 8.26 10.74
CA VAL A 1097 2.97 6.85 11.05
C VAL A 1097 2.34 6.48 12.38
N SER A 1098 2.52 7.32 13.40
CA SER A 1098 1.98 7.04 14.72
C SER A 1098 0.45 7.05 14.72
N THR A 1099 -0.17 7.79 13.80
CA THR A 1099 -1.61 7.69 13.63
C THR A 1099 -2.03 6.41 12.91
N PHE A 1100 -1.06 5.60 12.47
CA PHE A 1100 -1.31 4.28 11.87
C PHE A 1100 -2.00 4.39 10.52
N GLU A 1101 -1.90 5.54 9.86
CA GLU A 1101 -2.51 5.75 8.56
C GLU A 1101 -1.43 5.98 7.51
N GLY A 1102 -1.49 5.20 6.43
CA GLY A 1102 -0.52 5.33 5.37
C GLY A 1102 0.88 4.92 5.75
N TRP A 1103 1.07 4.22 6.86
CA TRP A 1103 2.40 3.81 7.29
C TRP A 1103 2.97 2.66 6.44
N PRO A 1104 2.18 1.71 5.92
CA PRO A 1104 2.78 0.73 5.01
C PRO A 1104 3.35 1.34 3.74
N ALA A 1105 2.69 2.35 3.18
CA ALA A 1105 3.22 3.00 1.99
C ALA A 1105 4.55 3.67 2.27
N LEU A 1106 4.65 4.37 3.41
CA LEU A 1106 5.92 4.98 3.80
C LEU A 1106 6.99 3.92 4.07
N LEU A 1107 6.59 2.80 4.69
CA LEU A 1107 7.53 1.73 4.96
C LEU A 1107 8.11 1.17 3.68
N TYR A 1108 7.26 0.92 2.69
CA TYR A 1108 7.75 0.34 1.43
C TYR A 1108 8.48 1.38 0.60
N LYS A 1109 8.18 2.66 0.78
CA LYS A 1109 8.98 3.71 0.16
C LYS A 1109 10.38 3.75 0.77
N ALA A 1110 10.48 3.56 2.08
CA ALA A 1110 11.77 3.59 2.74
C ALA A 1110 12.58 2.32 2.46
N ILE A 1111 11.90 1.19 2.29
CA ILE A 1111 12.60 -0.06 1.94
C ILE A 1111 13.27 0.07 0.59
N ASP A 1112 12.60 0.73 -0.36
CA ASP A 1112 13.13 0.94 -1.69
C ASP A 1112 14.17 2.05 -1.75
N SER A 1113 14.34 2.82 -0.68
CA SER A 1113 15.24 3.98 -0.67
C SER A 1113 16.67 3.58 -0.98
N ASN A 1114 17.25 4.19 -2.02
CA ASN A 1114 18.55 3.80 -2.53
C ASN A 1114 19.70 4.66 -1.99
N GLY A 1115 19.71 5.94 -2.37
CA GLY A 1115 20.83 6.81 -2.10
C GLY A 1115 20.43 8.26 -2.08
N GLU A 1116 21.43 9.15 -2.09
CA GLU A 1116 21.16 10.57 -1.85
C GLU A 1116 20.27 11.16 -2.94
N ASN A 1117 20.58 10.88 -4.21
CA ASN A 1117 19.86 11.55 -5.30
C ASN A 1117 19.59 10.58 -6.44
N ILE A 1118 19.11 9.38 -6.13
CA ILE A 1118 18.80 8.39 -7.15
C ILE A 1118 17.44 7.76 -6.85
N GLY A 1119 16.92 7.04 -7.85
CA GLY A 1119 15.62 6.43 -7.74
C GLY A 1119 15.65 5.13 -6.96
N PRO A 1120 14.46 4.58 -6.71
CA PRO A 1120 14.34 3.40 -5.85
C PRO A 1120 14.67 2.10 -6.56
N ILE A 1121 14.94 1.08 -5.74
CA ILE A 1121 15.12 -0.29 -6.19
C ILE A 1121 14.18 -1.19 -5.40
N TYR A 1122 13.50 -2.11 -6.09
CA TYR A 1122 12.56 -3.02 -5.46
C TYR A 1122 13.22 -3.81 -4.33
N ASN A 1123 12.81 -3.54 -3.10
CA ASN A 1123 13.26 -4.28 -1.92
C ASN A 1123 14.79 -4.20 -1.76
N HIS A 1124 15.31 -2.97 -1.82
CA HIS A 1124 16.75 -2.78 -1.71
C HIS A 1124 17.27 -3.20 -0.34
N ARG A 1125 16.61 -2.73 0.73
CA ARG A 1125 17.04 -3.05 2.10
C ARG A 1125 15.78 -3.31 2.93
N VAL A 1126 15.40 -4.58 3.02
CA VAL A 1126 14.23 -4.95 3.80
C VAL A 1126 14.46 -4.72 5.29
N GLU A 1127 15.71 -4.84 5.75
CA GLU A 1127 16.02 -4.74 7.16
C GLU A 1127 15.76 -3.37 7.74
N ILE A 1128 15.56 -2.33 6.91
CA ILE A 1128 15.31 -0.99 7.42
C ILE A 1128 13.96 -0.89 8.10
N SER A 1129 13.10 -1.90 7.96
CA SER A 1129 11.81 -1.91 8.63
C SER A 1129 11.93 -1.99 10.14
N ILE A 1130 13.12 -2.31 10.66
CA ILE A 1130 13.33 -2.35 12.10
C ILE A 1130 13.08 -0.99 12.72
N PHE A 1131 13.51 0.08 12.03
CA PHE A 1131 13.28 1.44 12.52
C PHE A 1131 11.79 1.70 12.71
N PHE A 1132 10.99 1.42 11.68
CA PHE A 1132 9.55 1.66 11.76
C PHE A 1132 8.89 0.77 12.80
N ILE A 1133 9.30 -0.50 12.88
CA ILE A 1133 8.68 -1.42 13.83
C ILE A 1133 8.97 -0.97 15.26
N ILE A 1134 10.22 -0.57 15.54
CA ILE A 1134 10.57 -0.12 16.88
C ILE A 1134 9.84 1.16 17.23
N TYR A 1135 9.77 2.11 16.29
CA TYR A 1135 9.04 3.34 16.56
C TYR A 1135 7.58 3.05 16.86
N ILE A 1136 6.96 2.18 16.06
CA ILE A 1136 5.56 1.84 16.28
C ILE A 1136 5.38 1.18 17.65
N ILE A 1137 6.28 0.28 18.01
CA ILE A 1137 6.17 -0.43 19.28
C ILE A 1137 6.25 0.54 20.45
N ILE A 1138 7.25 1.43 20.44
CA ILE A 1138 7.45 2.32 21.57
C ILE A 1138 6.52 3.51 21.58
N VAL A 1139 5.80 3.77 20.48
CA VAL A 1139 4.74 4.77 20.51
C VAL A 1139 3.42 4.15 20.96
N ALA A 1140 3.14 2.91 20.55
CA ALA A 1140 1.97 2.21 21.07
C ALA A 1140 2.10 1.94 22.56
N PHE A 1141 3.31 1.69 23.03
CA PHE A 1141 3.52 1.50 24.47
C PHE A 1141 3.18 2.78 25.24
N PHE A 1142 3.65 3.92 24.74
CA PHE A 1142 3.41 5.18 25.44
C PHE A 1142 1.97 5.64 25.34
N MET A 1143 1.36 5.52 24.17
CA MET A 1143 -0.02 5.95 23.98
C MET A 1143 -0.95 5.09 24.82
N MET A 1144 -0.49 3.88 25.13
CA MET A 1144 -1.27 2.97 25.96
C MET A 1144 -0.85 3.08 27.43
N ASN A 1145 0.13 3.94 27.67
CA ASN A 1145 0.66 4.17 29.00
C ASN A 1145 0.04 5.43 29.60
N ILE A 1146 -0.23 6.42 28.75
CA ILE A 1146 -0.86 7.67 29.20
C ILE A 1146 -2.38 7.54 29.15
N PHE A 1147 -2.86 6.45 28.57
CA PHE A 1147 -4.30 6.21 28.49
C PHE A 1147 -4.73 5.27 29.60
N VAL A 1148 -3.77 4.58 30.21
CA VAL A 1148 -4.09 3.67 31.30
C VAL A 1148 -4.09 4.43 32.61
N GLY A 1149 -3.13 5.34 32.76
CA GLY A 1149 -3.04 6.16 33.96
C GLY A 1149 -3.66 7.52 33.71
N PHE A 1150 -4.91 7.47 33.27
CA PHE A 1150 -5.71 8.63 32.95
C PHE A 1150 -7.15 8.21 33.16
N VAL A 1151 -7.50 7.06 32.61
CA VAL A 1151 -8.85 6.52 32.70
C VAL A 1151 -8.93 5.25 33.54
N ILE A 1152 -7.85 4.47 33.54
CA ILE A 1152 -7.85 3.21 34.27
C ILE A 1152 -7.05 3.22 35.55
N VAL A 1153 -6.67 4.40 36.02
CA VAL A 1153 -5.88 4.51 37.25
C VAL A 1153 -6.02 5.87 37.91
N THR A 1154 -6.63 6.82 37.22
CA THR A 1154 -6.81 8.16 37.79
C THR A 1154 -8.25 8.37 38.23
N PHE A 1155 -9.15 7.54 37.73
CA PHE A 1155 -10.55 7.64 38.08
C PHE A 1155 -10.93 6.53 39.06
N GLN A 1156 -10.08 5.51 39.15
CA GLN A 1156 -10.34 4.40 40.06
C GLN A 1156 -10.02 4.84 41.48
N GLU A 1157 -9.07 5.76 41.61
CA GLU A 1157 -8.68 6.28 42.91
C GLU A 1157 -9.55 7.48 43.23
N GLN A 1158 -9.24 8.61 42.59
CA GLN A 1158 -10.01 9.83 42.79
C GLN A 1158 -11.51 9.63 42.63
N GLY A 1159 -11.90 8.86 41.61
CA GLY A 1159 -13.31 8.60 41.35
C GLY A 1159 -14.04 8.06 42.56
N GLU A 1160 -13.44 7.08 43.22
CA GLU A 1160 -14.01 6.47 44.42
C GLU A 1160 -13.12 6.81 45.61
N LYS A 1161 -12.84 8.10 45.77
CA LYS A 1161 -11.98 8.59 46.86
C LYS A 1161 -12.75 9.02 48.09
N GLU A 1162 -13.92 8.44 48.31
CA GLU A 1162 -14.73 8.79 49.48
C GLU A 1162 -14.15 8.09 50.71
N TYR A 1163 -13.94 8.84 51.78
CA TYR A 1163 -13.39 8.25 53.00
C TYR A 1163 -14.43 8.24 54.13
N LYS A 1164 -15.53 7.54 53.85
CA LYS A 1164 -16.57 7.29 54.85
C LYS A 1164 -16.51 5.87 55.39
N ASN A 1165 -15.47 5.12 55.05
CA ASN A 1165 -15.36 3.70 55.42
C ASN A 1165 -14.80 3.55 56.84
N CYS A 1166 -15.49 4.20 57.79
CA CYS A 1166 -15.08 4.10 59.19
C CYS A 1166 -15.27 2.69 59.72
N GLU A 1167 -16.38 2.04 59.38
CA GLU A 1167 -16.67 0.70 59.87
C GLU A 1167 -17.02 -0.24 58.73
N LEU A 1168 -17.61 0.29 57.66
CA LEU A 1168 -18.09 -0.51 56.54
C LEU A 1168 -17.06 -0.47 55.42
N ASP A 1169 -16.89 -1.61 54.75
CA ASP A 1169 -15.95 -1.73 53.65
C ASP A 1169 -16.64 -1.31 52.34
N LYS A 1170 -15.95 -1.52 51.22
CA LYS A 1170 -16.51 -1.13 49.92
C LYS A 1170 -17.71 -1.96 49.53
N ASN A 1171 -17.89 -3.14 50.13
CA ASN A 1171 -19.04 -3.96 49.81
C ASN A 1171 -20.34 -3.37 50.34
N GLN A 1172 -20.28 -2.65 51.47
CA GLN A 1172 -21.45 -2.06 52.09
C GLN A 1172 -21.75 -0.67 51.57
N ARG A 1173 -20.95 -0.14 50.64
CA ARG A 1173 -21.18 1.19 50.10
C ARG A 1173 -22.41 1.26 49.20
N GLN A 1174 -22.93 0.12 48.75
CA GLN A 1174 -24.05 0.09 47.81
C GLN A 1174 -25.22 -0.73 48.30
N CYS A 1175 -24.97 -1.85 48.97
CA CYS A 1175 -26.06 -2.74 49.37
C CYS A 1175 -26.97 -2.08 50.40
N VAL A 1176 -26.39 -1.38 51.38
CA VAL A 1176 -27.20 -0.72 52.39
C VAL A 1176 -28.03 0.40 51.77
N GLU A 1177 -27.44 1.15 50.83
CA GLU A 1177 -28.18 2.21 50.15
C GLU A 1177 -29.33 1.64 49.34
N TYR A 1178 -29.09 0.53 48.63
CA TYR A 1178 -30.16 -0.07 47.84
C TYR A 1178 -31.25 -0.67 48.74
N ALA A 1179 -30.87 -1.19 49.92
CA ALA A 1179 -31.87 -1.63 50.88
C ALA A 1179 -32.70 -0.46 51.38
N LEU A 1180 -32.06 0.68 51.63
CA LEU A 1180 -32.79 1.87 52.07
C LEU A 1180 -33.75 2.35 50.99
N LYS A 1181 -33.32 2.35 49.73
CA LYS A 1181 -34.12 2.82 48.61
C LYS A 1181 -34.55 1.62 47.77
N ALA A 1182 -35.75 1.11 48.05
CA ALA A 1182 -36.28 -0.04 47.32
C ALA A 1182 -37.80 -0.02 47.39
N ARG A 1183 -38.42 -0.78 46.48
CA ARG A 1183 -39.87 -0.88 46.42
C ARG A 1183 -40.28 -2.15 45.67
N PRO A 1184 -41.18 -2.95 46.22
CA PRO A 1184 -41.62 -4.16 45.52
C PRO A 1184 -42.39 -3.83 44.25
N LEU A 1185 -42.28 -4.72 43.27
CA LEU A 1185 -42.93 -4.54 41.97
C LEU A 1185 -44.37 -5.04 42.02
N ARG A 1186 -45.05 -4.94 40.89
CA ARG A 1186 -46.43 -5.39 40.75
C ARG A 1186 -46.47 -6.65 39.90
N ARG A 1187 -47.21 -7.66 40.37
CA ARG A 1187 -47.32 -8.92 39.65
C ARG A 1187 -48.58 -9.04 38.83
N TYR A 1188 -49.66 -8.35 39.22
CA TYR A 1188 -50.90 -8.27 38.45
C TYR A 1188 -51.49 -9.67 38.22
N ILE A 1189 -51.90 -10.29 39.32
CA ILE A 1189 -52.45 -11.64 39.26
C ILE A 1189 -53.95 -11.60 39.52
N PRO A 1190 -54.78 -11.65 38.48
CA PRO A 1190 -56.23 -11.79 38.68
C PRO A 1190 -56.66 -13.26 38.62
N LYS A 1191 -57.64 -13.60 39.47
CA LYS A 1191 -58.06 -14.99 39.57
C LYS A 1191 -58.86 -15.39 38.34
N ASN A 1192 -60.05 -14.79 38.15
CA ASN A 1192 -60.84 -14.87 36.92
C ASN A 1192 -60.89 -16.29 36.35
N PRO A 1193 -61.68 -17.19 36.95
CA PRO A 1193 -61.56 -18.62 36.60
C PRO A 1193 -61.80 -18.93 35.14
N TYR A 1194 -62.73 -18.23 34.47
CA TYR A 1194 -63.05 -18.60 33.10
C TYR A 1194 -62.03 -18.13 32.08
N GLN A 1195 -61.05 -17.30 32.49
CA GLN A 1195 -59.88 -17.03 31.67
C GLN A 1195 -58.58 -17.30 32.42
N TYR A 1196 -58.65 -17.90 33.61
CA TYR A 1196 -57.44 -18.28 34.33
C TYR A 1196 -56.62 -19.30 33.57
N LYS A 1197 -57.29 -20.16 32.79
CA LYS A 1197 -56.56 -21.13 31.98
C LYS A 1197 -55.69 -20.43 30.94
N PHE A 1198 -56.26 -19.45 30.23
CA PHE A 1198 -55.49 -18.68 29.28
C PHE A 1198 -54.39 -17.90 29.97
N TRP A 1199 -54.69 -17.35 31.15
CA TRP A 1199 -53.67 -16.60 31.90
C TRP A 1199 -52.48 -17.49 32.25
N TYR A 1200 -52.75 -18.71 32.71
CA TYR A 1200 -51.67 -19.63 33.03
C TYR A 1200 -50.90 -20.05 31.79
N VAL A 1201 -51.61 -20.30 30.68
CA VAL A 1201 -50.93 -20.70 29.45
C VAL A 1201 -49.99 -19.60 28.98
N VAL A 1202 -50.43 -18.35 29.04
CA VAL A 1202 -49.59 -17.24 28.59
C VAL A 1202 -48.30 -17.17 29.41
N ASN A 1203 -48.42 -17.19 30.74
CA ASN A 1203 -47.28 -17.06 31.63
C ASN A 1203 -46.84 -18.47 32.07
N SER A 1204 -46.12 -19.14 31.19
CA SER A 1204 -45.58 -20.46 31.50
C SER A 1204 -44.22 -20.61 30.82
N SER A 1205 -43.31 -21.29 31.51
CA SER A 1205 -41.95 -21.45 30.98
C SER A 1205 -41.91 -22.17 29.65
N PRO A 1206 -42.61 -23.30 29.43
CA PRO A 1206 -42.58 -23.93 28.10
C PRO A 1206 -43.12 -23.03 27.00
N PHE A 1207 -44.11 -22.20 27.30
CA PHE A 1207 -44.64 -21.30 26.27
C PHE A 1207 -43.55 -20.35 25.77
N GLU A 1208 -42.80 -19.73 26.69
CA GLU A 1208 -41.74 -18.83 26.28
C GLU A 1208 -40.57 -19.59 25.65
N TYR A 1209 -40.30 -20.81 26.13
CA TYR A 1209 -39.29 -21.65 25.50
C TYR A 1209 -39.62 -21.99 24.06
N MET A 1210 -40.90 -22.08 23.72
CA MET A 1210 -41.35 -22.25 22.34
C MET A 1210 -41.38 -20.92 21.58
N MET A 1211 -41.73 -19.84 22.26
CA MET A 1211 -41.75 -18.53 21.63
C MET A 1211 -40.37 -18.12 21.15
N PHE A 1212 -39.34 -18.43 21.94
CA PHE A 1212 -37.98 -18.07 21.54
C PHE A 1212 -37.59 -18.74 20.23
N VAL A 1213 -37.81 -20.05 20.14
CA VAL A 1213 -37.44 -20.81 18.94
C VAL A 1213 -38.39 -20.56 17.78
N LEU A 1214 -39.58 -20.02 18.04
CA LEU A 1214 -40.46 -19.60 16.95
C LEU A 1214 -40.14 -18.21 16.43
N ILE A 1215 -39.74 -17.29 17.29
CA ILE A 1215 -39.33 -15.96 16.87
C ILE A 1215 -37.99 -15.97 16.14
N MET A 1216 -37.00 -16.72 16.63
CA MET A 1216 -35.72 -16.78 15.95
C MET A 1216 -35.84 -17.39 14.55
N LEU A 1217 -36.89 -18.18 14.30
CA LEU A 1217 -37.10 -18.73 12.96
C LEU A 1217 -37.40 -17.63 11.96
N ASN A 1218 -38.11 -16.58 12.39
CA ASN A 1218 -38.39 -15.46 11.50
C ASN A 1218 -37.10 -14.77 11.06
N THR A 1219 -36.17 -14.57 12.01
CA THR A 1219 -34.90 -13.94 11.67
C THR A 1219 -34.05 -14.87 10.80
N LEU A 1220 -34.06 -16.17 11.09
CA LEU A 1220 -33.35 -17.11 10.23
C LEU A 1220 -33.92 -17.10 8.81
N CYS A 1221 -35.24 -16.96 8.68
CA CYS A 1221 -35.86 -16.81 7.38
C CYS A 1221 -35.44 -15.52 6.68
N LEU A 1222 -35.37 -14.42 7.44
CA LEU A 1222 -34.94 -13.15 6.86
C LEU A 1222 -33.50 -13.20 6.39
N ALA A 1223 -32.64 -13.92 7.11
CA ALA A 1223 -31.23 -14.05 6.72
C ALA A 1223 -31.03 -15.18 5.72
N MET A 1224 -31.88 -15.20 4.69
CA MET A 1224 -31.76 -16.17 3.61
C MET A 1224 -31.92 -15.56 2.23
N GLN A 1225 -32.52 -14.39 2.10
CA GLN A 1225 -32.71 -13.78 0.79
C GLN A 1225 -31.37 -13.39 0.19
N HIS A 1226 -31.24 -13.58 -1.12
CA HIS A 1226 -30.02 -13.29 -1.86
C HIS A 1226 -30.36 -12.63 -3.19
N TYR A 1227 -29.33 -12.12 -3.84
CA TYR A 1227 -29.51 -11.40 -5.09
C TYR A 1227 -30.03 -12.33 -6.18
N GLU A 1228 -30.81 -11.77 -7.10
CA GLU A 1228 -31.40 -12.47 -8.25
C GLU A 1228 -31.89 -13.87 -7.85
N GLN A 1229 -32.71 -13.90 -6.80
CA GLN A 1229 -33.28 -15.14 -6.33
C GLN A 1229 -34.44 -15.57 -7.22
N SER A 1230 -34.81 -16.84 -7.11
CA SER A 1230 -35.85 -17.41 -7.96
C SER A 1230 -37.23 -16.91 -7.54
N LYS A 1231 -38.20 -17.09 -8.44
CA LYS A 1231 -39.57 -16.67 -8.16
C LYS A 1231 -40.22 -17.56 -7.11
N MET A 1232 -39.99 -18.87 -7.19
CA MET A 1232 -40.57 -19.78 -6.21
C MET A 1232 -40.01 -19.52 -4.82
N PHE A 1233 -38.71 -19.24 -4.72
CA PHE A 1233 -38.12 -18.89 -3.43
C PHE A 1233 -38.72 -17.61 -2.89
N ASN A 1234 -38.95 -16.63 -3.75
CA ASN A 1234 -39.55 -15.37 -3.33
C ASN A 1234 -40.97 -15.61 -2.82
N ASP A 1235 -41.74 -16.44 -3.52
CA ASP A 1235 -43.10 -16.75 -3.08
C ASP A 1235 -43.10 -17.51 -1.76
N ALA A 1236 -42.14 -18.42 -1.57
CA ALA A 1236 -42.02 -19.10 -0.30
C ALA A 1236 -41.68 -18.12 0.82
N MET A 1237 -40.81 -17.14 0.54
CA MET A 1237 -40.53 -16.10 1.52
C MET A 1237 -41.80 -15.32 1.86
N ASP A 1238 -42.60 -14.99 0.85
CA ASP A 1238 -43.83 -14.25 1.09
C ASP A 1238 -44.80 -15.04 1.96
N ILE A 1239 -44.98 -16.33 1.66
CA ILE A 1239 -45.92 -17.13 2.44
C ILE A 1239 -45.41 -17.36 3.86
N LEU A 1240 -44.09 -17.50 4.03
CA LEU A 1240 -43.53 -17.61 5.38
C LEU A 1240 -43.73 -16.32 6.15
N ASN A 1241 -43.56 -15.16 5.50
CA ASN A 1241 -43.83 -13.89 6.15
C ASN A 1241 -45.30 -13.78 6.56
N MET A 1242 -46.21 -14.22 5.68
CA MET A 1242 -47.62 -14.20 6.03
C MET A 1242 -47.92 -15.09 7.22
N VAL A 1243 -47.33 -16.28 7.25
CA VAL A 1243 -47.53 -17.19 8.39
C VAL A 1243 -47.01 -16.55 9.67
N PHE A 1244 -45.83 -15.93 9.59
CA PHE A 1244 -45.24 -15.32 10.79
C PHE A 1244 -46.09 -14.15 11.31
N THR A 1245 -46.54 -13.28 10.42
CA THR A 1245 -47.35 -12.15 10.88
C THR A 1245 -48.69 -12.64 11.42
N GLY A 1246 -49.27 -13.67 10.81
CA GLY A 1246 -50.52 -14.21 11.33
C GLY A 1246 -50.37 -14.83 12.71
N VAL A 1247 -49.29 -15.60 12.91
CA VAL A 1247 -49.09 -16.24 14.21
C VAL A 1247 -48.76 -15.19 15.26
N PHE A 1248 -48.04 -14.12 14.88
CA PHE A 1248 -47.79 -13.03 15.82
C PHE A 1248 -49.08 -12.34 16.22
N THR A 1249 -49.97 -12.10 15.25
CA THR A 1249 -51.28 -11.52 15.58
C THR A 1249 -52.07 -12.43 16.50
N VAL A 1250 -52.04 -13.73 16.24
CA VAL A 1250 -52.78 -14.69 17.07
C VAL A 1250 -52.25 -14.67 18.49
N GLU A 1251 -50.92 -14.71 18.65
CA GLU A 1251 -50.34 -14.70 19.98
C GLU A 1251 -50.63 -13.38 20.70
N MET A 1252 -50.58 -12.26 19.97
CA MET A 1252 -50.87 -10.97 20.60
C MET A 1252 -52.31 -10.90 21.09
N VAL A 1253 -53.26 -11.35 20.26
CA VAL A 1253 -54.67 -11.28 20.66
C VAL A 1253 -54.96 -12.29 21.78
N LEU A 1254 -54.24 -13.41 21.81
CA LEU A 1254 -54.41 -14.36 22.90
C LEU A 1254 -53.80 -13.83 24.19
N LYS A 1255 -52.74 -13.02 24.10
CA LYS A 1255 -52.11 -12.48 25.29
C LYS A 1255 -52.88 -11.31 25.88
N VAL A 1256 -53.44 -10.45 25.02
CA VAL A 1256 -54.09 -9.24 25.54
C VAL A 1256 -55.34 -9.58 26.33
N ILE A 1257 -56.01 -10.68 25.99
CA ILE A 1257 -57.18 -11.09 26.77
C ILE A 1257 -56.79 -11.44 28.19
N ALA A 1258 -55.70 -12.19 28.37
CA ALA A 1258 -55.26 -12.60 29.69
C ALA A 1258 -54.63 -11.46 30.49
N PHE A 1259 -53.82 -10.62 29.85
CA PHE A 1259 -53.10 -9.57 30.56
C PHE A 1259 -53.88 -8.25 30.61
N LYS A 1260 -55.02 -8.17 29.93
CA LYS A 1260 -55.93 -7.03 29.93
C LYS A 1260 -55.32 -5.80 29.26
N PRO A 1261 -56.12 -4.96 28.62
CA PRO A 1261 -55.57 -3.74 28.00
C PRO A 1261 -55.05 -2.72 29.01
N LYS A 1262 -55.61 -2.69 30.22
CA LYS A 1262 -55.24 -1.66 31.18
C LYS A 1262 -53.82 -1.85 31.71
N GLY A 1263 -53.36 -3.10 31.82
CA GLY A 1263 -52.01 -3.35 32.26
C GLY A 1263 -51.09 -3.65 31.10
N TYR A 1264 -51.61 -3.58 29.88
CA TYR A 1264 -50.82 -3.89 28.70
C TYR A 1264 -49.73 -2.85 28.45
N PHE A 1265 -49.84 -1.66 29.02
CA PHE A 1265 -48.85 -0.61 28.85
C PHE A 1265 -47.82 -0.58 29.98
N SER A 1266 -47.88 -1.53 30.92
CA SER A 1266 -46.96 -1.52 32.05
C SER A 1266 -45.53 -1.84 31.62
N ASP A 1267 -45.35 -2.90 30.84
CA ASP A 1267 -44.03 -3.32 30.41
C ASP A 1267 -43.68 -2.69 29.07
N ALA A 1268 -42.44 -2.24 28.94
CA ALA A 1268 -42.02 -1.57 27.71
C ALA A 1268 -42.06 -2.51 26.53
N TRP A 1269 -41.56 -3.74 26.69
CA TRP A 1269 -41.58 -4.70 25.58
C TRP A 1269 -42.98 -5.25 25.33
N ASN A 1270 -43.85 -5.22 26.33
CA ASN A 1270 -45.18 -5.79 26.16
C ASN A 1270 -46.00 -5.00 25.14
N THR A 1271 -46.06 -3.68 25.29
CA THR A 1271 -46.80 -2.85 24.36
C THR A 1271 -46.03 -2.60 23.06
N PHE A 1272 -44.70 -2.77 23.08
CA PHE A 1272 -43.92 -2.58 21.86
C PHE A 1272 -44.28 -3.63 20.81
N ASP A 1273 -44.51 -4.88 21.24
CA ASP A 1273 -44.85 -5.94 20.31
C ASP A 1273 -46.19 -5.68 19.63
N SER A 1274 -47.11 -5.00 20.32
CA SER A 1274 -48.39 -4.66 19.70
C SER A 1274 -48.19 -3.75 18.50
N LEU A 1275 -47.28 -2.78 18.61
CA LEU A 1275 -46.98 -1.92 17.47
C LEU A 1275 -46.31 -2.71 16.35
N ILE A 1276 -45.51 -3.72 16.70
CA ILE A 1276 -44.89 -4.56 15.68
C ILE A 1276 -45.95 -5.29 14.87
N VAL A 1277 -46.94 -5.87 15.55
CA VAL A 1277 -48.03 -6.54 14.85
C VAL A 1277 -48.84 -5.53 14.05
N ILE A 1278 -49.13 -4.36 14.65
CA ILE A 1278 -49.87 -3.33 13.94
C ILE A 1278 -49.08 -2.86 12.72
N GLY A 1279 -47.78 -2.65 12.88
CA GLY A 1279 -46.96 -2.24 11.75
C GLY A 1279 -46.86 -3.32 10.68
N SER A 1280 -46.77 -4.58 11.09
CA SER A 1280 -46.62 -5.68 10.14
C SER A 1280 -47.89 -5.92 9.32
N ILE A 1281 -49.02 -5.32 9.71
CA ILE A 1281 -50.28 -5.53 9.02
C ILE A 1281 -50.68 -4.34 8.15
N ILE A 1282 -50.12 -3.16 8.40
CA ILE A 1282 -50.47 -1.99 7.58
C ILE A 1282 -50.10 -2.22 6.12
N ASP A 1283 -48.92 -2.79 5.88
CA ASP A 1283 -48.45 -3.05 4.52
C ASP A 1283 -48.70 -4.48 4.08
N VAL A 1284 -49.79 -5.10 4.55
CA VAL A 1284 -50.07 -6.48 4.17
C VAL A 1284 -50.74 -6.55 2.80
N ALA A 1285 -51.46 -5.50 2.41
CA ALA A 1285 -52.19 -5.50 1.15
C ALA A 1285 -51.43 -4.84 0.02
N LEU A 1286 -50.38 -4.08 0.32
CA LEU A 1286 -49.58 -3.44 -0.72
C LEU A 1286 -48.61 -4.40 -1.39
N SER A 1287 -48.37 -5.57 -0.80
CA SER A 1287 -47.45 -6.54 -1.41
C SER A 1287 -48.07 -7.17 -2.65
N GLU A 1288 -49.33 -7.57 -2.57
CA GLU A 1288 -50.00 -8.21 -3.70
C GLU A 1288 -50.90 -7.23 -4.43
N SER A 1314 -42.01 4.76 1.59
CA SER A 1314 -43.45 4.67 1.77
C SER A 1314 -43.88 3.26 2.12
N ILE A 1315 -43.06 2.29 1.71
CA ILE A 1315 -43.34 0.87 2.00
C ILE A 1315 -42.13 0.26 2.69
N THR A 1316 -40.99 0.95 2.63
CA THR A 1316 -39.76 0.46 3.23
C THR A 1316 -39.73 0.65 4.74
N PHE A 1317 -40.39 1.70 5.25
CA PHE A 1317 -40.33 1.98 6.68
C PHE A 1317 -40.94 0.85 7.50
N PHE A 1318 -42.09 0.32 7.05
CA PHE A 1318 -42.72 -0.79 7.76
C PHE A 1318 -41.97 -2.10 7.52
N ARG A 1319 -41.47 -2.31 6.30
CA ARG A 1319 -40.80 -3.56 5.99
C ARG A 1319 -39.48 -3.70 6.74
N LEU A 1320 -38.81 -2.58 7.03
CA LEU A 1320 -37.55 -2.63 7.77
C LEU A 1320 -37.76 -3.08 9.21
N PHE A 1321 -38.89 -2.68 9.82
CA PHE A 1321 -39.16 -2.91 11.24
C PHE A 1321 -39.30 -4.39 11.61
N ARG A 1322 -39.17 -5.33 10.68
CA ARG A 1322 -39.30 -6.74 11.03
C ARG A 1322 -38.13 -7.21 11.88
N VAL A 1323 -36.96 -6.58 11.72
CA VAL A 1323 -35.75 -7.09 12.38
C VAL A 1323 -35.77 -6.80 13.87
N MET A 1324 -36.52 -5.79 14.31
CA MET A 1324 -36.47 -5.40 15.72
C MET A 1324 -37.40 -6.21 16.61
N ARG A 1325 -38.14 -7.17 16.05
CA ARG A 1325 -38.94 -8.04 16.89
C ARG A 1325 -38.10 -9.10 17.60
N LEU A 1326 -36.86 -9.32 17.15
CA LEU A 1326 -36.02 -10.32 17.78
C LEU A 1326 -35.53 -9.85 19.14
N VAL A 1327 -35.08 -8.59 19.23
CA VAL A 1327 -34.36 -8.12 20.41
C VAL A 1327 -35.23 -8.21 21.66
N LYS A 1328 -36.51 -7.87 21.53
CA LYS A 1328 -37.40 -7.81 22.69
C LYS A 1328 -37.46 -9.14 23.43
N LEU A 1329 -37.19 -10.24 22.73
CA LEU A 1329 -37.25 -11.57 23.35
C LEU A 1329 -35.89 -12.23 23.48
N LEU A 1330 -34.91 -11.88 22.66
CA LEU A 1330 -33.58 -12.47 22.73
C LEU A 1330 -32.60 -11.61 23.51
N SER A 1331 -33.05 -10.51 24.11
CA SER A 1331 -32.23 -9.73 25.03
C SER A 1331 -32.45 -10.14 26.48
N ARG A 1332 -33.30 -11.12 26.73
CA ARG A 1332 -33.70 -11.52 28.08
C ARG A 1332 -32.65 -12.37 28.79
N GLY A 1333 -31.42 -12.44 28.27
CA GLY A 1333 -30.40 -13.21 28.93
C GLY A 1333 -30.07 -12.66 30.30
N GLU A 1334 -29.74 -13.57 31.21
CA GLU A 1334 -29.44 -13.21 32.60
C GLU A 1334 -28.09 -12.51 32.64
N GLY A 1335 -28.11 -11.18 32.72
CA GLY A 1335 -26.89 -10.42 32.81
C GLY A 1335 -26.71 -9.38 31.71
N ILE A 1336 -27.10 -9.74 30.48
CA ILE A 1336 -26.95 -8.82 29.36
C ILE A 1336 -27.88 -7.62 29.52
N ARG A 1337 -29.08 -7.84 30.08
CA ARG A 1337 -30.00 -6.74 30.34
C ARG A 1337 -29.36 -5.71 31.25
N THR A 1338 -28.79 -6.17 32.38
CA THR A 1338 -28.13 -5.25 33.30
C THR A 1338 -26.91 -4.61 32.65
N LEU A 1339 -26.15 -5.39 31.88
CA LEU A 1339 -24.97 -4.85 31.22
C LEU A 1339 -25.32 -3.67 30.31
N LEU A 1340 -26.38 -3.82 29.52
CA LEU A 1340 -26.80 -2.72 28.66
C LEU A 1340 -27.43 -1.59 29.47
N TRP A 1341 -28.23 -1.92 30.48
CA TRP A 1341 -29.03 -0.93 31.18
C TRP A 1341 -28.17 0.00 32.02
N THR A 1342 -27.23 -0.57 32.79
CA THR A 1342 -26.34 0.26 33.58
C THR A 1342 -25.46 1.16 32.72
N PHE A 1343 -24.96 0.67 31.59
CA PHE A 1343 -24.12 1.49 30.74
C PHE A 1343 -24.89 2.57 29.99
N ILE A 1344 -26.13 2.31 29.57
CA ILE A 1344 -26.92 3.40 29.00
C ILE A 1344 -27.29 4.42 30.07
N LYS A 1345 -27.55 3.99 31.31
CA LYS A 1345 -27.72 4.96 32.38
C LYS A 1345 -26.46 5.79 32.61
N SER A 1346 -25.28 5.16 32.57
CA SER A 1346 -24.05 5.90 32.76
C SER A 1346 -23.83 6.90 31.63
N PHE A 1347 -24.14 6.51 30.40
CA PHE A 1347 -24.02 7.44 29.27
C PHE A 1347 -24.98 8.60 29.41
N GLN A 1348 -26.22 8.34 29.82
CA GLN A 1348 -27.20 9.40 29.97
C GLN A 1348 -26.91 10.28 31.19
N ALA A 1349 -26.18 9.77 32.18
CA ALA A 1349 -25.95 10.53 33.40
C ALA A 1349 -25.00 11.70 33.17
N LEU A 1350 -24.13 11.61 32.18
CA LEU A 1350 -23.16 12.67 31.87
C LEU A 1350 -23.30 13.06 30.41
N PRO A 1351 -24.32 13.87 30.08
CA PRO A 1351 -24.49 14.33 28.70
C PRO A 1351 -23.73 15.60 28.36
N TYR A 1352 -23.10 16.25 29.35
CA TYR A 1352 -22.39 17.50 29.08
C TYR A 1352 -21.06 17.26 28.38
N VAL A 1353 -20.45 16.09 28.57
CA VAL A 1353 -19.18 15.81 27.92
C VAL A 1353 -19.35 15.67 26.40
N ALA A 1354 -20.52 15.21 25.95
CA ALA A 1354 -20.78 15.12 24.52
C ALA A 1354 -21.00 16.51 23.91
N LEU A 1355 -21.43 17.47 24.73
CA LEU A 1355 -21.59 18.84 24.23
C LEU A 1355 -20.25 19.43 23.83
N LEU A 1356 -19.17 19.05 24.53
CA LEU A 1356 -17.84 19.51 24.14
C LEU A 1356 -17.47 19.01 22.76
N ILE A 1357 -17.73 17.74 22.46
CA ILE A 1357 -17.45 17.20 21.14
C ILE A 1357 -18.33 17.88 20.10
N ALA A 1358 -19.59 18.11 20.42
CA ALA A 1358 -20.49 18.79 19.48
C ALA A 1358 -19.98 20.18 19.15
N MET A 1359 -19.57 20.94 20.16
CA MET A 1359 -19.05 22.28 19.94
C MET A 1359 -17.74 22.24 19.14
N LEU A 1360 -16.87 21.28 19.45
CA LEU A 1360 -15.62 21.14 18.70
C LEU A 1360 -15.90 20.88 17.23
N PHE A 1361 -16.80 19.93 16.93
CA PHE A 1361 -17.14 19.63 15.55
C PHE A 1361 -17.78 20.82 14.86
N PHE A 1362 -18.66 21.54 15.56
CA PHE A 1362 -19.28 22.74 14.98
C PHE A 1362 -18.23 23.78 14.60
N ILE A 1363 -17.34 24.09 15.53
CA ILE A 1363 -16.34 25.12 15.29
C ILE A 1363 -15.42 24.72 14.13
N TYR A 1364 -14.93 23.48 14.17
CA TYR A 1364 -13.99 23.04 13.13
C TYR A 1364 -14.67 22.91 11.78
N ALA A 1365 -15.94 22.49 11.74
CA ALA A 1365 -16.65 22.43 10.47
C ALA A 1365 -16.86 23.82 9.89
N VAL A 1366 -17.21 24.79 10.72
CA VAL A 1366 -17.39 26.16 10.23
C VAL A 1366 -16.07 26.70 9.68
N ILE A 1367 -14.98 26.50 10.43
CA ILE A 1367 -13.68 26.98 9.97
C ILE A 1367 -13.31 26.29 8.66
N GLY A 1368 -13.53 24.98 8.56
CA GLY A 1368 -13.17 24.25 7.36
C GLY A 1368 -13.95 24.71 6.15
N MET A 1369 -15.26 24.93 6.31
CA MET A 1369 -16.04 25.40 5.16
C MET A 1369 -15.69 26.82 4.80
N GLN A 1370 -15.22 27.62 5.77
CA GLN A 1370 -14.87 28.99 5.46
C GLN A 1370 -13.54 29.10 4.74
N MET A 1371 -12.57 28.24 5.07
CA MET A 1371 -11.23 28.41 4.53
C MET A 1371 -10.83 27.35 3.49
N PHE A 1372 -11.56 26.24 3.39
CA PHE A 1372 -11.33 25.25 2.34
C PHE A 1372 -12.56 25.03 1.47
N GLY A 1373 -13.66 25.72 1.73
CA GLY A 1373 -14.92 25.38 1.09
C GLY A 1373 -14.97 25.65 -0.41
N LYS A 1374 -14.08 26.50 -0.92
CA LYS A 1374 -14.11 26.85 -2.33
C LYS A 1374 -13.54 25.76 -3.23
N VAL A 1375 -12.71 24.86 -2.69
CA VAL A 1375 -12.01 23.89 -3.52
C VAL A 1375 -13.01 23.03 -4.27
N ALA A 1376 -12.72 22.79 -5.55
CA ALA A 1376 -13.62 22.04 -6.41
C ALA A 1376 -13.58 20.55 -6.09
N MET A 1377 -14.51 19.82 -6.70
CA MET A 1377 -14.60 18.37 -6.52
C MET A 1377 -14.11 17.69 -7.80
N ARG A 1378 -12.92 17.13 -7.75
CA ARG A 1378 -12.48 16.25 -8.81
C ARG A 1378 -12.91 14.82 -8.46
N ASP A 1379 -12.71 13.89 -9.40
CA ASP A 1379 -13.12 12.51 -9.17
C ASP A 1379 -11.97 11.60 -8.74
N ASN A 1380 -10.73 11.95 -9.05
CA ASN A 1380 -9.57 11.21 -8.58
C ASN A 1380 -8.88 11.90 -7.41
N ASN A 1381 -9.50 12.92 -6.81
CA ASN A 1381 -8.94 13.66 -5.71
C ASN A 1381 -9.60 13.24 -4.39
N GLN A 1382 -8.93 13.58 -3.29
CA GLN A 1382 -9.49 13.28 -1.97
C GLN A 1382 -10.67 14.18 -1.63
N ILE A 1383 -10.79 15.33 -2.27
CA ILE A 1383 -11.97 16.19 -2.12
C ILE A 1383 -12.82 15.95 -3.36
N ASN A 1384 -13.90 15.19 -3.18
CA ASN A 1384 -14.77 14.81 -4.29
C ASN A 1384 -16.23 15.05 -3.94
N ARG A 1385 -17.14 14.53 -4.76
CA ARG A 1385 -18.57 14.71 -4.50
C ARG A 1385 -18.98 14.15 -3.15
N ASN A 1386 -18.28 13.13 -2.66
CA ASN A 1386 -18.60 12.52 -1.37
C ASN A 1386 -17.89 13.18 -0.21
N ASN A 1387 -16.69 13.72 -0.43
CA ASN A 1387 -15.87 14.32 0.63
C ASN A 1387 -15.57 15.76 0.24
N ASN A 1388 -16.20 16.71 0.92
CA ASN A 1388 -15.98 18.13 0.61
C ASN A 1388 -16.37 18.96 1.82
N PHE A 1389 -15.92 20.22 1.80
CA PHE A 1389 -16.22 21.19 2.84
C PHE A 1389 -17.36 22.13 2.47
N GLN A 1390 -18.07 21.87 1.38
CA GLN A 1390 -18.99 22.86 0.82
C GLN A 1390 -20.28 22.98 1.61
N THR A 1391 -20.60 22.02 2.47
CA THR A 1391 -21.86 22.03 3.19
C THR A 1391 -21.60 21.59 4.63
N PHE A 1392 -22.39 22.14 5.56
CA PHE A 1392 -22.17 21.83 6.97
C PHE A 1392 -22.29 20.34 7.29
N PRO A 1393 -23.34 19.62 6.86
CA PRO A 1393 -23.31 18.16 7.06
C PRO A 1393 -22.13 17.48 6.38
N GLN A 1394 -21.73 17.95 5.20
CA GLN A 1394 -20.59 17.33 4.52
C GLN A 1394 -19.29 17.61 5.25
N ALA A 1395 -19.12 18.85 5.75
CA ALA A 1395 -17.94 19.16 6.55
C ALA A 1395 -17.90 18.32 7.82
N VAL A 1396 -19.05 18.15 8.48
CA VAL A 1396 -19.10 17.34 9.70
C VAL A 1396 -18.79 15.89 9.37
N LEU A 1397 -19.26 15.39 8.22
CA LEU A 1397 -18.94 14.03 7.82
C LEU A 1397 -17.44 13.86 7.55
N LEU A 1398 -16.83 14.85 6.91
CA LEU A 1398 -15.37 14.80 6.70
C LEU A 1398 -14.62 14.82 8.02
N LEU A 1399 -15.08 15.63 8.96
CA LEU A 1399 -14.43 15.69 10.28
C LEU A 1399 -14.59 14.39 11.03
N PHE A 1400 -15.76 13.74 10.90
CA PHE A 1400 -15.95 12.42 11.50
C PHE A 1400 -15.03 11.39 10.86
N ARG A 1401 -14.86 11.48 9.53
CA ARG A 1401 -13.93 10.59 8.83
C ARG A 1401 -12.52 10.75 9.35
N CYS A 1402 -12.09 11.99 9.56
CA CYS A 1402 -10.76 12.23 10.13
C CYS A 1402 -10.69 11.80 11.59
N ALA A 1403 -11.78 11.93 12.33
CA ALA A 1403 -11.81 11.50 13.73
C ALA A 1403 -11.61 9.99 13.84
N THR A 1404 -12.24 9.23 12.95
CA THR A 1404 -11.94 7.80 12.90
C THR A 1404 -10.59 7.51 12.27
N GLY A 1405 -9.91 8.54 11.76
CA GLY A 1405 -8.60 8.38 11.18
C GLY A 1405 -8.60 7.49 9.95
N GLU A 1406 -9.42 7.83 8.96
CA GLU A 1406 -9.52 6.99 7.77
C GLU A 1406 -8.39 7.29 6.80
N ALA A 1407 -8.36 8.51 6.26
CA ALA A 1407 -7.29 8.96 5.38
C ALA A 1407 -6.99 10.43 5.62
N TRP A 1408 -6.92 10.83 6.90
CA TRP A 1408 -6.85 12.25 7.23
C TRP A 1408 -5.63 12.93 6.62
N GLN A 1409 -4.50 12.21 6.50
CA GLN A 1409 -3.31 12.82 5.92
C GLN A 1409 -3.49 13.07 4.43
N GLU A 1410 -4.21 12.20 3.72
CA GLU A 1410 -4.50 12.41 2.32
C GLU A 1410 -5.50 13.53 2.09
N ILE A 1411 -6.43 13.75 3.02
CA ILE A 1411 -7.28 14.93 2.97
C ILE A 1411 -6.45 16.18 3.20
N MET A 1412 -5.54 16.13 4.17
CA MET A 1412 -4.68 17.29 4.46
C MET A 1412 -3.84 17.67 3.27
N LEU A 1413 -3.26 16.68 2.57
CA LEU A 1413 -2.46 16.95 1.38
C LEU A 1413 -3.27 17.50 0.23
N ALA A 1414 -4.60 17.39 0.25
CA ALA A 1414 -5.45 17.87 -0.83
C ALA A 1414 -5.98 19.27 -0.58
N CYS A 1415 -5.55 19.93 0.50
CA CYS A 1415 -6.02 21.27 0.83
C CYS A 1415 -4.89 22.31 0.75
N LEU A 1416 -3.76 21.96 0.13
CA LEU A 1416 -2.64 22.87 0.00
C LEU A 1416 -2.94 23.94 -1.06
N PRO A 1417 -2.19 25.05 -1.06
CA PRO A 1417 -2.54 26.17 -1.96
C PRO A 1417 -2.67 25.81 -3.42
N GLY A 1418 -1.84 24.90 -3.94
CA GLY A 1418 -1.89 24.60 -5.36
C GLY A 1418 -3.03 23.69 -5.77
N LYS A 1419 -4.26 24.19 -5.74
CA LYS A 1419 -5.42 23.39 -6.07
C LYS A 1419 -6.38 24.17 -6.96
N LEU A 1420 -7.16 23.44 -7.74
CA LEU A 1420 -8.20 24.02 -8.58
C LEU A 1420 -9.52 24.05 -7.83
N CYS A 1421 -10.26 25.14 -7.99
CA CYS A 1421 -11.57 25.29 -7.38
C CYS A 1421 -12.58 25.78 -8.42
N ASP A 1422 -13.85 25.49 -8.12
CA ASP A 1422 -14.89 25.47 -9.13
C ASP A 1422 -15.15 26.87 -9.69
N PRO A 1423 -15.51 26.99 -10.96
CA PRO A 1423 -15.84 28.30 -11.52
C PRO A 1423 -17.07 28.93 -10.89
N GLU A 1424 -17.85 28.18 -10.11
CA GLU A 1424 -19.03 28.75 -9.47
C GLU A 1424 -18.64 29.86 -8.50
N SER A 1425 -17.54 29.69 -7.78
CA SER A 1425 -17.03 30.76 -6.93
C SER A 1425 -16.48 31.90 -7.77
N ASP A 1426 -16.60 33.12 -7.25
CA ASP A 1426 -16.16 34.30 -7.95
C ASP A 1426 -14.71 34.63 -7.58
N TYR A 1427 -13.89 34.91 -8.59
CA TYR A 1427 -12.49 35.26 -8.37
C TYR A 1427 -11.98 35.99 -9.61
N ASN A 1428 -10.82 36.62 -9.46
CA ASN A 1428 -10.22 37.33 -10.57
C ASN A 1428 -9.78 36.35 -11.65
N PRO A 1429 -10.10 36.62 -12.93
CA PRO A 1429 -9.65 35.74 -14.01
C PRO A 1429 -8.14 35.62 -14.04
N GLY A 1430 -7.67 34.46 -14.52
CA GLY A 1430 -6.25 34.18 -14.56
C GLY A 1430 -5.76 33.43 -13.34
N GLU A 1431 -5.88 34.06 -12.17
CA GLU A 1431 -5.50 33.41 -10.91
C GLU A 1431 -6.62 32.44 -10.53
N GLU A 1432 -6.47 31.19 -10.97
CA GLU A 1432 -7.46 30.16 -10.71
C GLU A 1432 -7.00 29.07 -9.76
N TYR A 1433 -5.70 28.96 -9.51
CA TYR A 1433 -5.13 27.91 -8.65
C TYR A 1433 -4.68 28.47 -7.33
N THR A 1434 -5.12 29.68 -6.97
CA THR A 1434 -4.69 30.32 -5.74
C THR A 1434 -5.47 29.86 -4.51
N CYS A 1435 -6.67 29.35 -4.71
CA CYS A 1435 -7.48 28.83 -3.61
C CYS A 1435 -6.86 27.57 -3.01
N GLY A 1436 -6.96 27.47 -1.69
CA GLY A 1436 -6.20 26.51 -0.92
C GLY A 1436 -5.22 27.23 0.00
N SER A 1437 -5.03 26.73 1.22
CA SER A 1437 -4.27 27.46 2.23
C SER A 1437 -3.21 26.57 2.86
N ASN A 1438 -2.13 27.21 3.32
CA ASN A 1438 -1.04 26.51 4.00
C ASN A 1438 -1.38 26.14 5.44
N PHE A 1439 -2.49 26.64 5.98
CA PHE A 1439 -2.88 26.36 7.35
C PHE A 1439 -3.52 24.99 7.51
N ALA A 1440 -3.65 24.22 6.42
CA ALA A 1440 -4.31 22.92 6.50
C ALA A 1440 -3.55 21.97 7.41
N ILE A 1441 -2.22 22.04 7.40
CA ILE A 1441 -1.42 21.14 8.24
C ILE A 1441 -1.77 21.33 9.70
N VAL A 1442 -1.71 22.58 10.17
CA VAL A 1442 -2.00 22.84 11.58
C VAL A 1442 -3.46 22.59 11.88
N TYR A 1443 -4.36 22.92 10.94
CA TYR A 1443 -5.77 22.66 11.14
C TYR A 1443 -6.03 21.18 11.41
N PHE A 1444 -5.53 20.31 10.54
CA PHE A 1444 -5.81 18.88 10.66
C PHE A 1444 -5.09 18.27 11.85
N ILE A 1445 -3.83 18.66 12.10
CA ILE A 1445 -3.10 18.08 13.22
C ILE A 1445 -3.73 18.49 14.54
N SER A 1446 -4.07 19.78 14.70
CA SER A 1446 -4.72 20.23 15.92
C SER A 1446 -6.07 19.57 16.10
N PHE A 1447 -6.84 19.42 15.01
CA PHE A 1447 -8.13 18.75 15.13
C PHE A 1447 -7.97 17.31 15.58
N TYR A 1448 -6.98 16.60 15.02
CA TYR A 1448 -6.78 15.21 15.42
C TYR A 1448 -6.40 15.11 16.88
N MET A 1449 -5.48 15.96 17.34
CA MET A 1449 -5.07 15.92 18.75
C MET A 1449 -6.23 16.27 19.67
N LEU A 1450 -7.01 17.30 19.33
CA LEU A 1450 -8.14 17.69 20.17
C LEU A 1450 -9.21 16.61 20.19
N CYS A 1451 -9.42 15.97 19.05
CA CYS A 1451 -10.41 14.91 18.94
C CYS A 1451 -10.01 13.70 19.79
N ALA A 1452 -8.70 13.46 19.88
CA ALA A 1452 -8.19 12.35 20.67
C ALA A 1452 -8.16 12.69 22.15
N PHE A 1453 -8.14 13.99 22.44
CA PHE A 1453 -8.13 14.46 23.82
C PHE A 1453 -9.53 14.49 24.39
N LEU A 1454 -10.52 14.69 23.52
CA LEU A 1454 -11.91 14.72 23.94
C LEU A 1454 -12.50 13.31 23.93
N ILE A 1455 -11.77 12.37 23.35
CA ILE A 1455 -12.18 10.98 23.33
C ILE A 1455 -11.73 10.30 24.62
N ILE A 1456 -10.79 10.93 25.32
CA ILE A 1456 -10.29 10.44 26.59
C ILE A 1456 -11.27 10.83 27.69
N ASN A 1457 -12.05 11.87 27.42
CA ASN A 1457 -13.05 12.31 28.38
C ASN A 1457 -14.24 11.36 28.36
N LEU A 1458 -14.28 10.47 27.38
CA LEU A 1458 -15.34 9.49 27.29
C LEU A 1458 -14.92 8.16 27.94
N PHE A 1459 -13.73 8.16 28.53
CA PHE A 1459 -13.19 7.00 29.21
C PHE A 1459 -12.97 7.31 30.68
N VAL A 1460 -12.91 8.60 30.99
CA VAL A 1460 -12.72 9.08 32.35
C VAL A 1460 -13.99 9.74 32.86
N ALA A 1461 -15.08 9.60 32.12
CA ALA A 1461 -16.35 10.20 32.52
C ALA A 1461 -17.56 9.51 31.90
N VAL A 1462 -17.42 8.23 31.58
CA VAL A 1462 -18.51 7.48 30.99
C VAL A 1462 -18.35 5.98 31.25
N ILE A 1463 -17.18 5.59 31.75
CA ILE A 1463 -16.91 4.19 32.04
C ILE A 1463 -16.23 4.05 33.40
N MET A 1464 -15.39 5.03 33.74
CA MET A 1464 -14.69 5.01 35.01
C MET A 1464 -15.49 5.75 36.07
N ASP A 1465 -16.64 6.28 35.68
CA ASP A 1465 -17.53 7.00 36.59
C ASP A 1465 -18.26 6.01 37.47
N ASN A 1466 -18.46 4.80 36.96
CA ASN A 1466 -19.16 3.74 37.67
C ASN A 1466 -18.28 2.50 37.85
N PHE A 1467 -17.57 2.45 38.98
CA PHE A 1467 -16.69 1.31 39.28
C PHE A 1467 -17.40 0.20 40.02
N ASP A 1468 -18.66 0.45 40.36
CA ASP A 1468 -19.46 -0.53 41.09
C ASP A 1468 -19.78 -1.75 40.23
N TYR A 1469 -19.27 -1.76 39.00
CA TYR A 1469 -19.54 -2.87 38.10
C TYR A 1469 -18.24 -3.49 37.58
N LEU A 1470 -17.18 -2.69 37.44
CA LEU A 1470 -15.91 -3.23 36.96
C LEU A 1470 -15.39 -4.32 37.89
N THR A 1471 -15.29 -4.02 39.19
CA THR A 1471 -15.01 -5.02 40.20
C THR A 1471 -16.30 -5.44 40.90
N ARG A 1472 -17.21 -6.03 40.12
CA ARG A 1472 -18.53 -6.36 40.64
C ARG A 1472 -18.44 -7.40 41.76
N ASP A 1473 -17.62 -8.44 41.56
CA ASP A 1473 -17.46 -9.52 42.53
C ASP A 1473 -18.82 -10.18 42.84
N TRP A 1474 -19.37 -10.81 41.79
CA TRP A 1474 -20.68 -11.42 41.88
C TRP A 1474 -20.75 -12.48 42.97
N SER A 1475 -19.62 -13.08 43.32
CA SER A 1475 -19.63 -14.26 44.20
C SER A 1475 -20.14 -13.92 45.59
N ILE A 1476 -19.68 -12.81 46.17
CA ILE A 1476 -19.94 -12.54 47.58
C ILE A 1476 -21.24 -11.78 47.79
N LEU A 1477 -21.38 -10.58 47.22
CA LEU A 1477 -22.56 -9.77 47.47
C LEU A 1477 -22.72 -8.76 46.34
N GLY A 1478 -23.92 -8.17 46.28
CA GLY A 1478 -24.23 -7.18 45.27
C GLY A 1478 -25.73 -6.88 45.24
N PRO A 1479 -26.18 -6.20 44.18
CA PRO A 1479 -27.60 -5.89 44.04
C PRO A 1479 -28.41 -7.02 43.42
N HIS A 1480 -27.76 -8.01 42.81
CA HIS A 1480 -28.48 -9.12 42.21
C HIS A 1480 -29.26 -9.91 43.26
N HIS A 1481 -28.66 -10.10 44.43
CA HIS A 1481 -29.35 -10.78 45.52
C HIS A 1481 -30.62 -10.03 45.93
N LEU A 1482 -30.52 -8.70 46.06
CA LEU A 1482 -31.69 -7.91 46.42
C LEU A 1482 -32.75 -7.97 45.34
N ASP A 1483 -32.35 -7.91 44.06
CA ASP A 1483 -33.32 -7.99 42.97
C ASP A 1483 -34.03 -9.33 42.98
N GLU A 1484 -33.29 -10.43 43.15
CA GLU A 1484 -33.89 -11.75 43.16
C GLU A 1484 -34.82 -11.92 44.35
N PHE A 1485 -34.42 -11.42 45.53
CA PHE A 1485 -35.27 -11.51 46.70
C PHE A 1485 -36.55 -10.71 46.51
N LYS A 1486 -36.45 -9.51 45.92
CA LYS A 1486 -37.65 -8.72 45.65
C LYS A 1486 -38.57 -9.42 44.66
N ARG A 1487 -38.00 -10.03 43.62
CA ARG A 1487 -38.83 -10.74 42.65
C ARG A 1487 -39.54 -11.94 43.29
N ILE A 1488 -38.82 -12.69 44.14
CA ILE A 1488 -39.45 -13.82 44.82
C ILE A 1488 -40.53 -13.33 45.78
N TRP A 1489 -40.28 -12.20 46.44
CA TRP A 1489 -41.28 -11.62 47.34
C TRP A 1489 -42.54 -11.23 46.56
N SER A 1490 -42.36 -10.63 45.39
CA SER A 1490 -43.49 -10.24 44.55
C SER A 1490 -44.12 -11.40 43.80
N GLU A 1491 -43.50 -12.58 43.83
CA GLU A 1491 -44.10 -13.74 43.17
C GLU A 1491 -45.44 -14.10 43.80
N TYR A 1492 -45.53 -14.09 45.12
CA TYR A 1492 -46.76 -14.41 45.82
C TYR A 1492 -47.65 -13.19 46.03
N ASP A 1493 -47.16 -11.99 45.73
CA ASP A 1493 -47.90 -10.75 45.98
C ASP A 1493 -48.34 -10.13 44.67
N PRO A 1494 -49.64 -10.00 44.41
CA PRO A 1494 -50.07 -9.32 43.17
C PRO A 1494 -49.55 -7.89 43.07
N GLU A 1495 -49.47 -7.17 44.19
CA GLU A 1495 -48.89 -5.85 44.25
C GLU A 1495 -47.94 -5.80 45.43
N ALA A 1496 -47.45 -4.60 45.76
CA ALA A 1496 -46.53 -4.45 46.88
C ALA A 1496 -47.21 -4.86 48.19
N LYS A 1497 -48.26 -4.14 48.58
CA LYS A 1497 -49.06 -4.42 49.78
C LYS A 1497 -48.26 -4.29 51.07
N GLY A 1498 -46.97 -3.96 50.97
CA GLY A 1498 -46.16 -3.71 52.15
C GLY A 1498 -45.82 -4.95 52.96
N ARG A 1499 -46.83 -5.67 53.43
CA ARG A 1499 -46.64 -6.78 54.36
C ARG A 1499 -47.20 -8.07 53.78
N ILE A 1500 -46.66 -9.19 54.26
CA ILE A 1500 -47.11 -10.52 53.88
C ILE A 1500 -47.31 -11.35 55.14
N LYS A 1501 -47.87 -12.55 54.95
CA LYS A 1501 -48.15 -13.46 56.03
C LYS A 1501 -46.91 -14.28 56.38
N HIS A 1502 -46.82 -14.69 57.65
CA HIS A 1502 -45.67 -15.46 58.12
C HIS A 1502 -45.74 -16.93 57.75
N LEU A 1503 -46.89 -17.41 57.25
CA LEU A 1503 -47.00 -18.82 56.89
C LEU A 1503 -46.08 -19.17 55.73
N ASP A 1504 -45.97 -18.27 54.75
CA ASP A 1504 -45.17 -18.51 53.56
C ASP A 1504 -43.71 -18.12 53.72
N VAL A 1505 -43.30 -17.66 54.91
CA VAL A 1505 -41.91 -17.25 55.11
C VAL A 1505 -40.97 -18.43 54.97
N VAL A 1506 -41.39 -19.62 55.41
CA VAL A 1506 -40.55 -20.81 55.29
C VAL A 1506 -40.26 -21.10 53.82
N THR A 1507 -41.31 -21.09 52.99
CA THR A 1507 -41.12 -21.32 51.56
C THR A 1507 -40.30 -20.20 50.93
N LEU A 1508 -40.52 -18.96 51.36
CA LEU A 1508 -39.76 -17.83 50.83
C LEU A 1508 -38.27 -17.99 51.10
N LEU A 1509 -37.92 -18.39 52.33
CA LEU A 1509 -36.51 -18.57 52.68
C LEU A 1509 -35.94 -19.82 52.03
N ARG A 1510 -36.77 -20.83 51.76
CA ARG A 1510 -36.28 -22.02 51.08
C ARG A 1510 -36.05 -21.77 49.60
N ARG A 1511 -36.79 -20.83 49.01
CA ARG A 1511 -36.70 -20.56 47.57
C ARG A 1511 -35.61 -19.56 47.22
N ILE A 1512 -34.59 -19.42 48.06
CA ILE A 1512 -33.47 -18.52 47.80
C ILE A 1512 -32.24 -19.35 47.49
N GLN A 1513 -31.33 -18.78 46.71
CA GLN A 1513 -30.12 -19.47 46.33
C GLN A 1513 -29.25 -19.71 47.57
N PRO A 1514 -28.45 -20.78 47.56
CA PRO A 1514 -27.60 -21.10 48.73
C PRO A 1514 -26.67 -19.96 49.11
N PRO A 1515 -26.09 -19.22 48.15
CA PRO A 1515 -25.25 -18.07 48.56
C PRO A 1515 -26.01 -17.02 49.35
N LEU A 1516 -27.29 -16.82 49.09
CA LEU A 1516 -28.07 -15.80 49.77
C LEU A 1516 -29.02 -16.35 50.83
N GLY A 1517 -29.66 -17.49 50.55
CA GLY A 1517 -30.61 -18.05 51.49
C GLY A 1517 -30.04 -19.12 52.38
N PHE A 1518 -30.46 -20.37 52.17
CA PHE A 1518 -30.01 -21.50 52.96
C PHE A 1518 -29.52 -22.60 52.03
N GLY A 1519 -28.63 -23.43 52.57
CA GLY A 1519 -28.07 -24.52 51.80
C GLY A 1519 -29.07 -25.63 51.54
N LYS A 1520 -28.64 -26.60 50.73
CA LYS A 1520 -29.48 -27.72 50.36
C LYS A 1520 -29.78 -28.65 51.53
N LEU A 1521 -29.10 -28.48 52.66
CA LEU A 1521 -29.32 -29.33 53.83
C LEU A 1521 -30.71 -29.06 54.41
N CYS A 1522 -31.04 -29.81 55.46
CA CYS A 1522 -32.35 -29.69 56.09
C CYS A 1522 -32.51 -28.31 56.72
N PRO A 1523 -33.58 -27.58 56.43
CA PRO A 1523 -33.78 -26.26 57.05
C PRO A 1523 -34.19 -26.32 58.50
N HIS A 1524 -34.56 -27.50 59.02
CA HIS A 1524 -35.00 -27.61 60.40
C HIS A 1524 -33.88 -27.33 61.39
N ARG A 1525 -32.62 -27.51 60.98
CA ARG A 1525 -31.48 -27.32 61.86
C ARG A 1525 -30.90 -25.92 61.81
N VAL A 1526 -30.89 -25.28 60.64
CA VAL A 1526 -30.25 -23.99 60.45
C VAL A 1526 -31.27 -22.87 60.31
N ALA A 1527 -32.24 -23.03 59.40
CA ALA A 1527 -33.17 -21.95 59.12
C ALA A 1527 -34.05 -21.62 60.32
N CYS A 1528 -34.62 -22.64 60.96
CA CYS A 1528 -35.54 -22.40 62.07
C CYS A 1528 -34.84 -21.71 63.24
N LYS A 1529 -33.63 -22.16 63.59
CA LYS A 1529 -32.91 -21.55 64.69
C LYS A 1529 -32.39 -20.17 64.32
N ARG A 1530 -31.96 -19.99 63.06
CA ARG A 1530 -31.40 -18.71 62.64
C ARG A 1530 -32.48 -17.63 62.60
N LEU A 1531 -33.69 -17.98 62.14
CA LEU A 1531 -34.75 -16.98 62.05
C LEU A 1531 -35.20 -16.51 63.43
N VAL A 1532 -35.20 -17.42 64.41
CA VAL A 1532 -35.63 -17.05 65.75
C VAL A 1532 -34.52 -16.32 66.50
N ALA A 1533 -33.28 -16.79 66.40
CA ALA A 1533 -32.19 -16.18 67.15
C ALA A 1533 -31.92 -14.75 66.71
N MET A 1534 -31.92 -14.51 65.41
CA MET A 1534 -31.63 -13.18 64.89
C MET A 1534 -32.76 -12.20 65.23
N ASN A 1535 -32.40 -10.93 65.34
CA ASN A 1535 -33.37 -9.91 65.73
C ASN A 1535 -34.38 -9.68 64.62
N MET A 1536 -35.65 -9.65 64.99
CA MET A 1536 -36.74 -9.36 64.07
C MET A 1536 -37.68 -8.35 64.70
N PRO A 1537 -38.34 -7.52 63.88
CA PRO A 1537 -39.26 -6.53 64.45
C PRO A 1537 -40.45 -7.20 65.12
N LEU A 1538 -40.96 -6.55 66.17
CA LEU A 1538 -42.08 -7.07 66.94
C LEU A 1538 -43.39 -6.64 66.28
N ASN A 1539 -43.66 -7.27 65.14
CA ASN A 1539 -44.88 -6.99 64.38
C ASN A 1539 -45.94 -8.03 64.73
N SER A 1540 -47.04 -8.02 63.99
CA SER A 1540 -48.14 -8.94 64.27
C SER A 1540 -47.79 -10.35 63.78
N ASP A 1541 -48.75 -11.26 63.93
CA ASP A 1541 -48.51 -12.65 63.55
C ASP A 1541 -48.26 -12.80 62.06
N GLY A 1542 -49.04 -12.10 61.23
CA GLY A 1542 -48.93 -12.29 59.79
C GLY A 1542 -48.83 -11.02 58.98
N THR A 1543 -48.21 -9.97 59.56
CA THR A 1543 -47.96 -8.72 58.85
C THR A 1543 -46.52 -8.31 59.13
N VAL A 1544 -45.63 -8.65 58.20
CA VAL A 1544 -44.22 -8.26 58.27
C VAL A 1544 -43.86 -7.53 56.99
N MET A 1545 -43.28 -6.34 57.12
CA MET A 1545 -42.99 -5.51 55.97
C MET A 1545 -41.78 -6.04 55.20
N PHE A 1546 -41.74 -5.70 53.90
CA PHE A 1546 -40.62 -6.14 53.07
C PHE A 1546 -39.31 -5.53 53.52
N ASN A 1547 -39.34 -4.26 53.96
CA ASN A 1547 -38.13 -3.64 54.49
C ASN A 1547 -37.73 -4.22 55.84
N ALA A 1548 -38.64 -4.88 56.53
CA ALA A 1548 -38.32 -5.57 57.78
C ALA A 1548 -37.70 -6.94 57.54
N THR A 1549 -37.66 -7.41 56.30
CA THR A 1549 -37.04 -8.69 55.95
C THR A 1549 -35.79 -8.53 55.11
N LEU A 1550 -35.82 -7.63 54.11
CA LEU A 1550 -34.64 -7.41 53.29
C LEU A 1550 -33.50 -6.83 54.13
N PHE A 1551 -33.82 -5.93 55.05
CA PHE A 1551 -32.81 -5.39 55.94
C PHE A 1551 -32.25 -6.47 56.86
N ALA A 1552 -33.11 -7.37 57.34
CA ALA A 1552 -32.64 -8.47 58.16
C ALA A 1552 -31.69 -9.38 57.39
N LEU A 1553 -32.03 -9.69 56.14
CA LEU A 1553 -31.15 -10.50 55.31
C LEU A 1553 -29.82 -9.79 55.05
N VAL A 1554 -29.87 -8.47 54.82
CA VAL A 1554 -28.64 -7.72 54.62
C VAL A 1554 -27.76 -7.77 55.87
N ARG A 1555 -28.37 -7.59 57.04
CA ARG A 1555 -27.62 -7.66 58.28
C ARG A 1555 -27.02 -9.04 58.50
N THR A 1556 -27.78 -10.10 58.20
CA THR A 1556 -27.29 -11.45 58.38
C THR A 1556 -26.17 -11.79 57.40
N ALA A 1557 -26.20 -11.19 56.20
CA ALA A 1557 -25.23 -11.55 55.18
C ALA A 1557 -23.81 -11.16 55.60
N LEU A 1558 -23.63 -9.93 56.06
CA LEU A 1558 -22.30 -9.42 56.40
C LEU A 1558 -22.32 -8.74 57.76
N LYS A 1559 -21.20 -8.89 58.48
CA LYS A 1559 -20.94 -8.28 59.79
C LYS A 1559 -22.19 -8.28 60.68
N ILE A 1560 -22.70 -9.48 60.92
CA ILE A 1560 -23.82 -9.64 61.83
C ILE A 1560 -23.35 -9.35 63.25
N LYS A 1561 -24.14 -8.57 63.99
CA LYS A 1561 -23.78 -8.13 65.32
C LYS A 1561 -24.66 -8.80 66.36
N THR A 1562 -24.12 -8.91 67.58
CA THR A 1562 -24.82 -9.58 68.67
C THR A 1562 -25.98 -8.71 69.16
N GLU A 1563 -26.86 -9.33 69.94
CA GLU A 1563 -28.00 -8.62 70.49
C GLU A 1563 -27.55 -7.59 71.53
N GLY A 1564 -28.37 -6.56 71.71
CA GLY A 1564 -28.08 -5.48 72.63
C GLY A 1564 -27.35 -4.31 71.98
N ASN A 1565 -26.36 -4.60 71.15
CA ASN A 1565 -25.61 -3.58 70.43
C ASN A 1565 -26.26 -3.21 69.10
N LEU A 1566 -27.57 -3.46 68.96
CA LEU A 1566 -28.25 -3.17 67.70
C LEU A 1566 -28.31 -1.67 67.41
N GLU A 1567 -28.26 -0.84 68.45
CA GLU A 1567 -28.29 0.61 68.24
C GLU A 1567 -27.04 1.13 67.56
N GLN A 1568 -25.92 0.41 67.66
CA GLN A 1568 -24.70 0.82 66.97
C GLN A 1568 -24.90 0.83 65.47
N ALA A 1569 -25.60 -0.18 64.93
CA ALA A 1569 -25.87 -0.20 63.49
C ALA A 1569 -26.77 0.96 63.08
N ASN A 1570 -27.80 1.25 63.89
CA ASN A 1570 -28.68 2.38 63.58
C ASN A 1570 -27.89 3.69 63.59
N GLU A 1571 -27.01 3.86 64.56
CA GLU A 1571 -26.17 5.05 64.61
C GLU A 1571 -25.26 5.13 63.39
N GLU A 1572 -24.70 3.99 62.98
CA GLU A 1572 -23.82 3.97 61.82
C GLU A 1572 -24.57 4.37 60.55
N LEU A 1573 -25.79 3.85 60.36
CA LEU A 1573 -26.58 4.25 59.21
C LEU A 1573 -26.98 5.71 59.27
N ARG A 1574 -27.32 6.21 60.47
CA ARG A 1574 -27.73 7.60 60.59
C ARG A 1574 -26.57 8.59 60.57
N ALA A 1575 -25.32 8.11 60.67
CA ALA A 1575 -24.16 9.00 60.68
C ALA A 1575 -23.22 8.81 59.50
N VAL A 1576 -23.27 7.68 58.80
CA VAL A 1576 -22.40 7.40 57.66
C VAL A 1576 -23.20 7.32 56.37
N ILE A 1577 -24.24 6.47 56.35
CA ILE A 1577 -25.10 6.38 55.17
C ILE A 1577 -25.88 7.68 55.00
N LYS A 1578 -26.47 7.85 53.81
CA LYS A 1578 -27.19 9.06 53.48
C LYS A 1578 -28.45 9.19 54.35
N LYS A 1579 -29.19 10.27 54.13
CA LYS A 1579 -30.32 10.61 54.98
C LYS A 1579 -31.34 9.48 55.02
N ILE A 1580 -31.80 9.16 56.24
CA ILE A 1580 -32.77 8.09 56.42
C ILE A 1580 -34.17 8.50 55.97
N TRP A 1581 -34.47 9.80 55.96
CA TRP A 1581 -35.81 10.30 55.60
C TRP A 1581 -36.88 9.69 56.50
N LYS A 1582 -36.55 9.49 57.77
CA LYS A 1582 -37.46 8.91 58.75
C LYS A 1582 -38.01 7.56 58.30
N LYS A 1583 -37.11 6.72 57.76
CA LYS A 1583 -37.47 5.38 57.33
C LYS A 1583 -36.99 4.29 58.28
N THR A 1584 -36.07 4.61 59.18
CA THR A 1584 -35.52 3.63 60.11
C THR A 1584 -36.29 3.57 61.42
N SER A 1585 -37.43 4.27 61.53
CA SER A 1585 -38.20 4.24 62.76
C SER A 1585 -38.66 2.83 63.08
N MET A 1586 -39.17 2.09 62.08
CA MET A 1586 -39.52 0.69 62.30
C MET A 1586 -38.28 -0.19 62.27
N LYS A 1587 -37.30 0.16 61.43
CA LYS A 1587 -36.09 -0.64 61.29
C LYS A 1587 -35.22 -0.65 62.54
N LEU A 1588 -35.49 0.25 63.50
CA LEU A 1588 -34.70 0.26 64.73
C LEU A 1588 -34.83 -1.05 65.48
N LEU A 1589 -36.04 -1.60 65.55
CA LEU A 1589 -36.28 -2.86 66.23
C LEU A 1589 -35.97 -4.04 65.31
N PHE B 27 -36.66 -35.01 -74.56
CA PHE B 27 -35.35 -34.43 -74.76
C PHE B 27 -34.92 -34.57 -76.22
N PRO B 28 -34.71 -33.45 -76.89
CA PRO B 28 -34.34 -33.50 -78.32
C PRO B 28 -32.99 -34.13 -78.55
N SER B 29 -32.83 -34.70 -79.74
CA SER B 29 -31.63 -35.45 -80.09
C SER B 29 -30.42 -34.52 -80.17
N ALA B 30 -29.24 -35.16 -80.25
CA ALA B 30 -28.00 -34.40 -80.37
C ALA B 30 -27.94 -33.64 -81.69
N VAL B 31 -28.47 -34.23 -82.76
CA VAL B 31 -28.47 -33.56 -84.06
C VAL B 31 -29.35 -32.31 -84.02
N THR B 32 -30.52 -32.41 -83.38
CA THR B 32 -31.45 -31.29 -83.37
C THR B 32 -31.00 -30.16 -82.44
N ILE B 33 -30.07 -30.43 -81.54
CA ILE B 33 -29.54 -29.38 -80.65
C ILE B 33 -28.25 -28.83 -81.25
N LYS B 34 -27.53 -29.67 -82.01
CA LYS B 34 -26.34 -29.18 -82.69
C LYS B 34 -26.70 -28.18 -83.78
N SER B 35 -27.81 -28.41 -84.48
CA SER B 35 -28.25 -27.46 -85.49
C SER B 35 -28.89 -26.22 -84.86
N TRP B 36 -29.53 -26.38 -83.69
CA TRP B 36 -30.14 -25.23 -83.03
C TRP B 36 -29.10 -24.21 -82.62
N VAL B 37 -27.97 -24.67 -82.07
CA VAL B 37 -26.90 -23.76 -81.69
C VAL B 37 -26.11 -23.30 -82.91
N ASP B 38 -26.16 -24.06 -84.02
CA ASP B 38 -25.47 -23.64 -85.22
C ASP B 38 -26.05 -22.35 -85.78
N LYS B 39 -27.38 -22.21 -85.72
CA LYS B 39 -28.01 -20.99 -86.21
C LYS B 39 -27.60 -19.77 -85.38
N MET B 40 -27.56 -19.93 -84.05
CA MET B 40 -27.29 -18.77 -83.20
C MET B 40 -25.82 -18.36 -83.23
N GLN B 41 -24.91 -19.31 -83.46
CA GLN B 41 -23.49 -18.95 -83.49
C GLN B 41 -23.16 -18.17 -84.75
N GLU B 42 -23.91 -18.39 -85.83
CA GLU B 42 -23.79 -17.51 -86.99
C GLU B 42 -24.41 -16.16 -86.73
N ASP B 43 -25.51 -16.10 -85.98
CA ASP B 43 -26.14 -14.82 -85.67
C ASP B 43 -25.22 -13.95 -84.83
N LEU B 44 -24.55 -14.53 -83.83
CA LEU B 44 -23.70 -13.74 -82.95
C LEU B 44 -22.41 -13.31 -83.65
N VAL B 45 -21.77 -14.23 -84.38
CA VAL B 45 -20.50 -13.92 -85.01
C VAL B 45 -20.68 -12.90 -86.12
N THR B 46 -21.69 -13.08 -86.97
CA THR B 46 -21.90 -12.17 -88.09
C THR B 46 -22.24 -10.77 -87.60
N LEU B 47 -23.05 -10.67 -86.54
CA LEU B 47 -23.40 -9.37 -86.00
C LEU B 47 -22.16 -8.63 -85.50
N ALA B 48 -21.28 -9.33 -84.79
CA ALA B 48 -20.07 -8.70 -84.28
C ALA B 48 -19.06 -8.46 -85.39
N LYS B 49 -18.99 -9.36 -86.36
CA LYS B 49 -18.02 -9.22 -87.45
C LYS B 49 -18.33 -7.99 -88.29
N THR B 50 -19.60 -7.75 -88.60
CA THR B 50 -19.97 -6.68 -89.51
C THR B 50 -20.17 -5.34 -88.81
N ALA B 51 -20.86 -5.33 -87.67
CA ALA B 51 -21.10 -4.06 -86.98
C ALA B 51 -19.80 -3.42 -86.51
N SER B 52 -18.94 -4.20 -85.85
CA SER B 52 -17.65 -3.67 -85.41
C SER B 52 -16.75 -3.36 -86.60
N GLY B 53 -16.77 -4.22 -87.62
CA GLY B 53 -15.93 -4.01 -88.78
C GLY B 53 -14.49 -4.41 -88.55
N VAL B 54 -14.28 -5.68 -88.20
CA VAL B 54 -12.92 -6.16 -87.91
C VAL B 54 -12.06 -6.08 -89.16
N ASN B 55 -12.60 -6.53 -90.30
CA ASN B 55 -11.81 -6.53 -91.53
C ASN B 55 -11.60 -5.12 -92.07
N GLN B 56 -12.52 -4.20 -91.76
CA GLN B 56 -12.35 -2.82 -92.21
C GLN B 56 -11.12 -2.17 -91.57
N LEU B 57 -10.92 -2.40 -90.27
CA LEU B 57 -9.74 -1.85 -89.61
C LEU B 57 -8.46 -2.49 -90.13
N VAL B 58 -8.51 -3.79 -90.43
CA VAL B 58 -7.34 -4.45 -91.00
C VAL B 58 -6.98 -3.83 -92.35
N ASP B 59 -7.99 -3.53 -93.16
CA ASP B 59 -7.73 -2.89 -94.45
C ASP B 59 -7.11 -1.52 -94.27
N ILE B 60 -7.60 -0.74 -93.30
CA ILE B 60 -7.10 0.61 -93.09
C ILE B 60 -5.62 0.58 -92.72
N TYR B 61 -5.22 -0.33 -91.83
CA TYR B 61 -3.81 -0.46 -91.47
C TYR B 61 -2.98 -0.86 -92.68
N GLU B 62 -3.48 -1.79 -93.49
CA GLU B 62 -2.76 -2.21 -94.69
C GLU B 62 -2.90 -1.21 -95.83
N LYS B 63 -3.90 -0.34 -95.81
CA LYS B 63 -4.12 0.59 -96.91
C LYS B 63 -2.97 1.58 -97.05
N TYR B 64 -2.47 2.09 -95.93
CA TYR B 64 -1.46 3.14 -96.00
C TYR B 64 -0.04 2.57 -95.98
N GLN B 65 0.32 1.88 -94.91
CA GLN B 65 1.60 1.18 -94.76
C GLN B 65 2.81 2.10 -94.95
N ASP B 66 2.59 3.41 -95.04
CA ASP B 66 3.67 4.36 -95.23
C ASP B 66 3.73 5.43 -94.14
N LEU B 67 2.64 5.68 -93.41
CA LEU B 67 2.68 6.60 -92.29
C LEU B 67 3.42 6.01 -91.09
N TYR B 68 3.77 4.73 -91.14
CA TYR B 68 4.44 4.05 -90.04
C TYR B 68 5.42 3.03 -90.60
N THR B 69 6.31 2.57 -89.74
CA THR B 69 7.25 1.52 -90.07
C THR B 69 7.24 0.45 -88.98
N VAL B 70 7.53 -0.78 -89.38
CA VAL B 70 7.52 -1.91 -88.45
C VAL B 70 8.94 -2.12 -87.95
N GLU B 71 9.11 -2.07 -86.64
CA GLU B 71 10.42 -2.22 -86.02
C GLU B 71 10.45 -3.50 -85.18
N PRO B 72 11.59 -4.19 -85.13
CA PRO B 72 11.68 -5.41 -84.33
C PRO B 72 11.82 -5.09 -82.85
N ASN B 73 11.46 -6.07 -82.02
CA ASN B 73 11.44 -5.93 -80.58
C ASN B 73 12.34 -7.02 -80.00
N ASN B 74 13.63 -6.72 -79.91
CA ASN B 74 14.62 -7.70 -79.47
C ASN B 74 14.57 -7.81 -77.95
N ALA B 75 14.12 -8.96 -77.46
CA ALA B 75 14.03 -9.17 -76.02
C ALA B 75 15.42 -9.18 -75.39
N ARG B 76 16.38 -9.86 -76.03
CA ARG B 76 17.71 -9.96 -75.44
C ARG B 76 18.37 -8.59 -75.32
N GLN B 77 18.22 -7.74 -76.33
CA GLN B 77 18.82 -6.41 -76.26
C GLN B 77 18.13 -5.55 -75.21
N LEU B 78 16.80 -5.68 -75.06
CA LEU B 78 16.06 -4.82 -74.15
C LEU B 78 16.47 -5.07 -72.70
N VAL B 79 16.62 -6.34 -72.31
CA VAL B 79 16.87 -6.64 -70.91
C VAL B 79 18.23 -6.14 -70.48
N GLU B 80 19.25 -6.30 -71.33
CA GLU B 80 20.58 -5.81 -71.00
C GLU B 80 20.60 -4.29 -70.89
N ILE B 81 19.92 -3.60 -71.80
CA ILE B 81 19.86 -2.14 -71.74
C ILE B 81 19.16 -1.69 -70.47
N ALA B 82 18.03 -2.32 -70.14
CA ALA B 82 17.29 -1.95 -68.94
C ALA B 82 18.07 -2.33 -67.67
N ALA B 83 18.76 -3.48 -67.70
CA ALA B 83 19.56 -3.86 -66.54
C ALA B 83 20.78 -2.96 -66.38
N ARG B 84 21.24 -2.35 -67.47
CA ARG B 84 22.37 -1.42 -67.37
C ARG B 84 21.92 -0.11 -66.75
N ASP B 85 20.69 0.31 -67.02
CA ASP B 85 20.18 1.56 -66.44
C ASP B 85 19.93 1.41 -64.95
N ILE B 86 19.41 0.26 -64.52
CA ILE B 86 19.19 0.03 -63.11
C ILE B 86 20.52 -0.02 -62.36
N GLU B 87 21.52 -0.69 -62.96
CA GLU B 87 22.84 -0.74 -62.35
C GLU B 87 23.46 0.66 -62.26
N LYS B 88 23.32 1.46 -63.31
CA LYS B 88 23.85 2.82 -63.29
C LYS B 88 23.11 3.69 -62.27
N LEU B 89 21.79 3.53 -62.17
CA LEU B 89 21.02 4.31 -61.20
C LEU B 89 21.45 3.96 -59.78
N LEU B 90 21.61 2.67 -59.49
CA LEU B 90 22.05 2.27 -58.16
C LEU B 90 23.51 2.57 -57.90
N SER B 91 24.26 2.96 -58.93
CA SER B 91 25.64 3.41 -58.75
C SER B 91 25.74 4.89 -58.42
N ASN B 92 24.81 5.71 -58.91
CA ASN B 92 24.75 7.10 -58.49
C ASN B 92 24.49 7.21 -56.99
N ARG B 93 23.53 6.42 -56.50
CA ARG B 93 23.23 6.44 -55.08
C ARG B 93 24.36 5.82 -54.26
N SER B 94 25.03 4.81 -54.79
CA SER B 94 26.17 4.23 -54.09
C SER B 94 27.30 5.23 -53.97
N LYS B 95 27.54 6.01 -55.03
CA LYS B 95 28.56 7.05 -54.96
C LYS B 95 28.14 8.19 -54.04
N ALA B 96 26.84 8.48 -53.97
CA ALA B 96 26.34 9.51 -53.07
C ALA B 96 26.35 9.07 -51.61
N LEU B 97 26.62 7.79 -51.34
CA LEU B 97 26.72 7.27 -49.98
C LEU B 97 28.14 7.25 -49.46
N VAL B 98 29.10 6.80 -50.26
CA VAL B 98 30.50 6.84 -49.84
C VAL B 98 30.98 8.28 -49.72
N ARG B 99 30.49 9.16 -50.60
CA ARG B 99 30.78 10.58 -50.47
C ARG B 99 30.09 11.21 -49.28
N LEU B 100 29.07 10.53 -48.73
CA LEU B 100 28.33 11.03 -47.58
C LEU B 100 28.81 10.43 -46.27
N ALA B 101 29.33 9.20 -46.29
CA ALA B 101 29.80 8.56 -45.07
C ALA B 101 31.25 8.92 -44.76
N LEU B 102 32.04 9.26 -45.78
CA LEU B 102 33.43 9.66 -45.53
C LEU B 102 33.49 10.98 -44.76
N GLU B 103 32.63 11.93 -45.10
CA GLU B 103 32.63 13.20 -44.40
C GLU B 103 32.21 13.04 -42.95
N ALA B 104 31.22 12.18 -42.69
CA ALA B 104 30.78 11.96 -41.31
C ALA B 104 31.88 11.38 -40.45
N GLU B 105 32.66 10.44 -40.98
CA GLU B 105 33.77 9.88 -40.23
C GLU B 105 34.83 10.93 -39.94
N LYS B 106 35.15 11.77 -40.94
CA LYS B 106 36.20 12.76 -40.77
C LYS B 106 35.74 13.92 -39.89
N VAL B 107 34.50 14.39 -40.06
CA VAL B 107 34.02 15.51 -39.27
C VAL B 107 33.90 15.11 -37.80
N GLN B 108 33.37 13.92 -37.52
CA GLN B 108 33.20 13.50 -36.14
C GLN B 108 34.53 13.31 -35.42
N ALA B 109 35.56 12.85 -36.14
CA ALA B 109 36.86 12.66 -35.52
C ALA B 109 37.49 13.96 -35.04
N ALA B 110 37.06 15.09 -35.59
CA ALA B 110 37.55 16.40 -35.19
C ALA B 110 36.70 17.07 -34.13
N HIS B 111 35.64 16.42 -33.66
CA HIS B 111 34.77 17.01 -32.66
C HIS B 111 35.47 17.02 -31.30
N GLN B 112 35.15 18.05 -30.50
CA GLN B 112 35.86 18.29 -29.25
C GLN B 112 35.07 17.90 -28.00
N TRP B 113 33.80 17.51 -28.14
CA TRP B 113 32.95 17.10 -27.03
C TRP B 113 32.85 18.21 -25.98
N ARG B 114 32.22 19.30 -26.39
CA ARG B 114 31.84 20.35 -25.45
C ARG B 114 30.73 19.84 -24.54
N GLU B 115 30.72 20.34 -23.30
CA GLU B 115 29.77 19.88 -22.29
C GLU B 115 28.90 21.02 -21.78
N ASP B 116 29.01 22.21 -22.38
CA ASP B 116 28.16 23.33 -21.99
C ASP B 116 27.79 24.13 -23.23
N PHE B 117 26.52 24.06 -23.63
CA PHE B 117 26.03 24.73 -24.82
C PHE B 117 25.18 25.95 -24.50
N ALA B 118 25.16 26.39 -23.23
CA ALA B 118 24.38 27.56 -22.88
C ALA B 118 24.91 28.82 -23.57
N SER B 119 26.22 28.85 -23.85
CA SER B 119 26.82 29.96 -24.57
C SER B 119 26.87 29.71 -26.07
N ASN B 120 27.39 28.56 -26.48
CA ASN B 120 27.48 28.19 -27.89
C ASN B 120 26.31 27.27 -28.25
N GLU B 121 25.15 27.88 -28.42
CA GLU B 121 23.94 27.13 -28.72
C GLU B 121 24.04 26.47 -30.09
N VAL B 122 23.41 25.30 -30.22
CA VAL B 122 23.38 24.57 -31.49
C VAL B 122 22.14 25.00 -32.26
N VAL B 123 22.32 25.32 -33.53
CA VAL B 123 21.25 25.82 -34.39
C VAL B 123 20.83 24.69 -35.32
N TYR B 124 19.55 24.32 -35.26
CA TYR B 124 19.05 23.22 -36.07
C TYR B 124 17.54 23.36 -36.19
N TYR B 125 16.99 22.67 -37.19
CA TYR B 125 15.55 22.62 -37.40
C TYR B 125 15.03 21.29 -36.88
N ASN B 126 14.12 21.35 -35.90
CA ASN B 126 13.50 20.16 -35.34
C ASN B 126 12.13 19.97 -35.97
N ALA B 127 11.90 18.78 -36.53
CA ALA B 127 10.61 18.49 -37.14
C ALA B 127 9.55 18.34 -36.04
N LYS B 128 8.32 18.09 -36.48
CA LYS B 128 7.14 17.95 -35.60
C LYS B 128 7.10 19.05 -34.53
N ASP B 129 6.98 20.30 -34.96
CA ASP B 129 6.88 21.43 -34.05
C ASP B 129 5.96 22.47 -34.68
N ASP B 130 6.02 23.70 -34.17
CA ASP B 130 5.19 24.78 -34.67
C ASP B 130 5.40 25.04 -36.17
N GLU B 139 13.94 25.81 -24.89
CA GLU B 139 15.20 25.71 -25.63
C GLU B 139 16.39 26.07 -24.75
N PRO B 140 16.83 25.11 -23.93
CA PRO B 140 17.95 25.37 -23.02
C PRO B 140 19.28 25.60 -23.74
N GLY B 141 19.63 24.73 -24.67
CA GLY B 141 20.91 24.83 -25.34
C GLY B 141 20.83 24.73 -26.85
N SER B 142 19.67 25.04 -27.42
CA SER B 142 19.48 24.96 -28.86
C SER B 142 18.62 26.12 -29.34
N GLN B 143 18.78 26.47 -30.61
CA GLN B 143 18.00 27.51 -31.25
C GLN B 143 17.28 26.93 -32.46
N ARG B 144 15.99 27.23 -32.58
CA ARG B 144 15.17 26.63 -33.61
C ARG B 144 15.19 27.47 -34.89
N ILE B 145 14.96 26.79 -36.01
CA ILE B 145 14.95 27.40 -37.34
C ILE B 145 13.54 27.31 -37.90
N LYS B 146 13.03 28.42 -38.43
CA LYS B 146 11.75 28.43 -39.12
C LYS B 146 12.00 28.54 -40.61
N PRO B 147 11.84 27.47 -41.38
CA PRO B 147 12.18 27.50 -42.81
C PRO B 147 11.07 28.04 -43.71
N VAL B 148 11.27 27.95 -45.01
CA VAL B 148 10.39 28.59 -45.99
C VAL B 148 9.31 27.65 -46.50
N PHE B 149 9.62 26.36 -46.68
CA PHE B 149 8.63 25.33 -46.98
C PHE B 149 7.87 25.63 -48.29
N ILE B 150 8.62 25.55 -49.39
CA ILE B 150 8.03 25.65 -50.72
C ILE B 150 7.54 24.28 -51.16
N GLU B 151 6.37 24.24 -51.79
CA GLU B 151 5.84 23.02 -52.37
C GLU B 151 6.45 22.75 -53.74
N ASP B 152 6.73 21.49 -54.03
CA ASP B 152 7.26 21.11 -55.34
C ASP B 152 6.76 19.72 -55.73
N ALA B 153 7.07 19.35 -56.97
CA ALA B 153 6.73 18.03 -57.49
C ALA B 153 7.70 16.99 -56.93
N ASN B 154 7.60 15.76 -57.47
CA ASN B 154 8.40 14.59 -57.07
C ASN B 154 8.58 14.51 -55.56
N PHE B 155 7.59 15.01 -54.83
CA PHE B 155 7.58 14.98 -53.37
C PHE B 155 6.13 15.25 -52.95
N GLY B 156 5.55 14.33 -52.19
CA GLY B 156 4.15 14.46 -51.84
C GLY B 156 3.85 15.57 -50.85
N ARG B 157 4.88 16.17 -50.26
CA ARG B 157 4.74 17.15 -49.20
C ARG B 157 5.53 18.41 -49.54
N GLN B 158 5.49 19.38 -48.64
CA GLN B 158 6.25 20.62 -48.77
C GLN B 158 7.62 20.43 -48.14
N ILE B 159 8.66 20.86 -48.86
CA ILE B 159 10.04 20.63 -48.45
C ILE B 159 10.79 21.95 -48.53
N SER B 160 12.10 21.87 -48.24
CA SER B 160 12.98 23.03 -48.32
C SER B 160 14.40 22.53 -48.46
N TYR B 161 15.12 23.02 -49.47
CA TYR B 161 16.50 22.63 -49.72
C TYR B 161 17.50 23.48 -48.95
N GLN B 162 17.04 24.41 -48.10
CA GLN B 162 17.95 25.32 -47.43
C GLN B 162 18.78 24.60 -46.37
N HIS B 163 18.19 23.63 -45.67
CA HIS B 163 18.89 22.90 -44.62
C HIS B 163 18.30 21.50 -44.52
N ALA B 164 18.60 20.82 -43.42
CA ALA B 164 18.16 19.46 -43.18
C ALA B 164 17.38 19.39 -41.88
N ALA B 165 16.22 18.74 -41.93
CA ALA B 165 15.41 18.54 -40.74
C ALA B 165 16.03 17.48 -39.84
N VAL B 166 15.67 17.55 -38.55
CA VAL B 166 16.17 16.61 -37.55
C VAL B 166 14.97 16.00 -36.83
N HIS B 167 14.94 14.67 -36.77
CA HIS B 167 13.90 13.95 -36.05
C HIS B 167 14.48 13.38 -34.77
N ILE B 168 13.80 13.60 -33.66
CA ILE B 168 14.21 13.10 -32.35
C ILE B 168 13.05 12.31 -31.77
N PRO B 169 13.26 11.06 -31.35
CA PRO B 169 12.15 10.26 -30.80
C PRO B 169 11.56 10.90 -29.55
N THR B 170 10.28 10.59 -29.31
CA THR B 170 9.59 11.17 -28.17
C THR B 170 10.26 10.79 -26.85
N ASP B 171 10.67 9.53 -26.72
CA ASP B 171 11.29 9.03 -25.50
C ASP B 171 12.75 9.43 -25.36
N ILE B 172 13.25 10.32 -26.22
CA ILE B 172 14.62 10.81 -26.14
C ILE B 172 14.58 12.31 -25.90
N TYR B 173 15.23 12.75 -24.82
CA TYR B 173 15.22 14.15 -24.46
C TYR B 173 16.23 14.92 -25.30
N GLU B 174 15.75 15.89 -26.06
CA GLU B 174 16.65 16.82 -26.72
C GLU B 174 17.23 17.80 -25.70
N GLY B 175 18.45 18.24 -25.95
CA GLY B 175 19.13 19.11 -25.01
C GLY B 175 20.06 18.41 -24.05
N SER B 176 20.06 17.08 -24.01
CA SER B 176 21.01 16.36 -23.19
C SER B 176 22.40 16.44 -23.83
N THR B 177 23.42 16.17 -23.02
CA THR B 177 24.80 16.29 -23.49
C THR B 177 25.08 15.31 -24.63
N ILE B 178 24.58 14.09 -24.53
CA ILE B 178 24.78 13.10 -25.59
C ILE B 178 24.12 13.58 -26.89
N VAL B 179 22.89 14.08 -26.78
CA VAL B 179 22.15 14.52 -27.97
C VAL B 179 22.77 15.80 -28.53
N LEU B 180 23.10 16.75 -27.67
CA LEU B 180 23.58 18.05 -28.14
C LEU B 180 24.92 17.92 -28.86
N ASN B 181 25.82 17.08 -28.33
CA ASN B 181 27.09 16.86 -29.02
C ASN B 181 26.88 16.23 -30.38
N GLU B 182 25.98 15.25 -30.48
CA GLU B 182 25.64 14.69 -31.78
C GLU B 182 24.96 15.72 -32.66
N LEU B 183 24.26 16.68 -32.07
CA LEU B 183 23.53 17.69 -32.82
C LEU B 183 24.45 18.77 -33.39
N ASN B 184 25.72 18.79 -33.00
CA ASN B 184 26.66 19.73 -33.58
C ASN B 184 27.40 19.15 -34.79
N TRP B 185 28.13 18.05 -34.59
CA TRP B 185 29.00 17.55 -35.64
C TRP B 185 28.22 17.01 -36.83
N THR B 186 26.92 16.73 -36.66
CA THR B 186 26.09 16.36 -37.80
C THR B 186 25.62 17.56 -38.60
N SER B 187 25.84 18.79 -38.11
CA SER B 187 25.51 19.97 -38.88
C SER B 187 26.42 20.14 -40.09
N ALA B 188 27.59 19.48 -40.09
CA ALA B 188 28.47 19.51 -41.25
C ALA B 188 27.96 18.65 -42.39
N LEU B 189 26.92 17.85 -42.16
CA LEU B 189 26.32 17.04 -43.22
C LEU B 189 25.44 17.87 -44.14
N ASP B 190 25.06 19.08 -43.73
CA ASP B 190 24.15 19.89 -44.55
C ASP B 190 24.80 20.26 -45.88
N GLU B 191 26.08 20.64 -45.86
CA GLU B 191 26.76 21.03 -47.09
C GLU B 191 26.91 19.86 -48.04
N VAL B 192 27.28 18.68 -47.52
CA VAL B 192 27.42 17.51 -48.37
C VAL B 192 26.06 16.94 -48.76
N PHE B 193 25.01 17.22 -48.00
CA PHE B 193 23.66 16.92 -48.47
C PHE B 193 23.33 17.74 -49.71
N LYS B 194 23.68 19.03 -49.71
CA LYS B 194 23.45 19.86 -50.89
C LYS B 194 24.36 19.45 -52.04
N LYS B 195 25.62 19.16 -51.74
CA LYS B 195 26.56 18.78 -52.79
C LYS B 195 26.15 17.49 -53.47
N ASN B 196 25.59 16.54 -52.71
CA ASN B 196 25.11 15.29 -53.31
C ASN B 196 23.97 15.55 -54.28
N ARG B 197 23.07 16.47 -53.94
CA ARG B 197 21.87 16.72 -54.72
C ARG B 197 22.13 17.58 -55.95
N GLU B 198 23.29 18.23 -56.04
CA GLU B 198 23.53 19.13 -57.16
C GLU B 198 23.78 18.37 -58.46
N GLU B 199 24.58 17.30 -58.41
CA GLU B 199 24.81 16.52 -59.62
C GLU B 199 23.56 15.76 -60.04
N ASP B 200 22.79 15.27 -59.07
CA ASP B 200 21.59 14.49 -59.33
C ASP B 200 20.40 15.16 -58.66
N PRO B 201 19.72 16.08 -59.36
CA PRO B 201 18.52 16.70 -58.77
C PRO B 201 17.36 15.74 -58.57
N SER B 202 17.45 14.51 -59.10
CA SER B 202 16.42 13.51 -58.92
C SER B 202 16.66 12.63 -57.69
N LEU B 203 17.33 13.19 -56.68
CA LEU B 203 17.70 12.43 -55.48
C LEU B 203 16.61 12.58 -54.44
N LEU B 204 16.22 11.46 -53.84
CA LEU B 204 15.17 11.42 -52.83
C LEU B 204 15.81 11.58 -51.44
N TRP B 205 15.08 11.22 -50.38
CA TRP B 205 15.55 11.45 -49.02
C TRP B 205 16.93 10.88 -48.79
N GLN B 206 17.80 11.69 -48.19
CA GLN B 206 19.10 11.26 -47.68
C GLN B 206 19.05 11.41 -46.17
N VAL B 207 19.28 10.32 -45.45
CA VAL B 207 19.07 10.30 -44.01
C VAL B 207 20.31 9.73 -43.33
N PHE B 208 20.68 10.30 -42.19
CA PHE B 208 21.71 9.77 -41.32
C PHE B 208 21.06 9.35 -40.01
N GLY B 209 21.03 8.06 -39.74
CA GLY B 209 20.48 7.56 -38.50
C GLY B 209 21.54 7.32 -37.46
N SER B 210 21.64 8.20 -36.47
CA SER B 210 22.68 8.10 -35.46
C SER B 210 22.31 7.06 -34.40
N ALA B 211 23.34 6.52 -33.76
CA ALA B 211 23.13 5.57 -32.67
C ALA B 211 22.57 6.22 -31.42
N THR B 212 22.59 7.55 -31.33
CA THR B 212 21.98 8.23 -30.19
C THR B 212 20.47 8.28 -30.28
N GLY B 213 19.90 8.09 -31.47
CA GLY B 213 18.46 8.03 -31.67
C GLY B 213 17.94 9.02 -32.69
N LEU B 214 18.64 10.14 -32.87
CA LEU B 214 18.17 11.19 -33.76
C LEU B 214 18.49 10.83 -35.21
N ALA B 215 17.61 11.25 -36.12
CA ALA B 215 17.78 11.04 -37.55
C ALA B 215 17.69 12.39 -38.25
N ARG B 216 18.71 12.74 -39.02
CA ARG B 216 18.76 13.99 -39.76
C ARG B 216 18.66 13.66 -41.25
N TYR B 217 17.62 14.20 -41.90
CA TYR B 217 17.34 13.88 -43.29
C TYR B 217 17.26 15.17 -44.12
N TYR B 218 17.46 15.00 -45.42
CA TYR B 218 17.45 16.10 -46.38
C TYR B 218 16.64 15.69 -47.60
N PRO B 219 15.84 16.60 -48.16
CA PRO B 219 15.61 17.98 -47.73
C PRO B 219 14.70 18.09 -46.52
N ALA B 220 14.75 19.23 -45.84
CA ALA B 220 13.95 19.41 -44.64
C ALA B 220 12.46 19.38 -44.99
N SER B 221 11.68 18.69 -44.14
CA SER B 221 10.25 18.55 -44.37
C SER B 221 9.61 18.12 -43.08
N PRO B 222 8.39 18.56 -42.78
CA PRO B 222 7.80 18.27 -41.48
C PRO B 222 7.53 16.79 -41.30
N TRP B 223 7.60 16.35 -40.04
CA TRP B 223 7.28 14.96 -39.73
C TRP B 223 5.77 14.73 -39.82
N VAL B 224 5.40 13.47 -40.02
CA VAL B 224 4.00 13.10 -40.16
C VAL B 224 3.28 13.24 -38.83
N LYS B 232 -2.45 11.76 -33.27
CA LYS B 232 -1.82 10.50 -32.89
C LYS B 232 -0.38 10.74 -32.47
N ILE B 233 0.13 9.90 -31.56
CA ILE B 233 1.46 10.09 -31.00
C ILE B 233 2.51 9.56 -31.96
N ASP B 234 3.76 9.91 -31.71
CA ASP B 234 4.88 9.52 -32.55
C ASP B 234 5.64 8.37 -31.88
N LEU B 235 5.83 7.28 -32.62
CA LEU B 235 6.53 6.11 -32.12
C LEU B 235 7.69 5.70 -33.03
N TYR B 236 8.13 6.59 -33.90
CA TYR B 236 9.19 6.28 -34.84
C TYR B 236 10.55 6.39 -34.16
N ASP B 237 11.33 5.32 -34.25
CA ASP B 237 12.72 5.31 -33.81
C ASP B 237 13.56 4.84 -34.98
N VAL B 238 14.56 5.65 -35.36
CA VAL B 238 15.37 5.34 -36.53
C VAL B 238 16.20 4.09 -36.31
N ARG B 239 16.50 3.73 -35.06
CA ARG B 239 17.35 2.58 -34.77
C ARG B 239 16.64 1.25 -34.97
N ARG B 240 15.31 1.24 -35.05
CA ARG B 240 14.56 0.02 -35.26
C ARG B 240 14.09 -0.15 -36.70
N ARG B 241 14.46 0.77 -37.60
CA ARG B 241 14.02 0.67 -38.98
C ARG B 241 14.77 -0.45 -39.70
N PRO B 242 14.13 -1.13 -40.65
CA PRO B 242 14.81 -2.22 -41.35
C PRO B 242 16.05 -1.80 -42.10
N TRP B 243 16.10 -0.58 -42.63
CA TRP B 243 17.30 -0.13 -43.34
C TRP B 243 18.44 0.16 -42.38
N TYR B 244 18.15 0.57 -41.15
CA TYR B 244 19.20 0.77 -40.17
C TYR B 244 19.73 -0.56 -39.64
N ILE B 245 18.85 -1.55 -39.49
CA ILE B 245 19.24 -2.79 -38.84
C ILE B 245 20.20 -3.59 -39.70
N GLN B 246 19.98 -3.62 -41.02
CA GLN B 246 20.85 -4.43 -41.87
C GLN B 246 22.26 -3.88 -41.95
N GLY B 247 22.43 -2.57 -41.82
CA GLY B 247 23.76 -1.99 -41.81
C GLY B 247 24.42 -1.96 -40.45
N ALA B 248 23.67 -2.26 -39.40
CA ALA B 248 24.25 -2.31 -38.06
C ALA B 248 25.03 -3.60 -37.82
N ALA B 249 24.60 -4.72 -38.39
CA ALA B 249 25.25 -6.01 -38.17
C ALA B 249 24.99 -6.89 -39.37
N SER B 250 25.31 -8.16 -39.24
CA SER B 250 25.14 -9.18 -40.27
C SER B 250 23.92 -10.04 -39.98
N PRO B 251 23.52 -10.89 -40.93
CA PRO B 251 22.45 -11.85 -40.64
C PRO B 251 22.82 -12.75 -39.46
N LYS B 252 21.80 -13.21 -38.74
CA LYS B 252 22.03 -13.94 -37.51
C LYS B 252 21.12 -15.15 -37.44
N ASP B 253 21.60 -16.20 -36.79
CA ASP B 253 20.80 -17.39 -36.47
C ASP B 253 20.37 -17.27 -35.02
N MET B 254 19.31 -16.50 -34.80
CA MET B 254 18.81 -16.25 -33.45
C MET B 254 18.08 -17.47 -32.92
N LEU B 255 18.06 -17.59 -31.60
CA LEU B 255 17.28 -18.65 -30.94
C LEU B 255 16.91 -18.16 -29.55
N ILE B 256 15.63 -17.90 -29.34
CA ILE B 256 15.14 -17.28 -28.12
C ILE B 256 14.77 -18.38 -27.12
N LEU B 257 15.41 -18.34 -25.95
CA LEU B 257 15.06 -19.22 -24.84
C LEU B 257 14.19 -18.45 -23.87
N VAL B 258 12.99 -18.98 -23.59
CA VAL B 258 12.03 -18.32 -22.72
C VAL B 258 11.87 -19.17 -21.46
N ASP B 259 11.99 -18.52 -20.31
CA ASP B 259 11.80 -19.19 -19.03
C ASP B 259 10.32 -19.23 -18.70
N VAL B 260 9.76 -20.44 -18.63
CA VAL B 260 8.34 -20.59 -18.34
C VAL B 260 8.16 -21.38 -17.05
N SER B 261 9.13 -21.25 -16.14
CA SER B 261 9.01 -21.89 -14.85
C SER B 261 7.99 -21.17 -13.99
N GLY B 262 7.76 -21.68 -12.78
CA GLY B 262 6.71 -21.14 -11.94
C GLY B 262 6.97 -19.71 -11.49
N SER B 263 8.23 -19.38 -11.22
CA SER B 263 8.56 -18.08 -10.65
C SER B 263 8.27 -16.92 -11.58
N VAL B 264 8.06 -17.18 -12.87
CA VAL B 264 7.81 -16.09 -13.82
C VAL B 264 6.33 -15.79 -14.00
N SER B 265 5.46 -16.48 -13.27
CA SER B 265 4.03 -16.22 -13.37
C SER B 265 3.69 -14.84 -12.80
N GLY B 266 2.73 -14.18 -13.43
CA GLY B 266 2.32 -12.86 -12.98
C GLY B 266 2.68 -11.76 -13.95
N LEU B 267 3.21 -10.66 -13.42
CA LEU B 267 3.56 -9.52 -14.28
C LEU B 267 4.77 -9.83 -15.14
N THR B 268 5.76 -10.52 -14.59
CA THR B 268 7.00 -10.76 -15.32
C THR B 268 6.85 -11.75 -16.46
N LEU B 269 5.76 -12.51 -16.53
CA LEU B 269 5.46 -13.26 -17.74
C LEU B 269 4.90 -12.35 -18.82
N LYS B 270 4.11 -11.35 -18.44
CA LYS B 270 3.57 -10.41 -19.41
C LYS B 270 4.69 -9.62 -20.08
N LEU B 271 5.73 -9.26 -19.31
CA LEU B 271 6.85 -8.53 -19.88
C LEU B 271 7.72 -9.43 -20.74
N ILE B 272 7.84 -10.70 -20.36
CA ILE B 272 8.62 -11.64 -21.17
C ILE B 272 7.96 -11.86 -22.53
N ARG B 273 6.65 -12.02 -22.55
CA ARG B 273 5.93 -12.20 -23.81
C ARG B 273 5.95 -10.92 -24.65
N THR B 274 5.96 -9.76 -24.00
CA THR B 274 6.03 -8.51 -24.75
C THR B 274 7.44 -8.25 -25.25
N SER B 275 8.45 -8.60 -24.46
CA SER B 275 9.83 -8.38 -24.88
C SER B 275 10.21 -9.29 -26.04
N VAL B 276 9.72 -10.54 -26.03
CA VAL B 276 9.97 -11.44 -27.15
C VAL B 276 9.27 -10.94 -28.41
N SER B 277 8.02 -10.49 -28.26
CA SER B 277 7.28 -10.00 -29.42
C SER B 277 7.91 -8.75 -30.01
N GLU B 278 8.36 -7.82 -29.15
CA GLU B 278 9.00 -6.60 -29.64
C GLU B 278 10.43 -6.83 -30.09
N MET B 279 10.97 -8.03 -29.89
CA MET B 279 12.32 -8.33 -30.35
C MET B 279 12.34 -9.05 -31.68
N LEU B 280 11.32 -9.85 -31.98
CA LEU B 280 11.18 -10.43 -33.31
C LEU B 280 10.96 -9.36 -34.36
N GLU B 281 10.56 -8.16 -33.95
CA GLU B 281 10.39 -7.05 -34.88
C GLU B 281 11.71 -6.53 -35.43
N THR B 282 12.85 -6.96 -34.88
CA THR B 282 14.16 -6.56 -35.34
C THR B 282 14.84 -7.62 -36.19
N LEU B 283 14.06 -8.54 -36.76
CA LEU B 283 14.59 -9.62 -37.58
C LEU B 283 14.07 -9.48 -39.00
N SER B 284 14.98 -9.48 -39.96
CA SER B 284 14.63 -9.31 -41.37
C SER B 284 14.53 -10.69 -42.04
N ASP B 285 14.40 -10.69 -43.37
CA ASP B 285 14.28 -11.94 -44.13
C ASP B 285 15.58 -12.73 -44.19
N ASP B 286 16.71 -12.12 -43.85
CA ASP B 286 17.99 -12.80 -43.89
C ASP B 286 18.34 -13.46 -42.56
N ASP B 287 17.51 -13.30 -41.54
CA ASP B 287 17.78 -13.84 -40.21
C ASP B 287 16.86 -15.02 -39.94
N PHE B 288 17.41 -16.07 -39.34
CA PHE B 288 16.67 -17.27 -39.01
C PHE B 288 16.51 -17.37 -37.51
N VAL B 289 15.27 -17.52 -37.04
CA VAL B 289 14.96 -17.47 -35.62
C VAL B 289 14.06 -18.65 -35.26
N ASN B 290 14.13 -19.03 -33.99
CA ASN B 290 13.20 -19.98 -33.40
C ASN B 290 13.07 -19.66 -31.92
N VAL B 291 11.96 -20.07 -31.33
CA VAL B 291 11.65 -19.77 -29.93
C VAL B 291 11.42 -21.08 -29.19
N ALA B 292 12.05 -21.22 -28.03
CA ALA B 292 11.93 -22.40 -27.19
C ALA B 292 11.64 -21.98 -25.76
N SER B 293 11.11 -22.93 -24.99
CA SER B 293 10.79 -22.71 -23.59
C SER B 293 11.28 -23.89 -22.77
N PHE B 294 11.58 -23.63 -21.50
CA PHE B 294 12.08 -24.69 -20.63
C PHE B 294 11.55 -24.51 -19.21
N ASN B 295 10.94 -25.57 -18.68
CA ASN B 295 10.54 -25.65 -17.27
C ASN B 295 10.65 -27.13 -16.88
N SER B 296 11.82 -27.52 -16.38
CA SER B 296 12.21 -28.90 -16.12
C SER B 296 12.25 -29.73 -17.39
N ASN B 297 11.95 -29.14 -18.55
CA ASN B 297 11.95 -29.82 -19.84
C ASN B 297 11.91 -28.74 -20.90
N ALA B 298 12.72 -28.90 -21.94
CA ALA B 298 12.80 -27.92 -23.02
C ALA B 298 12.03 -28.41 -24.24
N GLN B 299 11.25 -27.50 -24.82
CA GLN B 299 10.44 -27.82 -25.99
C GLN B 299 10.23 -26.56 -26.81
N ASP B 300 9.85 -26.75 -28.07
CA ASP B 300 9.52 -25.63 -28.93
C ASP B 300 8.13 -25.11 -28.63
N VAL B 301 7.98 -23.79 -28.67
CA VAL B 301 6.69 -23.17 -28.39
C VAL B 301 5.73 -23.20 -29.57
N SER B 302 6.19 -23.66 -30.73
CA SER B 302 5.41 -23.55 -31.96
C SER B 302 5.53 -24.86 -32.73
N CYS B 303 5.14 -24.82 -34.01
CA CYS B 303 5.07 -26.00 -34.86
C CYS B 303 6.31 -26.16 -35.74
N PHE B 304 7.38 -25.42 -35.47
CA PHE B 304 8.48 -25.33 -36.42
C PHE B 304 9.55 -26.38 -36.20
N GLN B 305 10.06 -26.50 -34.97
CA GLN B 305 11.06 -27.49 -34.53
C GLN B 305 12.45 -27.25 -35.09
N HIS B 306 12.68 -26.16 -35.82
CA HIS B 306 14.02 -25.80 -36.28
C HIS B 306 14.00 -24.34 -36.70
N LEU B 307 15.17 -23.82 -37.05
CA LEU B 307 15.29 -22.42 -37.45
C LEU B 307 14.53 -22.17 -38.74
N VAL B 308 13.72 -21.10 -38.74
CA VAL B 308 12.90 -20.74 -39.89
C VAL B 308 13.29 -19.34 -40.34
N GLN B 309 12.94 -19.02 -41.59
CA GLN B 309 13.46 -17.82 -42.26
C GLN B 309 13.03 -16.52 -41.59
N ALA B 310 12.02 -16.56 -40.72
CA ALA B 310 11.57 -15.36 -40.00
C ALA B 310 11.12 -14.27 -40.97
N ASN B 311 10.30 -14.64 -41.93
CA ASN B 311 9.65 -13.68 -42.80
C ASN B 311 8.36 -13.21 -42.13
N VAL B 312 7.50 -12.51 -42.88
CA VAL B 312 6.29 -11.95 -42.29
C VAL B 312 5.38 -13.05 -41.78
N ARG B 313 5.22 -14.13 -42.56
CA ARG B 313 4.31 -15.19 -42.17
C ARG B 313 4.86 -16.02 -41.01
N ASN B 314 6.14 -16.38 -41.06
CA ASN B 314 6.72 -17.21 -40.01
C ASN B 314 6.76 -16.47 -38.68
N LYS B 315 7.10 -15.18 -38.71
CA LYS B 315 7.17 -14.41 -37.46
C LYS B 315 5.80 -14.27 -36.83
N LYS B 316 4.74 -14.34 -37.62
CA LYS B 316 3.39 -14.30 -37.05
C LYS B 316 3.09 -15.57 -36.26
N VAL B 317 3.59 -16.71 -36.72
CA VAL B 317 3.35 -17.97 -36.00
C VAL B 317 4.08 -17.97 -34.66
N LEU B 318 5.34 -17.55 -34.65
CA LEU B 318 6.09 -17.48 -33.40
C LEU B 318 5.49 -16.47 -32.45
N LYS B 319 5.07 -15.32 -32.98
CA LYS B 319 4.44 -14.30 -32.15
C LYS B 319 3.12 -14.79 -31.57
N ASP B 320 2.34 -15.53 -32.37
CA ASP B 320 1.09 -16.10 -31.85
C ASP B 320 1.36 -17.16 -30.80
N ALA B 321 2.40 -17.96 -30.99
CA ALA B 321 2.72 -19.03 -30.04
C ALA B 321 3.32 -18.50 -28.75
N VAL B 322 3.95 -17.32 -28.78
CA VAL B 322 4.51 -16.75 -27.57
C VAL B 322 3.40 -16.29 -26.62
N ASN B 323 2.37 -15.64 -27.14
CA ASN B 323 1.26 -15.21 -26.29
C ASN B 323 0.28 -16.35 -26.08
N ASN B 324 0.81 -17.52 -25.75
CA ASN B 324 -0.02 -18.67 -25.36
C ASN B 324 0.60 -19.48 -24.24
N ILE B 325 1.78 -19.11 -23.76
CA ILE B 325 2.55 -19.93 -22.83
C ILE B 325 2.14 -19.60 -21.39
N THR B 326 2.13 -20.64 -20.56
CA THR B 326 1.80 -20.52 -19.15
C THR B 326 3.00 -20.91 -18.31
N ALA B 327 3.09 -20.31 -17.12
CA ALA B 327 4.22 -20.52 -16.22
C ALA B 327 3.88 -21.62 -15.23
N LYS B 328 4.67 -22.68 -15.23
CA LYS B 328 4.46 -23.82 -14.33
C LYS B 328 5.68 -24.72 -14.37
N GLY B 329 6.12 -25.17 -13.21
CA GLY B 329 7.20 -26.13 -13.12
C GLY B 329 8.45 -25.52 -12.51
N ILE B 330 9.48 -26.36 -12.41
CA ILE B 330 10.76 -25.97 -11.84
C ILE B 330 11.70 -25.59 -12.98
N THR B 331 12.80 -24.94 -12.64
CA THR B 331 13.73 -24.41 -13.62
C THR B 331 14.88 -25.39 -13.81
N ASP B 332 15.19 -25.68 -15.08
CA ASP B 332 16.31 -26.56 -15.44
C ASP B 332 17.10 -25.88 -16.54
N TYR B 333 18.20 -25.23 -16.17
CA TYR B 333 18.99 -24.49 -17.15
C TYR B 333 19.83 -25.41 -18.04
N LYS B 334 20.34 -26.52 -17.50
CA LYS B 334 21.14 -27.43 -18.30
C LYS B 334 20.31 -28.03 -19.44
N LYS B 335 19.06 -28.44 -19.15
CA LYS B 335 18.21 -28.97 -20.20
C LYS B 335 17.78 -27.90 -21.19
N GLY B 336 17.58 -26.67 -20.71
CA GLY B 336 17.22 -25.59 -21.61
C GLY B 336 18.33 -25.23 -22.58
N PHE B 337 19.56 -25.14 -22.09
CA PHE B 337 20.68 -24.76 -22.96
C PHE B 337 21.14 -25.91 -23.83
N SER B 338 21.05 -27.15 -23.36
CA SER B 338 21.40 -28.29 -24.20
C SER B 338 20.48 -28.38 -25.41
N PHE B 339 19.18 -28.14 -25.19
CA PHE B 339 18.23 -28.11 -26.30
C PHE B 339 18.49 -26.95 -27.24
N ALA B 340 18.90 -25.80 -26.69
CA ALA B 340 19.18 -24.64 -27.53
C ALA B 340 20.44 -24.83 -28.37
N PHE B 341 21.50 -25.38 -27.81
CA PHE B 341 22.73 -25.57 -28.56
C PHE B 341 22.59 -26.63 -29.64
N GLU B 342 21.61 -27.54 -29.52
CA GLU B 342 21.41 -28.56 -30.54
C GLU B 342 20.72 -28.02 -31.78
N GLN B 343 19.82 -27.04 -31.63
CA GLN B 343 19.16 -26.47 -32.80
C GLN B 343 20.09 -25.58 -33.61
N LEU B 344 21.05 -24.91 -32.95
CA LEU B 344 22.02 -24.13 -33.70
C LEU B 344 22.94 -25.02 -34.52
N LEU B 345 23.17 -26.24 -34.07
CA LEU B 345 23.92 -27.23 -34.84
C LEU B 345 22.95 -28.22 -35.50
N ASN B 346 22.31 -27.76 -36.57
CA ASN B 346 21.41 -28.59 -37.35
C ASN B 346 21.94 -28.84 -38.76
N TYR B 347 22.17 -27.77 -39.53
CA TYR B 347 22.86 -27.84 -40.81
C TYR B 347 22.12 -28.69 -41.86
N ASN B 348 20.96 -29.24 -41.49
CA ASN B 348 20.15 -29.94 -42.48
C ASN B 348 19.21 -28.98 -43.19
N VAL B 349 18.76 -27.95 -42.49
CA VAL B 349 17.82 -26.99 -43.03
C VAL B 349 18.59 -25.75 -43.48
N SER B 350 17.92 -24.88 -44.24
CA SER B 350 18.54 -23.64 -44.67
C SER B 350 18.73 -22.71 -43.48
N ARG B 351 19.94 -22.17 -43.35
CA ARG B 351 20.24 -21.24 -42.26
C ARG B 351 20.94 -20.00 -42.81
N ALA B 352 21.43 -19.15 -41.91
CA ALA B 352 22.19 -17.98 -42.32
C ALA B 352 23.69 -18.23 -42.37
N ASN B 353 24.17 -19.27 -41.70
CA ASN B 353 25.61 -19.58 -41.65
C ASN B 353 26.41 -18.36 -41.20
N CYS B 354 25.91 -17.70 -40.16
CA CYS B 354 26.42 -16.42 -39.70
C CYS B 354 26.21 -16.36 -38.20
N ASN B 355 26.19 -15.15 -37.64
CA ASN B 355 26.08 -14.91 -36.20
C ASN B 355 25.13 -15.90 -35.54
N LYS B 356 25.64 -16.66 -34.58
CA LYS B 356 24.85 -17.62 -33.82
C LYS B 356 24.71 -17.08 -32.40
N ILE B 357 23.47 -16.83 -31.98
CA ILE B 357 23.20 -16.16 -30.72
C ILE B 357 22.06 -16.86 -30.01
N ILE B 358 22.17 -16.96 -28.68
CA ILE B 358 21.13 -17.52 -27.83
C ILE B 358 20.65 -16.43 -26.88
N MET B 359 19.34 -16.21 -26.86
CA MET B 359 18.73 -15.17 -26.05
C MET B 359 17.98 -15.83 -24.90
N LEU B 360 18.34 -15.47 -23.67
CA LEU B 360 17.73 -16.06 -22.48
C LEU B 360 16.87 -15.02 -21.79
N PHE B 361 15.56 -15.25 -21.79
CA PHE B 361 14.58 -14.37 -21.15
C PHE B 361 14.15 -15.04 -19.85
N THR B 362 14.70 -14.56 -18.73
CA THR B 362 14.44 -15.17 -17.43
C THR B 362 14.33 -14.09 -16.36
N ASP B 363 14.25 -14.50 -15.10
CA ASP B 363 14.28 -13.56 -13.98
C ASP B 363 15.53 -13.73 -13.13
N GLY B 364 15.77 -14.93 -12.60
CA GLY B 364 16.95 -15.16 -11.80
C GLY B 364 17.04 -16.56 -11.24
N GLY B 365 18.26 -17.02 -10.97
CA GLY B 365 18.46 -18.34 -10.42
C GLY B 365 19.84 -18.46 -9.83
N GLU B 366 20.10 -19.63 -9.24
CA GLU B 366 21.38 -19.92 -8.61
C GLU B 366 22.21 -20.93 -9.41
N GLU B 367 21.81 -21.22 -10.64
CA GLU B 367 22.43 -22.25 -11.46
C GLU B 367 23.25 -21.58 -12.56
N ARG B 368 24.55 -21.86 -12.58
CA ARG B 368 25.44 -21.28 -13.59
C ARG B 368 25.53 -22.11 -14.86
N ALA B 369 25.29 -23.42 -14.76
CA ALA B 369 25.30 -24.32 -15.92
C ALA B 369 26.63 -24.25 -16.67
N GLN B 370 27.73 -24.12 -15.93
CA GLN B 370 29.05 -24.02 -16.56
C GLN B 370 29.52 -25.34 -17.15
N GLU B 371 28.88 -26.46 -16.81
CA GLU B 371 29.23 -27.74 -17.41
C GLU B 371 28.71 -27.88 -18.83
N ILE B 372 27.69 -27.10 -19.21
CA ILE B 372 27.15 -27.14 -20.56
C ILE B 372 27.95 -26.23 -21.49
N PHE B 373 28.33 -25.04 -21.02
CA PHE B 373 29.11 -24.13 -21.85
C PHE B 373 30.51 -24.67 -22.14
N ASN B 374 31.05 -25.49 -21.25
CA ASN B 374 32.35 -26.12 -21.50
C ASN B 374 32.24 -27.34 -22.41
N LYS B 375 31.04 -27.75 -22.76
CA LYS B 375 30.81 -28.90 -23.64
C LYS B 375 30.31 -28.52 -25.02
N TYR B 376 29.40 -27.55 -25.11
CA TYR B 376 28.75 -27.23 -26.37
C TYR B 376 29.43 -26.09 -27.13
N ASN B 377 30.00 -25.11 -26.43
CA ASN B 377 30.78 -24.06 -27.10
C ASN B 377 32.05 -23.77 -26.29
N LYS B 378 33.12 -24.48 -26.62
CA LYS B 378 34.43 -24.19 -26.05
C LYS B 378 35.17 -23.12 -26.83
N ASP B 379 34.90 -23.00 -28.13
CA ASP B 379 35.54 -22.02 -28.99
C ASP B 379 34.83 -20.67 -28.95
N LYS B 380 33.73 -20.56 -28.20
CA LYS B 380 32.95 -19.33 -28.08
C LYS B 380 32.44 -18.87 -29.46
N LYS B 381 31.85 -19.81 -30.18
CA LYS B 381 31.24 -19.51 -31.48
C LYS B 381 29.78 -19.11 -31.37
N VAL B 382 29.19 -19.20 -30.18
CA VAL B 382 27.79 -18.84 -29.96
C VAL B 382 27.75 -17.78 -28.88
N ARG B 383 27.18 -16.62 -29.21
CA ARG B 383 26.99 -15.56 -28.23
C ARG B 383 25.75 -15.85 -27.39
N VAL B 384 25.80 -15.45 -26.12
CA VAL B 384 24.70 -15.65 -25.19
C VAL B 384 24.34 -14.31 -24.59
N PHE B 385 23.19 -13.77 -24.98
CA PHE B 385 22.63 -12.57 -24.40
C PHE B 385 21.56 -12.98 -23.39
N THR B 386 21.66 -12.44 -22.18
CA THR B 386 20.74 -12.80 -21.10
C THR B 386 19.97 -11.58 -20.65
N PHE B 387 18.66 -11.74 -20.48
CA PHE B 387 17.77 -10.67 -20.04
C PHE B 387 17.15 -11.07 -18.71
N SER B 388 17.22 -10.17 -17.73
CA SER B 388 16.55 -10.34 -16.46
C SER B 388 15.33 -9.44 -16.44
N VAL B 389 14.13 -10.04 -16.47
CA VAL B 389 12.90 -9.33 -16.71
C VAL B 389 12.04 -9.36 -15.45
N GLY B 390 11.57 -8.20 -15.03
CA GLY B 390 10.59 -8.10 -13.97
C GLY B 390 11.17 -7.48 -12.71
N GLN B 391 10.27 -7.26 -11.75
CA GLN B 391 10.63 -6.75 -10.42
C GLN B 391 10.73 -7.95 -9.48
N HIS B 392 11.95 -8.25 -9.04
CA HIS B 392 12.18 -9.45 -8.22
C HIS B 392 13.48 -9.25 -7.45
N ASN B 393 13.81 -10.24 -6.62
CA ASN B 393 15.03 -10.21 -5.83
C ASN B 393 15.88 -11.47 -6.03
N TYR B 394 15.61 -12.24 -7.08
CA TYR B 394 16.37 -13.44 -7.33
C TYR B 394 17.79 -13.08 -7.76
N ASP B 395 18.70 -14.05 -7.60
CA ASP B 395 20.10 -13.82 -7.88
C ASP B 395 20.32 -13.63 -9.38
N ARG B 396 20.81 -12.45 -9.75
CA ARG B 396 21.17 -12.17 -11.14
C ARG B 396 22.63 -12.45 -11.44
N GLY B 397 23.38 -12.94 -10.46
CA GLY B 397 24.78 -13.25 -10.64
C GLY B 397 25.05 -14.27 -11.72
N PRO B 398 24.45 -15.45 -11.62
CA PRO B 398 24.63 -16.45 -12.68
C PRO B 398 24.16 -15.97 -14.04
N ILE B 399 23.10 -15.18 -14.08
CA ILE B 399 22.63 -14.62 -15.35
C ILE B 399 23.65 -13.65 -15.92
N GLN B 400 24.30 -12.87 -15.05
CA GLN B 400 25.35 -11.96 -15.50
C GLN B 400 26.59 -12.73 -15.96
N TRP B 401 26.93 -13.81 -15.27
CA TRP B 401 28.10 -14.59 -15.66
C TRP B 401 27.88 -15.35 -16.96
N MET B 402 26.65 -15.78 -17.23
CA MET B 402 26.36 -16.52 -18.46
C MET B 402 26.67 -15.67 -19.69
N ALA B 403 26.33 -14.40 -19.64
CA ALA B 403 26.50 -13.50 -20.78
C ALA B 403 27.90 -12.92 -20.88
N CYS B 404 28.76 -13.15 -19.89
CA CYS B 404 30.09 -12.57 -19.92
C CYS B 404 31.16 -13.51 -20.47
N GLU B 405 31.03 -14.81 -20.20
CA GLU B 405 31.97 -15.77 -20.76
C GLU B 405 31.75 -16.03 -22.23
N ASN B 406 30.52 -15.84 -22.72
CA ASN B 406 30.16 -16.20 -24.09
C ASN B 406 30.00 -14.98 -24.99
N LYS B 407 30.79 -13.94 -24.75
CA LYS B 407 30.85 -12.76 -25.61
C LYS B 407 29.49 -12.08 -25.77
N GLY B 408 28.61 -12.26 -24.80
CA GLY B 408 27.28 -11.70 -24.85
C GLY B 408 27.18 -10.38 -24.11
N TYR B 409 25.97 -10.08 -23.64
CA TYR B 409 25.71 -8.86 -22.91
C TYR B 409 24.55 -9.13 -21.94
N TYR B 410 24.48 -8.35 -20.87
CA TYR B 410 23.45 -8.52 -19.86
C TYR B 410 22.51 -7.32 -19.87
N TYR B 411 21.21 -7.60 -19.83
CA TYR B 411 20.19 -6.57 -19.97
C TYR B 411 19.16 -6.69 -18.85
N GLU B 412 18.66 -5.54 -18.41
CA GLU B 412 17.64 -5.46 -17.37
C GLU B 412 16.36 -4.87 -17.96
N ILE B 413 15.23 -5.55 -17.74
CA ILE B 413 13.94 -5.06 -18.21
C ILE B 413 12.98 -5.04 -17.02
N PRO B 414 13.00 -3.98 -16.20
CA PRO B 414 12.13 -3.99 -15.00
C PRO B 414 10.67 -3.73 -15.31
N SER B 415 10.36 -2.88 -16.29
CA SER B 415 8.98 -2.51 -16.58
C SER B 415 8.78 -2.42 -18.08
N ILE B 416 7.58 -1.99 -18.49
CA ILE B 416 7.25 -1.93 -19.91
C ILE B 416 8.04 -0.84 -20.61
N GLY B 417 8.35 0.25 -19.90
CA GLY B 417 9.07 1.36 -20.51
C GLY B 417 10.45 0.99 -21.01
N ALA B 418 11.07 -0.03 -20.42
CA ALA B 418 12.40 -0.46 -20.81
C ALA B 418 12.38 -1.57 -21.88
N ILE B 419 11.20 -2.02 -22.29
CA ILE B 419 11.13 -3.14 -23.22
C ILE B 419 11.63 -2.73 -24.60
N ARG B 420 11.21 -1.58 -25.09
CA ARG B 420 11.49 -1.22 -26.48
C ARG B 420 12.96 -0.93 -26.70
N ILE B 421 13.63 -0.33 -25.72
CA ILE B 421 15.01 0.08 -25.92
C ILE B 421 16.00 -1.04 -25.60
N ASN B 422 15.68 -1.92 -24.66
CA ASN B 422 16.60 -3.00 -24.30
C ASN B 422 16.60 -4.14 -25.30
N THR B 423 15.59 -4.22 -26.17
CA THR B 423 15.49 -5.30 -27.15
C THR B 423 16.12 -4.93 -28.48
N GLN B 424 16.82 -3.80 -28.55
CA GLN B 424 17.51 -3.40 -29.77
C GLN B 424 18.98 -3.07 -29.56
N GLU B 425 19.46 -3.03 -28.33
CA GLU B 425 20.85 -2.72 -28.05
C GLU B 425 21.79 -3.90 -28.25
N TYR B 426 21.25 -5.10 -28.49
CA TYR B 426 22.11 -6.24 -28.76
C TYR B 426 22.80 -6.13 -30.11
N LEU B 427 22.39 -5.20 -30.96
CA LEU B 427 23.05 -5.00 -32.24
C LEU B 427 24.36 -4.21 -32.10
N ASP B 428 24.55 -3.54 -30.97
CA ASP B 428 25.85 -2.94 -30.69
C ASP B 428 26.93 -3.99 -30.51
N VAL B 429 26.58 -5.08 -29.82
CA VAL B 429 27.52 -6.19 -29.63
C VAL B 429 27.80 -6.89 -30.95
N LEU B 430 26.76 -7.16 -31.73
CA LEU B 430 26.92 -7.92 -32.96
C LEU B 430 27.67 -7.14 -34.04
N GLY B 431 27.70 -5.82 -33.94
CA GLY B 431 28.44 -5.01 -34.90
C GLY B 431 29.90 -4.85 -34.59
N ARG B 432 30.38 -5.38 -33.47
CA ARG B 432 31.79 -5.24 -33.11
C ARG B 432 32.73 -5.87 -34.14
N PRO B 433 32.54 -7.12 -34.59
CA PRO B 433 33.46 -7.66 -35.59
C PRO B 433 33.44 -6.91 -36.91
N MET B 434 32.31 -6.30 -37.27
CA MET B 434 32.22 -5.59 -38.54
C MET B 434 33.02 -4.30 -38.51
N VAL B 435 33.07 -3.62 -37.36
CA VAL B 435 33.84 -2.40 -37.24
C VAL B 435 35.33 -2.68 -37.42
N LEU B 436 35.83 -3.74 -36.80
CA LEU B 436 37.25 -4.07 -36.89
C LEU B 436 37.68 -4.50 -38.28
N ALA B 437 36.73 -4.88 -39.15
CA ALA B 437 37.07 -5.25 -40.51
C ALA B 437 37.63 -4.05 -41.28
N GLY B 438 37.03 -2.89 -41.12
CA GLY B 438 37.53 -1.67 -41.71
C GLY B 438 36.88 -1.37 -43.06
N ASP B 439 37.72 -1.15 -44.08
CA ASP B 439 37.22 -0.77 -45.39
C ASP B 439 36.49 -1.91 -46.10
N LYS B 440 36.75 -3.16 -45.72
CA LYS B 440 36.10 -4.28 -46.37
C LYS B 440 34.70 -4.55 -45.81
N ALA B 441 34.31 -3.87 -44.75
CA ALA B 441 32.95 -3.95 -44.22
C ALA B 441 32.05 -2.84 -44.71
N LYS B 442 32.57 -1.95 -45.57
CA LYS B 442 31.80 -0.82 -46.09
C LYS B 442 31.29 -1.19 -47.48
N GLN B 443 30.18 -1.91 -47.52
CA GLN B 443 29.53 -2.31 -48.76
C GLN B 443 28.09 -1.80 -48.75
N VAL B 444 27.66 -1.23 -49.87
CA VAL B 444 26.30 -0.70 -49.97
C VAL B 444 25.31 -1.85 -50.07
N GLN B 445 24.25 -1.79 -49.28
CA GLN B 445 23.19 -2.78 -49.28
C GLN B 445 21.87 -2.11 -49.59
N TRP B 446 20.92 -2.90 -50.10
CA TRP B 446 19.60 -2.41 -50.45
C TRP B 446 18.54 -3.22 -49.72
N THR B 447 17.52 -2.53 -49.23
CA THR B 447 16.50 -3.16 -48.39
C THR B 447 15.45 -3.87 -49.24
N ASN B 448 14.55 -4.56 -48.56
CA ASN B 448 13.33 -5.03 -49.21
C ASN B 448 12.43 -3.84 -49.52
N VAL B 449 11.49 -4.06 -50.43
CA VAL B 449 10.56 -3.00 -50.78
C VAL B 449 9.65 -2.72 -49.60
N TYR B 450 9.57 -1.46 -49.20
CA TYR B 450 8.76 -1.06 -48.05
C TYR B 450 8.16 0.30 -48.31
N LEU B 451 7.14 0.64 -47.53
CA LEU B 451 6.50 1.94 -47.64
C LEU B 451 7.29 2.99 -46.86
N ASP B 452 7.57 4.10 -47.50
CA ASP B 452 8.35 5.15 -46.86
C ASP B 452 7.58 5.77 -45.70
N ALA B 453 8.32 6.15 -44.65
CA ALA B 453 7.72 6.76 -43.47
C ALA B 453 7.13 8.13 -43.78
N LEU B 454 7.71 8.88 -44.71
CA LEU B 454 7.25 10.22 -45.06
C LEU B 454 6.23 10.22 -46.19
N GLU B 455 5.49 9.11 -46.35
CA GLU B 455 4.40 8.99 -47.31
C GLU B 455 4.89 9.27 -48.73
N LEU B 456 5.92 8.53 -49.13
CA LEU B 456 6.48 8.65 -50.47
C LEU B 456 6.15 7.48 -51.38
N GLY B 457 5.59 6.40 -50.85
CA GLY B 457 5.27 5.25 -51.65
C GLY B 457 6.22 4.09 -51.40
N LEU B 458 6.33 3.18 -52.36
CA LEU B 458 7.23 2.05 -52.24
C LEU B 458 8.65 2.50 -52.59
N VAL B 459 9.59 2.30 -51.67
CA VAL B 459 10.97 2.71 -51.86
C VAL B 459 11.90 1.62 -51.37
N ILE B 460 13.14 1.65 -51.86
CA ILE B 460 14.24 0.88 -51.31
C ILE B 460 15.33 1.85 -50.89
N THR B 461 16.13 1.45 -49.90
CA THR B 461 17.09 2.35 -49.27
C THR B 461 18.50 1.75 -49.36
N GLY B 462 19.46 2.58 -49.71
CA GLY B 462 20.85 2.19 -49.59
C GLY B 462 21.31 2.22 -48.14
N THR B 463 22.41 1.53 -47.87
CA THR B 463 22.86 1.37 -46.50
C THR B 463 24.38 1.37 -46.46
N LEU B 464 24.95 2.12 -45.50
CA LEU B 464 26.38 2.14 -45.27
C LEU B 464 26.67 2.62 -43.85
N PRO B 465 27.37 1.82 -43.04
CA PRO B 465 27.64 2.22 -41.66
C PRO B 465 28.74 3.27 -41.56
N VAL B 466 28.75 3.96 -40.43
CA VAL B 466 29.71 5.01 -40.12
C VAL B 466 30.41 4.64 -38.81
N PHE B 467 31.74 4.79 -38.80
CA PHE B 467 32.56 4.33 -37.69
C PHE B 467 33.17 5.50 -36.92
N ASN B 468 33.37 5.28 -35.62
CA ASN B 468 34.28 6.12 -34.84
C ASN B 468 35.71 6.01 -35.38
N ILE B 469 36.37 7.16 -35.50
CA ILE B 469 37.73 7.24 -36.02
C ILE B 469 38.66 8.01 -35.07
N THR B 470 38.12 8.67 -34.05
CA THR B 470 38.93 9.48 -33.13
C THR B 470 40.10 8.67 -32.57
N GLY B 471 41.31 9.14 -32.85
CA GLY B 471 42.52 8.50 -32.38
C GLY B 471 43.01 7.36 -33.24
N GLN B 472 42.32 7.02 -34.32
CA GLN B 472 42.73 5.90 -35.16
C GLN B 472 43.95 6.23 -36.00
N PHE B 473 44.26 7.52 -36.18
CA PHE B 473 45.45 7.89 -36.95
C PHE B 473 46.72 7.41 -36.27
N GLU B 474 46.78 7.51 -34.94
CA GLU B 474 47.87 6.92 -34.17
C GLU B 474 47.46 5.64 -33.46
N ASN B 475 46.19 5.24 -33.55
CA ASN B 475 45.69 3.96 -33.04
C ASN B 475 45.98 3.81 -31.54
N LYS B 476 45.37 4.70 -30.75
CA LYS B 476 45.59 4.70 -29.32
C LYS B 476 44.32 4.62 -28.48
N THR B 477 43.16 5.02 -29.00
CA THR B 477 41.95 5.01 -28.19
C THR B 477 41.32 3.62 -28.15
N ASN B 478 40.79 3.17 -29.31
CA ASN B 478 40.24 1.83 -29.49
C ASN B 478 39.29 1.39 -28.37
N LEU B 479 38.66 2.33 -27.66
CA LEU B 479 37.77 1.99 -26.56
C LEU B 479 36.30 2.02 -26.96
N LYS B 480 35.83 3.15 -27.49
CA LYS B 480 34.50 3.25 -28.07
C LYS B 480 34.53 3.15 -29.58
N ASN B 481 35.72 2.96 -30.17
CA ASN B 481 35.88 2.95 -31.61
C ASN B 481 35.36 1.67 -32.25
N GLN B 482 34.93 0.68 -31.47
CA GLN B 482 34.38 -0.55 -32.01
C GLN B 482 32.85 -0.53 -32.03
N LEU B 483 32.24 0.63 -31.89
CA LEU B 483 30.81 0.82 -32.04
C LEU B 483 30.56 1.84 -33.15
N ILE B 484 29.57 1.56 -34.01
CA ILE B 484 29.32 2.43 -35.15
C ILE B 484 28.68 3.73 -34.69
N LEU B 485 29.00 4.82 -35.41
CA LEU B 485 28.34 6.09 -35.16
C LEU B 485 26.87 6.02 -35.56
N GLY B 486 26.59 5.35 -36.68
CA GLY B 486 25.23 5.28 -37.17
C GLY B 486 25.20 4.61 -38.52
N VAL B 487 24.14 4.88 -39.28
CA VAL B 487 23.93 4.30 -40.60
C VAL B 487 23.51 5.40 -41.56
N MET B 488 24.13 5.44 -42.73
CA MET B 488 23.74 6.35 -43.80
C MET B 488 22.78 5.64 -44.74
N GLY B 489 21.89 6.43 -45.35
CA GLY B 489 20.91 5.86 -46.26
C GLY B 489 20.35 6.84 -47.26
N VAL B 490 20.13 6.38 -48.49
CA VAL B 490 19.50 7.17 -49.54
C VAL B 490 18.36 6.34 -50.13
N ASP B 491 17.20 6.95 -50.28
CA ASP B 491 16.01 6.25 -50.74
C ASP B 491 15.91 6.28 -52.26
N VAL B 492 15.54 5.15 -52.83
CA VAL B 492 15.26 5.02 -54.26
C VAL B 492 13.81 4.56 -54.41
N SER B 493 13.00 5.34 -55.12
CA SER B 493 11.60 5.00 -55.30
C SER B 493 11.43 4.00 -56.44
N LEU B 494 10.40 3.17 -56.32
CA LEU B 494 10.15 2.19 -57.37
C LEU B 494 9.68 2.85 -58.67
N GLU B 495 9.08 4.04 -58.56
CA GLU B 495 8.72 4.77 -59.78
C GLU B 495 9.95 5.27 -60.51
N ASP B 496 11.06 5.48 -59.80
CA ASP B 496 12.32 5.78 -60.46
C ASP B 496 12.78 4.62 -61.33
N ILE B 497 12.63 3.39 -60.83
CA ILE B 497 13.01 2.21 -61.60
C ILE B 497 12.06 1.99 -62.76
N LYS B 498 10.76 2.22 -62.54
CA LYS B 498 9.78 2.00 -63.60
C LYS B 498 10.04 2.89 -64.81
N ARG B 499 10.64 4.06 -64.59
CA ARG B 499 10.98 4.94 -65.71
C ARG B 499 12.16 4.42 -66.52
N LEU B 500 12.94 3.49 -65.98
CA LEU B 500 14.06 2.89 -66.70
C LEU B 500 13.66 1.67 -67.52
N THR B 501 12.41 1.23 -67.41
CA THR B 501 11.90 0.08 -68.15
C THR B 501 10.62 0.49 -68.85
N PRO B 502 10.73 1.20 -69.97
CA PRO B 502 9.52 1.61 -70.70
C PRO B 502 8.75 0.40 -71.21
N ARG B 503 7.43 0.51 -71.20
CA ARG B 503 6.57 -0.61 -71.57
C ARG B 503 5.53 -0.26 -72.63
N PHE B 504 5.63 0.91 -73.25
CA PHE B 504 4.63 1.32 -74.23
C PHE B 504 4.99 0.93 -75.65
N THR B 505 6.17 0.35 -75.87
CA THR B 505 6.50 -0.29 -77.13
C THR B 505 6.22 -1.79 -77.10
N LEU B 506 5.86 -2.33 -75.95
CA LEU B 506 5.54 -3.73 -75.78
C LEU B 506 4.04 -3.94 -75.90
N CYS B 507 3.65 -5.21 -76.05
CA CYS B 507 2.25 -5.58 -75.97
C CYS B 507 1.75 -5.35 -74.55
N PRO B 508 0.46 -5.04 -74.39
CA PRO B 508 -0.09 -4.93 -73.02
C PRO B 508 0.07 -6.19 -72.19
N ASN B 509 0.30 -7.34 -72.81
CA ASN B 509 0.62 -8.56 -72.10
C ASN B 509 2.10 -8.70 -71.77
N GLY B 510 2.94 -7.82 -72.29
CA GLY B 510 4.37 -7.85 -72.01
C GLY B 510 4.74 -6.88 -70.91
N TYR B 511 5.64 -7.33 -70.03
CA TYR B 511 6.01 -6.54 -68.87
C TYR B 511 7.38 -6.96 -68.37
N TYR B 512 8.06 -6.03 -67.70
CA TYR B 512 9.29 -6.32 -66.99
C TYR B 512 8.99 -6.72 -65.55
N PHE B 513 9.89 -7.49 -64.95
CA PHE B 513 9.75 -7.90 -63.55
C PHE B 513 11.10 -8.30 -62.98
N ALA B 514 11.57 -7.57 -61.98
CA ALA B 514 12.85 -7.84 -61.34
C ALA B 514 12.68 -8.69 -60.09
N ILE B 515 13.69 -9.51 -59.79
CA ILE B 515 13.64 -10.41 -58.65
C ILE B 515 14.73 -10.10 -57.61
N ASP B 516 14.64 -10.76 -56.46
CA ASP B 516 15.58 -10.59 -55.35
C ASP B 516 16.20 -11.93 -55.02
N PRO B 517 17.36 -11.94 -54.33
CA PRO B 517 18.00 -13.21 -53.94
C PRO B 517 17.02 -14.08 -53.16
N ASN B 518 16.28 -13.47 -52.23
CA ASN B 518 15.28 -14.19 -51.46
C ASN B 518 14.09 -14.63 -52.30
N GLY B 519 13.97 -14.15 -53.54
CA GLY B 519 12.88 -14.50 -54.42
C GLY B 519 11.80 -13.45 -54.54
N TYR B 520 11.80 -12.44 -53.67
CA TYR B 520 10.78 -11.40 -53.72
C TYR B 520 10.98 -10.53 -54.96
N VAL B 521 9.92 -9.83 -55.34
CA VAL B 521 9.91 -9.01 -56.55
C VAL B 521 10.19 -7.56 -56.17
N LEU B 522 11.20 -6.97 -56.80
CA LEU B 522 11.43 -5.54 -56.69
C LEU B 522 10.52 -4.76 -57.63
N LEU B 523 10.20 -5.34 -58.79
CA LEU B 523 9.36 -4.71 -59.79
C LEU B 523 8.40 -5.75 -60.34
N HIS B 524 7.12 -5.40 -60.42
CA HIS B 524 6.10 -6.30 -60.96
C HIS B 524 4.79 -5.55 -61.16
N PRO B 525 4.04 -5.87 -62.22
CA PRO B 525 2.71 -5.25 -62.38
C PRO B 525 1.74 -5.61 -61.26
N ASN B 526 1.96 -6.72 -60.58
CA ASN B 526 1.06 -7.19 -59.53
C ASN B 526 1.46 -6.71 -58.14
N LEU B 527 2.48 -5.88 -58.04
CA LEU B 527 2.91 -5.34 -56.74
C LEU B 527 2.19 -4.03 -56.49
N GLN B 528 1.49 -3.94 -55.36
CA GLN B 528 0.68 -2.77 -55.05
C GLN B 528 1.22 -2.05 -53.83
N PRO B 529 1.01 -0.74 -53.72
CA PRO B 529 1.53 0.01 -52.57
C PRO B 529 0.74 -0.25 -51.29
N LYS B 530 0.55 -1.52 -50.94
CA LYS B 530 -0.19 -1.91 -49.75
C LYS B 530 0.60 -2.96 -48.99
N PRO B 531 0.49 -2.98 -47.66
CA PRO B 531 1.15 -4.04 -46.89
C PRO B 531 0.58 -5.41 -47.21
N ILE B 532 1.45 -6.41 -47.16
CA ILE B 532 1.01 -7.78 -47.39
C ILE B 532 0.34 -8.31 -46.13
N GLY B 533 -0.84 -8.90 -46.31
CA GLY B 533 -1.61 -9.40 -45.19
C GLY B 533 -1.23 -10.83 -44.81
N VAL B 534 -1.39 -11.13 -43.53
CA VAL B 534 -1.15 -12.48 -43.01
C VAL B 534 -2.31 -12.85 -42.09
N GLY B 535 -2.80 -14.07 -42.23
CA GLY B 535 -3.88 -14.53 -41.39
C GLY B 535 -5.22 -13.88 -41.72
N ILE B 536 -6.13 -14.00 -40.77
CA ILE B 536 -7.48 -13.44 -40.87
C ILE B 536 -7.62 -12.34 -39.83
N PRO B 537 -8.11 -11.16 -40.19
CA PRO B 537 -8.22 -10.06 -39.22
C PRO B 537 -9.49 -10.19 -38.39
N THR B 538 -9.31 -10.42 -37.09
CA THR B 538 -10.41 -10.56 -36.15
C THR B 538 -10.29 -9.50 -35.06
N ILE B 539 -11.40 -8.79 -34.82
CA ILE B 539 -11.46 -7.75 -33.79
C ILE B 539 -12.70 -8.00 -32.93
N ASN B 540 -12.51 -8.00 -31.63
CA ASN B 540 -13.62 -8.19 -30.69
C ASN B 540 -14.15 -6.86 -30.19
N SER B 553 1.82 -1.35 -41.27
CA SER B 553 2.55 -0.88 -42.43
C SER B 553 4.06 -0.89 -42.20
N GLN B 554 4.45 -1.14 -40.95
CA GLN B 554 5.86 -1.14 -40.61
C GLN B 554 6.60 -2.30 -41.26
N GLU B 555 5.93 -3.43 -41.46
CA GLU B 555 6.56 -4.57 -42.10
C GLU B 555 6.83 -4.27 -43.57
N PRO B 556 7.90 -4.84 -44.13
CA PRO B 556 8.20 -4.60 -45.55
C PRO B 556 7.22 -5.32 -46.46
N VAL B 557 7.11 -4.81 -47.68
CA VAL B 557 6.23 -5.41 -48.69
C VAL B 557 7.08 -6.44 -49.43
N THR B 558 7.13 -7.64 -48.85
CA THR B 558 7.92 -8.75 -49.41
C THR B 558 6.96 -9.72 -50.08
N LEU B 559 6.82 -9.59 -51.39
CA LEU B 559 5.94 -10.45 -52.18
C LEU B 559 6.82 -11.37 -53.04
N ASP B 560 6.68 -12.67 -52.84
CA ASP B 560 7.46 -13.63 -53.59
C ASP B 560 7.04 -13.63 -55.05
N PHE B 561 7.96 -14.07 -55.91
CA PHE B 561 7.66 -14.13 -57.34
C PHE B 561 6.55 -15.13 -57.63
N LEU B 562 6.57 -16.29 -56.95
CA LEU B 562 5.54 -17.29 -57.16
C LEU B 562 4.18 -16.84 -56.64
N ASP B 563 4.15 -15.81 -55.79
CA ASP B 563 2.89 -15.25 -55.29
C ASP B 563 2.41 -14.06 -56.12
N ALA B 564 3.27 -13.47 -56.95
CA ALA B 564 2.85 -12.36 -57.78
C ALA B 564 1.93 -12.81 -58.91
N GLU B 565 2.26 -13.93 -59.55
CA GLU B 565 1.45 -14.48 -60.63
C GLU B 565 1.24 -15.97 -60.37
N LEU B 566 0.57 -16.63 -61.31
CA LEU B 566 0.18 -18.03 -61.13
C LEU B 566 1.41 -18.93 -61.17
N GLU B 567 1.52 -19.80 -60.17
CA GLU B 567 2.67 -20.67 -60.03
C GLU B 567 2.66 -21.77 -61.09
N ASN B 568 3.86 -22.25 -61.43
CA ASN B 568 4.03 -23.30 -62.42
C ASN B 568 5.28 -24.08 -62.09
N ASP B 569 5.33 -25.33 -62.58
CA ASP B 569 6.56 -26.11 -62.43
C ASP B 569 7.69 -25.55 -63.27
N ILE B 570 7.37 -25.02 -64.45
CA ILE B 570 8.39 -24.39 -65.29
C ILE B 570 8.83 -23.07 -64.68
N LYS B 571 7.90 -22.31 -64.11
CA LYS B 571 8.22 -20.99 -63.56
C LYS B 571 9.10 -21.09 -62.33
N VAL B 572 9.01 -22.21 -61.59
CA VAL B 572 9.91 -22.40 -60.45
C VAL B 572 11.35 -22.55 -60.93
N GLU B 573 11.56 -23.29 -62.02
CA GLU B 573 12.89 -23.43 -62.58
C GLU B 573 13.45 -22.09 -63.04
N ILE B 574 12.60 -21.27 -63.66
CA ILE B 574 13.02 -19.94 -64.08
C ILE B 574 13.40 -19.10 -62.86
N ARG B 575 12.61 -19.17 -61.79
CA ARG B 575 12.90 -18.41 -60.59
C ARG B 575 14.24 -18.82 -59.99
N ASN B 576 14.52 -20.12 -59.94
CA ASN B 576 15.79 -20.58 -59.37
C ASN B 576 16.97 -20.19 -60.25
N LYS B 577 16.79 -20.15 -61.56
CA LYS B 577 17.88 -19.75 -62.46
C LYS B 577 18.17 -18.26 -62.37
N MET B 578 17.16 -17.44 -62.06
CA MET B 578 17.38 -16.01 -61.86
C MET B 578 18.00 -15.71 -60.51
N ILE B 579 17.69 -16.48 -59.48
CA ILE B 579 18.18 -16.20 -58.14
C ILE B 579 19.70 -16.32 -58.09
N ASP B 580 20.24 -17.39 -58.66
CA ASP B 580 21.68 -17.61 -58.63
C ASP B 580 22.44 -16.78 -59.68
N GLY B 581 21.73 -15.92 -60.42
CA GLY B 581 22.38 -14.95 -61.27
C GLY B 581 23.01 -15.50 -62.53
N GLU B 582 22.20 -16.07 -63.41
CA GLU B 582 22.67 -16.50 -64.71
C GLU B 582 21.64 -16.12 -65.77
N SER B 583 22.12 -15.68 -66.93
CA SER B 583 21.23 -15.29 -68.01
C SER B 583 20.65 -16.51 -68.69
N GLY B 584 19.59 -16.29 -69.46
CA GLY B 584 18.95 -17.39 -70.16
C GLY B 584 17.72 -16.91 -70.90
N GLU B 585 16.96 -17.88 -71.40
CA GLU B 585 15.74 -17.61 -72.14
C GLU B 585 14.93 -18.89 -72.23
N LYS B 586 13.60 -18.76 -72.19
CA LYS B 586 12.73 -19.92 -72.29
C LYS B 586 11.39 -19.50 -72.87
N THR B 587 10.91 -20.26 -73.85
CA THR B 587 9.60 -20.06 -74.45
C THR B 587 8.73 -21.28 -74.16
N PHE B 588 7.56 -21.05 -73.57
CA PHE B 588 6.71 -22.14 -73.13
C PHE B 588 5.27 -21.64 -73.06
N ARG B 589 4.34 -22.58 -72.97
CA ARG B 589 2.93 -22.27 -72.90
C ARG B 589 2.52 -22.01 -71.44
N THR B 590 1.91 -20.86 -71.20
CA THR B 590 1.52 -20.43 -69.86
C THR B 590 0.04 -20.08 -69.86
N LEU B 591 -0.64 -20.44 -68.77
CA LEU B 591 -2.01 -20.00 -68.58
C LEU B 591 -2.01 -18.77 -67.67
N VAL B 592 -2.63 -17.70 -68.15
CA VAL B 592 -2.46 -16.36 -67.61
C VAL B 592 -3.78 -15.90 -66.99
N LYS B 593 -3.70 -15.41 -65.77
CA LYS B 593 -4.87 -14.82 -65.11
C LYS B 593 -5.15 -13.44 -65.70
N SER B 594 -6.43 -13.12 -65.84
CA SER B 594 -6.84 -11.88 -66.46
C SER B 594 -6.62 -10.70 -65.51
N GLN B 595 -6.72 -9.49 -66.06
CA GLN B 595 -6.55 -8.28 -65.26
C GLN B 595 -7.61 -8.21 -64.16
N ASP B 596 -8.86 -8.49 -64.51
CA ASP B 596 -9.90 -8.72 -63.53
C ASP B 596 -9.89 -10.20 -63.17
N GLU B 597 -9.76 -10.50 -61.88
CA GLU B 597 -9.53 -11.88 -61.45
C GLU B 597 -10.79 -12.72 -61.62
N ARG B 598 -11.19 -12.94 -62.88
CA ARG B 598 -12.38 -13.72 -63.19
C ARG B 598 -12.16 -14.72 -64.32
N TYR B 599 -11.08 -14.62 -65.07
CA TYR B 599 -10.84 -15.49 -66.21
C TYR B 599 -9.39 -15.98 -66.19
N ILE B 600 -9.17 -17.14 -66.80
CA ILE B 600 -7.82 -17.67 -67.03
C ILE B 600 -7.74 -18.08 -68.49
N ASP B 601 -6.69 -17.61 -69.17
CA ASP B 601 -6.46 -17.95 -70.56
C ASP B 601 -5.02 -18.40 -70.73
N LYS B 602 -4.81 -19.35 -71.64
CA LYS B 602 -3.50 -19.95 -71.86
C LYS B 602 -2.91 -19.48 -73.18
N GLY B 603 -1.71 -18.94 -73.12
CA GLY B 603 -1.04 -18.44 -74.31
C GLY B 603 0.46 -18.52 -74.17
N ASN B 604 1.14 -18.55 -75.32
CA ASN B 604 2.59 -18.68 -75.33
C ASN B 604 3.24 -17.42 -74.78
N ARG B 605 4.29 -17.62 -73.99
CA ARG B 605 5.08 -16.52 -73.42
C ARG B 605 6.56 -16.82 -73.58
N THR B 606 7.37 -15.77 -73.60
CA THR B 606 8.81 -15.88 -73.68
C THR B 606 9.42 -15.10 -72.51
N TYR B 607 10.23 -15.78 -71.71
CA TYR B 607 10.90 -15.17 -70.57
C TYR B 607 12.39 -15.01 -70.90
N THR B 608 12.89 -13.78 -70.81
CA THR B 608 14.29 -13.47 -71.06
C THR B 608 14.83 -12.72 -69.86
N TRP B 609 15.88 -13.26 -69.23
CA TRP B 609 16.41 -12.69 -68.00
C TRP B 609 17.92 -12.58 -68.07
N THR B 610 18.45 -11.56 -67.42
CA THR B 610 19.88 -11.36 -67.23
C THR B 610 20.08 -10.78 -65.83
N PRO B 611 21.23 -11.03 -65.20
CA PRO B 611 21.48 -10.43 -63.89
C PRO B 611 21.98 -9.00 -64.01
N VAL B 612 21.46 -8.15 -63.12
CA VAL B 612 21.97 -6.79 -62.98
C VAL B 612 23.20 -6.87 -62.10
N ASN B 613 24.38 -7.08 -62.71
CA ASN B 613 25.55 -7.50 -61.95
C ASN B 613 26.41 -6.34 -61.47
N GLY B 614 25.80 -5.20 -61.20
CA GLY B 614 26.39 -4.25 -60.28
C GLY B 614 25.90 -4.58 -58.88
N THR B 615 24.59 -4.78 -58.78
CA THR B 615 23.90 -5.23 -57.57
C THR B 615 23.67 -6.73 -57.64
N ASP B 616 22.83 -7.25 -56.74
CA ASP B 616 22.49 -8.66 -56.69
C ASP B 616 21.10 -8.96 -57.26
N TYR B 617 20.48 -8.00 -57.92
CA TYR B 617 19.16 -8.20 -58.50
C TYR B 617 19.27 -8.91 -59.85
N SER B 618 18.14 -9.42 -60.32
CA SER B 618 18.05 -10.06 -61.62
C SER B 618 16.80 -9.57 -62.33
N LEU B 619 16.96 -9.07 -63.56
CA LEU B 619 15.87 -8.50 -64.33
C LEU B 619 15.41 -9.47 -65.40
N ALA B 620 14.10 -9.55 -65.60
CA ALA B 620 13.51 -10.41 -66.61
C ALA B 620 12.44 -9.64 -67.37
N LEU B 621 12.21 -10.06 -68.61
CA LEU B 621 11.22 -9.43 -69.48
C LEU B 621 10.28 -10.51 -70.01
N VAL B 622 9.01 -10.42 -69.63
CA VAL B 622 7.99 -11.33 -70.15
C VAL B 622 7.44 -10.75 -71.43
N LEU B 623 7.50 -11.53 -72.51
CA LEU B 623 7.07 -11.04 -73.81
C LEU B 623 6.41 -12.17 -74.58
N PRO B 624 5.14 -12.03 -74.95
CA PRO B 624 4.48 -13.09 -75.70
C PRO B 624 4.92 -13.13 -77.15
N THR B 625 4.28 -13.98 -77.95
CA THR B 625 4.47 -13.93 -79.39
C THR B 625 3.71 -12.71 -79.91
N TYR B 626 3.62 -12.57 -81.22
CA TYR B 626 2.87 -11.48 -81.88
C TYR B 626 3.24 -10.10 -81.36
N SER B 627 4.36 -10.00 -80.63
CA SER B 627 4.80 -8.73 -80.08
C SER B 627 6.29 -8.52 -80.26
N PHE B 628 6.96 -9.36 -81.05
CA PHE B 628 8.35 -9.13 -81.40
C PHE B 628 8.51 -8.01 -82.42
N TYR B 629 7.41 -7.42 -82.88
CA TYR B 629 7.43 -6.24 -83.73
C TYR B 629 6.39 -5.26 -83.22
N TYR B 630 6.59 -3.99 -83.51
CA TYR B 630 5.67 -2.95 -83.11
C TYR B 630 5.61 -1.87 -84.18
N ILE B 631 4.51 -1.12 -84.17
CA ILE B 631 4.27 -0.07 -85.15
C ILE B 631 5.00 1.19 -84.68
N LYS B 632 5.99 1.62 -85.47
CA LYS B 632 6.71 2.86 -85.19
C LYS B 632 6.25 3.91 -86.19
N ALA B 633 5.71 5.02 -85.66
CA ALA B 633 5.14 6.06 -86.49
C ALA B 633 6.23 7.02 -86.97
N LYS B 634 6.26 7.27 -88.27
CA LYS B 634 7.11 8.31 -88.86
C LYS B 634 6.23 9.26 -89.64
N LEU B 635 6.19 10.52 -89.21
CA LEU B 635 5.42 11.55 -89.89
C LEU B 635 5.89 12.91 -89.42
N GLU B 636 6.32 13.75 -90.36
CA GLU B 636 6.78 15.10 -90.05
C GLU B 636 6.01 16.17 -90.81
N GLU B 637 5.08 15.78 -91.67
CA GLU B 637 4.29 16.76 -92.42
C GLU B 637 3.40 17.55 -91.48
N THR B 638 3.30 18.86 -91.73
CA THR B 638 2.61 19.75 -90.80
C THR B 638 1.10 19.56 -90.85
N ILE B 639 0.52 19.52 -92.05
CA ILE B 639 -0.93 19.51 -92.14
C ILE B 639 -1.53 18.14 -91.88
N THR B 640 -0.74 17.07 -91.97
CA THR B 640 -1.27 15.74 -91.68
C THR B 640 -1.42 15.49 -90.18
N GLN B 641 -0.70 16.24 -89.34
CA GLN B 641 -0.88 16.13 -87.91
C GLN B 641 -1.95 17.08 -87.39
N ALA B 642 -2.13 18.23 -88.02
CA ALA B 642 -3.20 19.14 -87.63
C ALA B 642 -4.56 18.51 -87.88
N ARG B 643 -4.73 17.83 -89.01
CA ARG B 643 -5.98 17.12 -89.28
C ARG B 643 -6.19 15.99 -88.28
N TYR B 644 -5.14 15.22 -88.00
CA TYR B 644 -5.25 14.15 -87.02
C TYR B 644 -5.54 14.69 -85.63
N SER B 645 -4.87 15.78 -85.24
CA SER B 645 -5.15 16.40 -83.95
C SER B 645 -6.53 17.05 -83.92
N GLU B 646 -7.04 17.46 -85.08
CA GLU B 646 -8.38 18.04 -85.14
C GLU B 646 -9.45 17.02 -84.77
N THR B 647 -9.17 15.74 -84.96
CA THR B 647 -10.12 14.69 -84.60
C THR B 647 -10.28 14.51 -83.10
N LEU B 648 -9.44 15.16 -82.29
CA LEU B 648 -9.49 15.04 -80.84
C LEU B 648 -10.35 16.11 -80.18
N LYS B 649 -10.93 17.02 -80.95
CA LYS B 649 -11.71 18.12 -80.37
C LYS B 649 -12.98 17.57 -79.74
N PRO B 650 -13.27 17.92 -78.49
CA PRO B 650 -14.51 17.42 -77.85
C PRO B 650 -15.79 17.90 -78.52
N ASP B 651 -15.74 18.98 -79.28
CA ASP B 651 -16.96 19.56 -79.85
C ASP B 651 -17.57 18.68 -80.94
N ASN B 652 -16.77 18.06 -81.79
CA ASN B 652 -17.26 17.29 -82.93
C ASN B 652 -17.36 15.80 -82.64
N PHE B 653 -17.64 15.42 -81.38
CA PHE B 653 -17.86 14.02 -81.07
C PHE B 653 -19.11 13.47 -81.74
N GLU B 654 -20.07 14.33 -82.10
CA GLU B 654 -21.28 13.88 -82.77
C GLU B 654 -21.00 13.29 -84.15
N GLU B 655 -19.86 13.60 -84.75
CA GLU B 655 -19.50 13.08 -86.05
C GLU B 655 -18.33 12.11 -86.01
N SER B 656 -17.61 12.01 -84.89
CA SER B 656 -16.47 11.13 -84.78
C SER B 656 -16.55 10.16 -83.59
N GLY B 657 -17.60 10.22 -82.79
CA GLY B 657 -17.73 9.34 -81.65
C GLY B 657 -17.00 9.86 -80.43
N TYR B 658 -17.47 9.42 -79.26
CA TYR B 658 -16.84 9.81 -78.00
C TYR B 658 -15.40 9.28 -77.96
N THR B 659 -14.47 10.15 -77.58
CA THR B 659 -13.04 9.84 -77.65
C THR B 659 -12.44 9.89 -76.25
N PHE B 660 -11.66 8.86 -75.93
CA PHE B 660 -10.88 8.81 -74.71
C PHE B 660 -9.40 8.85 -75.04
N ILE B 661 -8.60 9.33 -74.09
CA ILE B 661 -7.17 9.48 -74.27
C ILE B 661 -6.45 8.83 -73.09
N ALA B 662 -5.38 8.10 -73.40
CA ALA B 662 -4.62 7.43 -72.36
C ALA B 662 -3.77 8.43 -71.61
N PRO B 663 -3.85 8.49 -70.28
CA PRO B 663 -3.04 9.46 -69.53
C PRO B 663 -1.56 9.10 -69.49
N ARG B 664 -0.94 9.00 -70.66
CA ARG B 664 0.49 8.73 -70.73
C ARG B 664 1.27 10.02 -70.45
N ASP B 665 2.56 9.84 -70.14
CA ASP B 665 3.46 10.97 -69.91
C ASP B 665 4.01 11.44 -71.26
N TYR B 666 3.13 12.05 -72.05
CA TYR B 666 3.51 12.52 -73.37
C TYR B 666 4.58 13.60 -73.28
N CYS B 667 4.36 14.60 -72.42
CA CYS B 667 5.35 15.64 -72.19
C CYS B 667 5.41 15.96 -70.70
N ASN B 668 6.55 16.52 -70.29
CA ASN B 668 6.80 16.74 -68.87
C ASN B 668 5.94 17.84 -68.28
N ASP B 669 5.40 18.73 -69.09
CA ASP B 669 4.60 19.85 -68.61
C ASP B 669 3.11 19.54 -68.60
N LEU B 670 2.72 18.32 -68.96
CA LEU B 670 1.31 17.91 -69.02
C LEU B 670 1.07 16.92 -67.88
N LYS B 671 0.46 17.41 -66.80
CA LYS B 671 0.23 16.57 -65.63
C LYS B 671 -0.91 15.60 -65.87
N ILE B 672 -0.78 14.39 -65.31
CA ILE B 672 -1.86 13.43 -65.36
C ILE B 672 -3.04 13.95 -64.54
N SER B 673 -4.25 13.58 -64.96
CA SER B 673 -5.46 14.16 -64.39
C SER B 673 -6.42 13.16 -63.79
N ASP B 674 -6.42 11.90 -64.27
CA ASP B 674 -7.35 10.88 -63.82
C ASP B 674 -8.81 11.27 -64.05
N ASN B 675 -9.05 12.18 -64.98
CA ASN B 675 -10.39 12.64 -65.32
C ASN B 675 -10.76 12.38 -66.77
N ASN B 676 -9.75 12.52 -67.64
CA ASN B 676 -9.81 12.28 -69.09
C ASN B 676 -10.75 13.22 -69.83
N THR B 677 -11.80 13.67 -69.14
CA THR B 677 -12.73 14.61 -69.76
C THR B 677 -12.04 15.95 -69.94
N GLU B 678 -11.20 16.32 -68.97
CA GLU B 678 -10.46 17.56 -69.02
C GLU B 678 -9.03 17.34 -69.51
N PHE B 679 -8.47 16.19 -69.16
CA PHE B 679 -7.10 15.84 -69.56
C PHE B 679 -6.95 15.90 -71.06
N LEU B 680 -7.95 15.41 -71.79
CA LEU B 680 -7.96 15.57 -73.25
C LEU B 680 -8.01 17.03 -73.65
N LEU B 681 -8.73 17.85 -72.88
CA LEU B 681 -8.78 19.28 -73.15
C LEU B 681 -7.40 19.91 -73.01
N ASN B 682 -6.64 19.50 -72.00
CA ASN B 682 -5.26 19.99 -71.88
C ASN B 682 -4.38 19.43 -72.99
N PHE B 683 -4.59 18.16 -73.36
CA PHE B 683 -3.72 17.52 -74.34
C PHE B 683 -3.81 18.20 -75.70
N ASN B 684 -5.02 18.35 -76.23
CA ASN B 684 -5.16 18.90 -77.57
C ASN B 684 -4.91 20.40 -77.60
N GLU B 685 -5.20 21.10 -76.49
CA GLU B 685 -4.84 22.51 -76.43
C GLU B 685 -3.34 22.71 -76.31
N PHE B 686 -2.62 21.67 -75.87
CA PHE B 686 -1.16 21.74 -75.86
C PHE B 686 -0.59 21.53 -77.27
N ILE B 687 -1.27 20.72 -78.07
CA ILE B 687 -0.75 20.38 -79.40
C ILE B 687 -0.70 21.61 -80.29
N ASP B 688 -1.77 22.40 -80.31
CA ASP B 688 -1.81 23.60 -81.14
C ASP B 688 -1.15 24.80 -80.49
N ARG B 689 -0.84 24.72 -79.19
CA ARG B 689 -0.14 25.78 -78.47
C ARG B 689 1.31 25.41 -78.20
N LYS B 690 1.87 24.53 -79.02
CA LYS B 690 3.26 24.13 -78.90
C LYS B 690 3.80 23.86 -80.29
N THR B 691 5.07 24.23 -80.50
CA THR B 691 5.70 23.98 -81.79
C THR B 691 5.80 22.48 -82.02
N PRO B 692 5.41 21.98 -83.21
CA PRO B 692 5.39 20.52 -83.43
C PRO B 692 6.76 19.87 -83.42
N ASN B 693 7.85 20.63 -83.30
CA ASN B 693 9.18 20.03 -83.20
C ASN B 693 9.33 19.23 -81.92
N ASN B 694 8.66 19.65 -80.84
CA ASN B 694 8.65 18.96 -79.55
C ASN B 694 10.07 18.69 -79.06
N PRO B 695 10.82 19.74 -78.65
CA PRO B 695 12.20 19.51 -78.21
C PRO B 695 12.33 19.01 -76.79
N SER B 696 11.31 19.20 -75.96
CA SER B 696 11.39 18.82 -74.55
C SER B 696 10.79 17.46 -74.24
N CYS B 697 9.97 16.91 -75.14
CA CYS B 697 9.31 15.64 -74.90
C CYS B 697 9.39 14.76 -76.13
N ASN B 698 9.23 13.46 -75.91
CA ASN B 698 9.43 12.46 -76.95
C ASN B 698 8.30 12.51 -77.98
N ALA B 699 8.67 12.50 -79.26
CA ALA B 699 7.69 12.44 -80.33
C ALA B 699 7.18 11.03 -80.58
N ASP B 700 7.93 10.01 -80.14
CA ASP B 700 7.53 8.62 -80.41
C ASP B 700 6.20 8.30 -79.74
N LEU B 701 6.00 8.76 -78.51
CA LEU B 701 4.77 8.50 -77.79
C LEU B 701 3.62 9.40 -78.24
N ILE B 702 3.92 10.45 -79.00
CA ILE B 702 2.90 11.37 -79.48
C ILE B 702 2.60 11.06 -80.94
N ASN B 703 3.60 10.60 -81.68
CA ASN B 703 3.36 10.21 -83.06
C ASN B 703 2.46 8.99 -83.15
N ARG B 704 2.55 8.08 -82.17
CA ARG B 704 1.71 6.89 -82.18
C ARG B 704 0.24 7.26 -81.92
N VAL B 705 -0.01 8.10 -80.92
CA VAL B 705 -1.38 8.44 -80.57
C VAL B 705 -2.02 9.28 -81.68
N LEU B 706 -1.24 10.14 -82.33
CA LEU B 706 -1.78 10.92 -83.44
C LEU B 706 -2.05 10.03 -84.65
N LEU B 707 -1.15 9.08 -84.92
CA LEU B 707 -1.37 8.15 -86.03
C LEU B 707 -2.59 7.29 -85.79
N ASP B 708 -2.77 6.80 -84.55
CA ASP B 708 -3.96 6.01 -84.23
C ASP B 708 -5.22 6.86 -84.23
N ALA B 709 -5.10 8.18 -84.06
CA ALA B 709 -6.27 9.05 -84.14
C ALA B 709 -6.87 9.04 -85.53
N GLY B 710 -6.03 9.10 -86.56
CA GLY B 710 -6.54 9.08 -87.93
C GLY B 710 -7.15 7.74 -88.30
N PHE B 711 -6.51 6.63 -87.89
CA PHE B 711 -7.00 5.31 -88.26
C PHE B 711 -8.35 5.01 -87.63
N THR B 712 -8.53 5.37 -86.36
CA THR B 712 -9.81 5.13 -85.70
C THR B 712 -10.91 5.99 -86.31
N ASN B 713 -10.59 7.25 -86.62
CA ASN B 713 -11.59 8.13 -87.22
C ASN B 713 -12.00 7.67 -88.61
N GLU B 714 -11.01 7.27 -89.43
CA GLU B 714 -11.32 6.86 -90.79
C GLU B 714 -12.22 5.62 -90.81
N LEU B 715 -12.15 4.79 -89.79
CA LEU B 715 -13.12 3.70 -89.66
C LEU B 715 -14.51 4.25 -89.33
N VAL B 716 -14.58 5.26 -88.47
CA VAL B 716 -15.87 5.82 -88.07
C VAL B 716 -16.51 6.55 -89.24
N GLN B 717 -15.75 7.39 -89.95
CA GLN B 717 -16.32 8.19 -91.01
C GLN B 717 -16.72 7.33 -92.20
N ASN B 718 -15.87 6.38 -92.60
CA ASN B 718 -16.11 5.62 -93.82
C ASN B 718 -17.02 4.42 -93.61
N TYR B 719 -17.03 3.82 -92.42
CA TYR B 719 -17.79 2.60 -92.19
C TYR B 719 -18.89 2.76 -91.16
N TRP B 720 -18.56 3.26 -89.96
CA TRP B 720 -19.55 3.30 -88.88
C TRP B 720 -20.63 4.35 -89.14
N SER B 721 -20.30 5.43 -89.86
CA SER B 721 -21.26 6.51 -90.05
C SER B 721 -22.43 6.07 -90.93
N LYS B 722 -22.19 5.15 -91.86
CA LYS B 722 -23.25 4.71 -92.76
C LYS B 722 -24.37 4.01 -92.00
N GLN B 723 -24.02 3.14 -91.05
CA GLN B 723 -25.01 2.42 -90.25
C GLN B 723 -25.22 3.19 -88.95
N LYS B 724 -26.17 4.13 -88.97
CA LYS B 724 -26.45 4.94 -87.79
C LYS B 724 -26.98 4.08 -86.64
N ASN B 725 -27.91 3.16 -86.94
CA ASN B 725 -28.52 2.33 -85.92
C ASN B 725 -28.61 0.89 -86.43
N ILE B 726 -28.25 -0.05 -85.57
CA ILE B 726 -28.36 -1.47 -85.84
C ILE B 726 -29.19 -2.10 -84.73
N LYS B 727 -30.06 -3.05 -85.09
CA LYS B 727 -31.05 -3.55 -84.16
C LYS B 727 -30.42 -4.15 -82.91
N GLY B 728 -29.41 -4.99 -83.08
CA GLY B 728 -28.79 -5.67 -81.96
C GLY B 728 -27.58 -5.00 -81.35
N VAL B 729 -27.29 -3.75 -81.72
CA VAL B 729 -26.07 -3.06 -81.30
C VAL B 729 -26.44 -1.85 -80.47
N LYS B 730 -25.83 -1.72 -79.29
CA LYS B 730 -25.98 -0.53 -78.46
C LYS B 730 -24.77 0.38 -78.48
N ALA B 731 -23.57 -0.15 -78.71
CA ALA B 731 -22.37 0.64 -78.76
C ALA B 731 -21.33 -0.06 -79.62
N ARG B 732 -20.39 0.72 -80.14
CA ARG B 732 -19.29 0.19 -80.93
C ARG B 732 -18.02 0.92 -80.52
N PHE B 733 -16.99 0.15 -80.13
CA PHE B 733 -15.78 0.72 -79.56
C PHE B 733 -14.56 0.22 -80.30
N VAL B 734 -13.54 1.07 -80.36
CA VAL B 734 -12.22 0.71 -80.89
C VAL B 734 -11.19 1.12 -79.85
N VAL B 735 -10.39 0.16 -79.40
CA VAL B 735 -9.31 0.39 -78.46
C VAL B 735 -8.00 0.03 -79.16
N THR B 736 -7.05 0.95 -79.15
CA THR B 736 -5.82 0.80 -79.92
C THR B 736 -4.61 0.80 -79.01
N ASP B 737 -3.47 0.40 -79.58
CA ASP B 737 -2.21 0.43 -78.85
C ASP B 737 -1.68 1.84 -78.67
N GLY B 738 -2.08 2.77 -79.54
CA GLY B 738 -1.65 4.15 -79.37
C GLY B 738 -2.17 4.77 -78.09
N GLY B 739 -3.39 4.42 -77.69
CA GLY B 739 -3.92 4.89 -76.44
C GLY B 739 -5.19 5.73 -76.54
N ILE B 740 -6.04 5.45 -77.52
CA ILE B 740 -7.30 6.15 -77.67
C ILE B 740 -8.44 5.14 -77.75
N THR B 741 -9.63 5.58 -77.34
CA THR B 741 -10.85 4.79 -77.44
C THR B 741 -11.88 5.61 -78.20
N ARG B 742 -12.67 4.95 -79.04
CA ARG B 742 -13.69 5.62 -79.84
C ARG B 742 -15.00 4.86 -79.71
N VAL B 743 -15.94 5.44 -78.97
CA VAL B 743 -17.30 4.91 -78.86
C VAL B 743 -18.20 5.78 -79.73
N TYR B 744 -18.79 5.18 -80.76
CA TYR B 744 -19.50 5.98 -81.76
C TYR B 744 -20.68 6.77 -81.20
N PRO B 745 -21.64 6.18 -80.49
CA PRO B 745 -22.77 6.97 -80.01
C PRO B 745 -22.36 7.81 -78.79
N LYS B 746 -22.68 9.11 -78.85
CA LYS B 746 -22.43 9.98 -77.71
C LYS B 746 -23.16 9.49 -76.47
N GLU B 747 -24.42 9.08 -76.63
CA GLU B 747 -25.19 8.57 -75.50
C GLU B 747 -24.58 7.30 -74.95
N ALA B 748 -24.11 6.41 -75.83
CA ALA B 748 -23.47 5.17 -75.40
C ALA B 748 -22.05 5.39 -74.90
N GLY B 749 -21.44 6.55 -75.20
CA GLY B 749 -20.12 6.85 -74.68
C GLY B 749 -20.10 7.26 -73.23
N GLU B 750 -21.26 7.48 -72.62
CA GLU B 750 -21.35 7.80 -71.21
C GLU B 750 -21.36 6.56 -70.33
N ASN B 751 -21.51 5.38 -70.91
CA ASN B 751 -21.52 4.13 -70.17
C ASN B 751 -20.19 3.40 -70.22
N TRP B 752 -19.18 3.98 -70.87
CA TRP B 752 -17.86 3.35 -70.96
C TRP B 752 -17.16 3.48 -69.62
N GLN B 753 -17.17 2.41 -68.84
CA GLN B 753 -16.56 2.39 -67.52
C GLN B 753 -15.15 1.81 -67.52
N GLU B 754 -14.59 1.51 -68.69
CA GLU B 754 -13.26 0.93 -68.74
C GLU B 754 -12.19 1.99 -68.48
N ASN B 755 -11.01 1.51 -68.13
CA ASN B 755 -9.89 2.41 -67.84
C ASN B 755 -9.47 3.11 -69.13
N PRO B 756 -9.27 4.43 -69.11
CA PRO B 756 -8.79 5.11 -70.32
C PRO B 756 -7.44 4.60 -70.82
N GLU B 757 -6.58 4.15 -69.92
CA GLU B 757 -5.31 3.56 -70.33
C GLU B 757 -5.56 2.19 -70.94
N THR B 758 -5.16 2.01 -72.20
CA THR B 758 -5.46 0.77 -72.91
C THR B 758 -4.69 -0.41 -72.34
N TYR B 759 -3.52 -0.17 -71.76
CA TYR B 759 -2.73 -1.26 -71.20
C TYR B 759 -3.34 -1.84 -69.93
N GLU B 760 -4.30 -1.14 -69.32
CA GLU B 760 -4.95 -1.60 -68.12
C GLU B 760 -6.34 -2.14 -68.38
N ASP B 761 -6.73 -2.34 -69.64
CA ASP B 761 -8.05 -2.84 -69.97
C ASP B 761 -8.04 -4.36 -69.98
N SER B 762 -8.87 -4.96 -69.14
CA SER B 762 -8.88 -6.42 -69.01
C SER B 762 -9.34 -7.09 -70.30
N PHE B 763 -10.38 -6.57 -70.94
CA PHE B 763 -10.87 -7.17 -72.17
C PHE B 763 -9.87 -7.01 -73.31
N TYR B 764 -9.13 -5.90 -73.33
CA TYR B 764 -8.12 -5.70 -74.38
C TYR B 764 -7.03 -6.76 -74.28
N LYS B 765 -6.52 -7.01 -73.08
CA LYS B 765 -5.46 -8.00 -72.90
C LYS B 765 -5.97 -9.40 -73.18
N ARG B 766 -7.20 -9.71 -72.78
CA ARG B 766 -7.75 -11.04 -72.99
C ARG B 766 -8.04 -11.30 -74.46
N SER B 767 -8.44 -10.27 -75.21
CA SER B 767 -8.76 -10.47 -76.62
C SER B 767 -7.53 -10.71 -77.48
N LEU B 768 -6.34 -10.30 -77.03
CA LEU B 768 -5.13 -10.54 -77.79
C LEU B 768 -4.71 -12.00 -77.71
N ASP B 769 -4.84 -12.62 -76.53
CA ASP B 769 -4.46 -14.02 -76.37
C ASP B 769 -5.39 -14.93 -77.16
N ASN B 770 -6.69 -14.67 -77.13
CA ASN B 770 -7.64 -15.52 -77.84
C ASN B 770 -7.60 -15.22 -79.34
N ASP B 771 -7.87 -16.26 -80.14
CA ASP B 771 -7.98 -16.14 -81.58
C ASP B 771 -9.43 -16.15 -82.06
N ASN B 772 -10.34 -15.64 -81.22
CA ASN B 772 -11.76 -15.67 -81.53
C ASN B 772 -12.45 -14.57 -80.73
N TYR B 773 -13.71 -14.33 -81.07
CA TYR B 773 -14.49 -13.32 -80.37
C TYR B 773 -14.63 -13.69 -78.90
N VAL B 774 -14.40 -12.72 -78.02
CA VAL B 774 -14.40 -12.92 -76.58
C VAL B 774 -15.61 -12.21 -76.00
N PHE B 775 -16.46 -12.96 -75.31
CA PHE B 775 -17.65 -12.43 -74.65
C PHE B 775 -17.30 -12.16 -73.19
N THR B 776 -17.44 -10.91 -72.76
CA THR B 776 -17.13 -10.51 -71.40
C THR B 776 -18.43 -10.29 -70.64
N ALA B 777 -18.63 -11.04 -69.56
CA ALA B 777 -19.85 -10.92 -68.79
C ALA B 777 -19.83 -9.64 -67.95
N PRO B 778 -20.99 -9.02 -67.75
CA PRO B 778 -21.04 -7.82 -66.89
C PRO B 778 -20.92 -8.18 -65.42
N TYR B 779 -20.97 -7.17 -64.55
CA TYR B 779 -20.86 -7.40 -63.12
C TYR B 779 -22.25 -7.61 -62.52
N PHE B 780 -22.35 -7.64 -61.19
CA PHE B 780 -23.59 -7.98 -60.52
C PHE B 780 -23.68 -7.15 -59.23
N ASN B 781 -24.63 -7.52 -58.37
CA ASN B 781 -24.84 -6.87 -57.07
C ASN B 781 -25.15 -5.39 -57.22
N LYS B 782 -25.78 -5.00 -58.32
CA LYS B 782 -26.16 -3.62 -58.58
C LYS B 782 -24.95 -2.69 -58.45
N SER B 783 -23.83 -3.12 -59.04
CA SER B 783 -22.61 -2.32 -59.00
C SER B 783 -22.71 -1.16 -59.98
N GLY B 784 -23.60 -0.23 -59.72
CA GLY B 784 -23.88 0.85 -60.64
C GLY B 784 -24.75 0.39 -61.80
N PRO B 785 -24.72 1.14 -62.90
CA PRO B 785 -25.53 0.78 -64.07
C PRO B 785 -24.78 -0.15 -65.02
N GLY B 786 -25.53 -0.75 -65.93
CA GLY B 786 -24.90 -1.48 -67.01
C GLY B 786 -25.53 -2.81 -67.42
N ALA B 787 -26.44 -3.34 -66.61
CA ALA B 787 -26.95 -4.69 -66.86
C ALA B 787 -27.71 -4.75 -68.18
N TYR B 788 -28.69 -3.88 -68.37
CA TYR B 788 -29.54 -3.90 -69.54
C TYR B 788 -29.31 -2.72 -70.46
N GLU B 789 -28.99 -1.56 -69.89
CA GLU B 789 -28.83 -0.33 -70.64
C GLU B 789 -27.45 -0.16 -71.25
N SER B 790 -26.55 -1.11 -71.04
CA SER B 790 -25.23 -1.05 -71.64
C SER B 790 -25.11 -2.16 -72.69
N GLY B 791 -25.30 -3.40 -72.26
CA GLY B 791 -25.25 -4.54 -73.15
C GLY B 791 -24.18 -5.53 -72.74
N ILE B 792 -23.94 -6.50 -73.62
CA ILE B 792 -22.90 -7.52 -73.42
C ILE B 792 -21.74 -7.18 -74.33
N MET B 793 -20.54 -7.09 -73.75
CA MET B 793 -19.36 -6.70 -74.51
C MET B 793 -18.79 -7.89 -75.27
N VAL B 794 -18.49 -7.69 -76.55
CA VAL B 794 -17.82 -8.68 -77.38
C VAL B 794 -16.68 -7.98 -78.09
N SER B 795 -15.50 -8.60 -78.08
CA SER B 795 -14.31 -7.98 -78.66
C SER B 795 -13.56 -8.99 -79.52
N LYS B 796 -12.80 -8.46 -80.48
CA LYS B 796 -11.99 -9.29 -81.37
C LYS B 796 -10.80 -8.46 -81.82
N ALA B 797 -9.59 -8.93 -81.49
CA ALA B 797 -8.38 -8.21 -81.84
C ALA B 797 -8.08 -8.36 -83.32
N VAL B 798 -7.73 -7.24 -83.96
CA VAL B 798 -7.40 -7.25 -85.38
C VAL B 798 -5.96 -7.75 -85.56
N GLU B 799 -5.73 -8.50 -86.64
CA GLU B 799 -4.42 -9.02 -86.96
C GLU B 799 -4.05 -8.58 -88.37
N ILE B 800 -2.90 -7.94 -88.51
CA ILE B 800 -2.42 -7.45 -89.79
C ILE B 800 -1.09 -8.12 -90.10
N TYR B 801 -0.83 -8.31 -91.40
CA TYR B 801 0.40 -8.93 -91.88
C TYR B 801 1.07 -7.94 -92.82
N ILE B 802 2.07 -7.21 -92.31
CA ILE B 802 2.71 -6.17 -93.10
C ILE B 802 3.65 -6.78 -94.14
N GLN B 803 4.67 -7.49 -93.67
CA GLN B 803 5.65 -8.16 -94.53
C GLN B 803 5.87 -9.59 -94.05
N GLY B 804 4.78 -10.30 -93.81
CA GLY B 804 4.87 -11.61 -93.19
C GLY B 804 5.08 -11.57 -91.70
N LYS B 805 4.72 -10.47 -91.06
CA LYS B 805 4.88 -10.29 -89.63
C LYS B 805 3.52 -10.09 -88.98
N LEU B 806 3.25 -10.86 -87.93
CA LEU B 806 1.97 -10.76 -87.23
C LEU B 806 1.97 -9.57 -86.28
N LEU B 807 0.86 -8.85 -86.25
CA LEU B 807 0.74 -7.66 -85.42
C LEU B 807 -0.72 -7.50 -85.00
N LYS B 808 -0.92 -7.05 -83.76
CA LYS B 808 -2.25 -6.83 -83.21
C LYS B 808 -2.31 -5.41 -82.65
N PRO B 809 -2.47 -4.41 -83.53
CA PRO B 809 -2.37 -3.01 -83.07
C PRO B 809 -3.59 -2.50 -82.33
N ALA B 810 -4.74 -3.15 -82.45
CA ALA B 810 -5.96 -2.62 -81.86
C ALA B 810 -6.98 -3.75 -81.70
N VAL B 811 -8.06 -3.45 -80.99
CA VAL B 811 -9.21 -4.33 -80.90
C VAL B 811 -10.46 -3.53 -81.26
N VAL B 812 -11.47 -4.26 -81.75
CA VAL B 812 -12.77 -3.69 -82.07
C VAL B 812 -13.83 -4.59 -81.45
N GLY B 813 -15.01 -4.02 -81.26
CA GLY B 813 -16.10 -4.80 -80.70
C GLY B 813 -17.37 -3.96 -80.61
N ILE B 814 -18.43 -4.64 -80.19
CA ILE B 814 -19.75 -4.03 -80.03
C ILE B 814 -20.30 -4.41 -78.67
N LYS B 815 -21.44 -3.85 -78.34
CA LYS B 815 -22.17 -4.17 -77.12
C LYS B 815 -23.56 -4.68 -77.52
N ILE B 816 -23.74 -6.00 -77.48
CA ILE B 816 -25.02 -6.58 -77.88
C ILE B 816 -26.03 -6.37 -76.78
N ASP B 817 -27.17 -5.78 -77.13
CA ASP B 817 -28.25 -5.61 -76.17
C ASP B 817 -28.85 -6.95 -75.77
N VAL B 818 -29.06 -7.14 -74.48
CA VAL B 818 -29.53 -8.43 -73.98
C VAL B 818 -30.99 -8.65 -74.34
N ASN B 819 -31.80 -7.60 -74.33
CA ASN B 819 -33.23 -7.77 -74.54
C ASN B 819 -33.52 -8.26 -75.96
N SER B 820 -32.84 -7.71 -76.96
CA SER B 820 -33.03 -8.17 -78.33
C SER B 820 -32.35 -9.50 -78.60
N TRP B 821 -31.35 -9.87 -77.81
CA TRP B 821 -30.76 -11.20 -77.93
C TRP B 821 -31.72 -12.27 -77.42
N ILE B 822 -32.57 -11.92 -76.44
CA ILE B 822 -33.58 -12.86 -75.98
C ILE B 822 -34.54 -13.23 -77.10
N GLU B 823 -34.92 -12.25 -77.92
CA GLU B 823 -35.84 -12.51 -79.02
C GLU B 823 -35.26 -13.50 -80.01
N ASN B 824 -33.98 -13.33 -80.37
CA ASN B 824 -33.32 -14.30 -81.25
C ASN B 824 -33.18 -15.65 -80.55
N PHE B 825 -32.86 -15.65 -79.25
CA PHE B 825 -32.69 -16.89 -78.52
C PHE B 825 -33.99 -17.68 -78.44
N THR B 826 -35.11 -16.98 -78.19
CA THR B 826 -36.40 -17.66 -78.04
C THR B 826 -36.79 -18.36 -79.34
N LYS B 827 -36.61 -17.70 -80.48
CA LYS B 827 -36.96 -18.30 -81.76
C LYS B 827 -35.94 -19.36 -82.17
N ARG B 843 -39.57 -21.27 -73.76
CA ARG B 843 -39.49 -19.97 -73.10
C ARG B 843 -40.15 -20.00 -71.73
N ASN B 844 -39.33 -19.82 -70.69
CA ASN B 844 -39.80 -19.87 -69.30
C ASN B 844 -40.52 -21.18 -69.00
N SER B 845 -40.02 -22.26 -69.60
CA SER B 845 -40.63 -23.57 -69.40
C SER B 845 -40.34 -24.08 -67.99
N ASP B 846 -41.28 -24.85 -67.45
CA ASP B 846 -41.13 -25.46 -66.14
C ASP B 846 -40.51 -26.84 -66.21
N VAL B 847 -40.30 -27.37 -67.41
CA VAL B 847 -39.75 -28.71 -67.57
C VAL B 847 -38.44 -28.76 -68.32
N MET B 848 -37.90 -27.62 -68.79
CA MET B 848 -36.62 -27.59 -69.46
C MET B 848 -35.95 -26.24 -69.21
N ASP B 849 -34.62 -26.24 -69.20
CA ASP B 849 -33.84 -25.03 -68.97
C ASP B 849 -32.69 -24.96 -69.97
N CYS B 850 -32.53 -23.81 -70.61
CA CYS B 850 -31.46 -23.58 -71.58
C CYS B 850 -30.70 -22.33 -71.19
N VAL B 851 -29.40 -22.47 -70.98
CA VAL B 851 -28.54 -21.35 -70.58
C VAL B 851 -27.31 -21.32 -71.46
N ILE B 852 -26.71 -20.13 -71.55
CA ILE B 852 -25.48 -19.92 -72.28
C ILE B 852 -24.44 -19.36 -71.33
N LEU B 853 -23.28 -20.03 -71.26
CA LEU B 853 -22.19 -19.61 -70.39
C LEU B 853 -20.94 -19.36 -71.24
N ASP B 854 -20.04 -18.54 -70.71
CA ASP B 854 -18.79 -18.23 -71.36
C ASP B 854 -17.65 -18.99 -70.68
N ASP B 855 -16.42 -18.70 -71.11
CA ASP B 855 -15.25 -19.31 -70.49
C ASP B 855 -15.05 -18.73 -69.10
N GLY B 856 -15.58 -19.40 -68.08
CA GLY B 856 -15.54 -18.89 -66.73
C GLY B 856 -16.82 -19.18 -65.97
N GLY B 857 -17.78 -19.80 -66.66
CA GLY B 857 -19.03 -20.19 -66.03
C GLY B 857 -19.91 -19.02 -65.59
N PHE B 858 -20.04 -18.00 -66.43
CA PHE B 858 -20.88 -16.84 -66.13
C PHE B 858 -22.07 -16.83 -67.07
N LEU B 859 -23.24 -16.52 -66.52
CA LEU B 859 -24.47 -16.48 -67.31
C LEU B 859 -24.44 -15.31 -68.29
N LEU B 860 -24.83 -15.57 -69.52
CA LEU B 860 -24.92 -14.54 -70.54
C LEU B 860 -26.28 -14.48 -71.23
N MET B 861 -26.96 -15.62 -71.37
CA MET B 861 -28.31 -15.65 -71.93
C MET B 861 -29.06 -16.81 -71.30
N ALA B 862 -30.06 -16.48 -70.49
CA ALA B 862 -30.83 -17.46 -69.75
C ALA B 862 -32.18 -17.69 -70.43
N ASN B 863 -33.06 -18.43 -69.75
CA ASN B 863 -34.36 -18.79 -70.31
C ASN B 863 -35.52 -18.57 -69.36
N HIS B 864 -35.29 -18.40 -68.06
CA HIS B 864 -36.34 -18.40 -67.06
C HIS B 864 -36.62 -17.02 -66.47
N ASP B 865 -36.37 -15.96 -67.24
CA ASP B 865 -36.71 -14.59 -66.83
C ASP B 865 -35.97 -14.18 -65.55
N ASP B 866 -36.26 -14.85 -64.44
CA ASP B 866 -35.55 -14.57 -63.20
C ASP B 866 -34.06 -14.88 -63.34
N TYR B 867 -33.73 -15.94 -64.08
CA TYR B 867 -32.34 -16.22 -64.39
C TYR B 867 -31.73 -15.10 -65.22
N THR B 868 -32.47 -14.62 -66.22
CA THR B 868 -31.98 -13.50 -67.02
C THR B 868 -31.89 -12.22 -66.20
N ASN B 869 -32.72 -12.10 -65.16
CA ASN B 869 -32.64 -10.93 -64.29
C ASN B 869 -31.28 -10.87 -63.59
N GLN B 870 -30.79 -12.01 -63.12
CA GLN B 870 -29.46 -12.08 -62.50
C GLN B 870 -28.41 -12.44 -63.55
N ILE B 871 -28.24 -11.51 -64.49
CA ILE B 871 -27.33 -11.74 -65.61
C ILE B 871 -25.89 -11.46 -65.17
N GLY B 872 -24.94 -12.11 -65.83
CA GLY B 872 -23.55 -11.95 -65.49
C GLY B 872 -23.18 -12.48 -64.13
N ARG B 873 -23.77 -13.59 -63.72
CA ARG B 873 -23.52 -14.20 -62.42
C ARG B 873 -22.90 -15.57 -62.62
N PHE B 874 -22.07 -15.98 -61.67
CA PHE B 874 -21.45 -17.30 -61.74
C PHE B 874 -22.52 -18.38 -61.68
N PHE B 875 -22.39 -19.38 -62.55
CA PHE B 875 -23.40 -20.43 -62.65
C PHE B 875 -23.49 -21.26 -61.38
N GLY B 876 -22.44 -21.31 -60.57
CA GLY B 876 -22.49 -22.08 -59.35
C GLY B 876 -23.30 -21.43 -58.24
N GLU B 877 -23.64 -20.16 -58.38
CA GLU B 877 -24.47 -19.47 -57.41
C GLU B 877 -25.95 -19.49 -57.78
N ILE B 878 -26.30 -20.02 -58.96
CA ILE B 878 -27.68 -20.14 -59.37
C ILE B 878 -28.08 -21.58 -59.68
N ASP B 879 -27.12 -22.49 -59.87
CA ASP B 879 -27.42 -23.90 -60.10
C ASP B 879 -26.20 -24.73 -59.67
N PRO B 880 -25.95 -24.81 -58.37
CA PRO B 880 -24.73 -25.50 -57.91
C PRO B 880 -24.67 -26.97 -58.29
N SER B 881 -25.82 -27.64 -58.39
CA SER B 881 -25.82 -29.07 -58.71
C SER B 881 -25.24 -29.32 -60.09
N LEU B 882 -25.62 -28.51 -61.08
CA LEU B 882 -25.13 -28.72 -62.43
C LEU B 882 -23.69 -28.27 -62.58
N MET B 883 -23.32 -27.15 -61.94
CA MET B 883 -21.96 -26.63 -62.08
C MET B 883 -20.93 -27.59 -61.50
N ARG B 884 -21.23 -28.19 -60.34
CA ARG B 884 -20.28 -29.12 -59.72
C ARG B 884 -20.05 -30.34 -60.61
N HIS B 885 -21.11 -30.86 -61.23
CA HIS B 885 -20.95 -32.01 -62.10
C HIS B 885 -20.19 -31.65 -63.37
N LEU B 886 -20.29 -30.41 -63.83
CA LEU B 886 -19.54 -29.97 -65.00
C LEU B 886 -18.04 -30.01 -64.73
N VAL B 887 -17.62 -29.59 -63.55
CA VAL B 887 -16.20 -29.61 -63.20
C VAL B 887 -15.68 -31.04 -63.15
N ASN B 888 -16.52 -31.97 -62.69
CA ASN B 888 -16.08 -33.36 -62.56
C ASN B 888 -15.88 -34.03 -63.92
N ILE B 889 -16.72 -33.70 -64.89
CA ILE B 889 -16.66 -34.36 -66.20
C ILE B 889 -15.64 -33.67 -67.10
N SER B 890 -14.84 -32.78 -66.53
CA SER B 890 -13.73 -32.12 -67.21
C SER B 890 -14.23 -31.28 -68.39
N VAL B 891 -15.10 -30.32 -68.08
CA VAL B 891 -15.42 -29.24 -69.01
C VAL B 891 -15.08 -27.87 -68.43
N TYR B 892 -14.99 -27.72 -67.12
CA TYR B 892 -14.64 -26.45 -66.49
C TYR B 892 -13.54 -26.73 -65.45
N ALA B 893 -12.30 -26.53 -65.84
CA ALA B 893 -11.20 -26.63 -64.91
C ALA B 893 -11.15 -25.38 -64.03
N PHE B 894 -10.40 -25.47 -62.93
CA PHE B 894 -10.28 -24.36 -62.01
C PHE B 894 -8.95 -24.43 -61.29
N ASN B 895 -8.36 -23.27 -61.03
CA ASN B 895 -7.06 -23.16 -60.37
C ASN B 895 -7.15 -22.11 -59.29
N LYS B 896 -6.81 -22.48 -58.06
CA LYS B 896 -6.93 -21.61 -56.91
C LYS B 896 -5.60 -20.95 -56.61
N SER B 897 -5.65 -19.68 -56.20
CA SER B 897 -4.45 -18.93 -55.88
C SER B 897 -4.78 -17.91 -54.79
N TYR B 898 -3.74 -17.46 -54.10
CA TYR B 898 -3.89 -16.53 -52.98
C TYR B 898 -3.49 -15.12 -53.40
N ASP B 899 -4.21 -14.14 -52.85
CA ASP B 899 -3.92 -12.73 -53.04
C ASP B 899 -3.47 -12.18 -51.69
N TYR B 900 -2.17 -11.87 -51.58
CA TYR B 900 -1.61 -11.47 -50.30
C TYR B 900 -1.79 -9.99 -50.00
N GLN B 901 -2.14 -9.18 -51.00
CA GLN B 901 -2.40 -7.76 -50.81
C GLN B 901 -3.87 -7.51 -51.12
N SER B 902 -4.71 -7.70 -50.12
CA SER B 902 -6.14 -7.49 -50.27
C SER B 902 -6.70 -6.95 -48.96
N VAL B 903 -7.82 -6.23 -49.07
CA VAL B 903 -8.47 -5.61 -47.93
C VAL B 903 -9.87 -6.18 -47.83
N CYS B 904 -10.21 -6.73 -46.66
CA CYS B 904 -11.49 -7.38 -46.45
C CYS B 904 -12.08 -6.95 -45.12
N GLU B 905 -13.40 -6.99 -45.03
CA GLU B 905 -14.09 -6.57 -43.81
C GLU B 905 -13.88 -7.59 -42.71
N PRO B 906 -13.39 -7.18 -41.54
CA PRO B 906 -13.12 -8.16 -40.47
C PRO B 906 -14.40 -8.73 -39.88
N GLY B 907 -14.28 -9.94 -39.35
CA GLY B 907 -15.37 -10.60 -38.66
C GLY B 907 -15.12 -10.74 -37.17
N ALA B 908 -16.03 -11.46 -36.52
CA ALA B 908 -15.93 -11.66 -35.09
C ALA B 908 -14.99 -12.82 -34.78
N ALA B 909 -14.41 -12.79 -33.58
CA ALA B 909 -13.49 -13.84 -33.14
C ALA B 909 -14.23 -14.90 -32.33
N SER B 970 -12.38 0.41 -39.75
CA SER B 970 -13.09 0.13 -41.00
C SER B 970 -12.76 -1.27 -41.51
N LYS B 971 -11.66 -1.39 -42.26
CA LYS B 971 -11.24 -2.64 -42.84
C LYS B 971 -9.75 -2.84 -42.61
N GLN B 972 -9.32 -4.11 -42.66
CA GLN B 972 -7.93 -4.47 -42.45
C GLN B 972 -7.45 -5.37 -43.58
N SER B 973 -6.14 -5.37 -43.80
CA SER B 973 -5.56 -6.20 -44.84
C SER B 973 -5.64 -7.68 -44.46
N CYS B 974 -5.82 -8.52 -45.47
CA CYS B 974 -5.97 -9.96 -45.23
C CYS B 974 -5.59 -10.70 -46.50
N ILE B 975 -5.46 -12.02 -46.37
CA ILE B 975 -5.24 -12.90 -47.51
C ILE B 975 -6.59 -13.38 -48.01
N THR B 976 -6.82 -13.26 -49.31
CA THR B 976 -8.05 -13.72 -49.93
C THR B 976 -7.71 -14.72 -51.02
N GLU B 977 -8.41 -15.85 -51.02
CA GLU B 977 -8.18 -16.90 -52.00
C GLU B 977 -9.07 -16.69 -53.22
N GLN B 978 -8.47 -16.78 -54.40
CA GLN B 978 -9.17 -16.55 -55.66
C GLN B 978 -9.36 -17.85 -56.42
N THR B 979 -10.47 -17.95 -57.13
CA THR B 979 -10.77 -19.09 -57.98
C THR B 979 -11.17 -18.59 -59.35
N GLN B 980 -10.63 -19.23 -60.39
CA GLN B 980 -10.94 -18.88 -61.76
C GLN B 980 -11.19 -20.15 -62.55
N TYR B 981 -12.28 -20.16 -63.32
CA TYR B 981 -12.68 -21.31 -64.11
C TYR B 981 -12.42 -21.05 -65.58
N PHE B 982 -12.04 -22.11 -66.29
CA PHE B 982 -11.76 -22.01 -67.72
C PHE B 982 -11.99 -23.36 -68.37
N PHE B 983 -12.07 -23.35 -69.70
CA PHE B 983 -12.34 -24.57 -70.44
C PHE B 983 -11.15 -25.52 -70.35
N ASP B 984 -11.43 -26.76 -69.98
CA ASP B 984 -10.38 -27.77 -69.79
C ASP B 984 -10.14 -28.57 -71.08
N ASN B 985 -11.19 -29.21 -71.59
CA ASN B 985 -11.06 -30.08 -72.75
C ASN B 985 -11.33 -29.31 -74.05
N ASP B 986 -10.66 -29.73 -75.11
CA ASP B 986 -10.83 -29.10 -76.41
C ASP B 986 -12.16 -29.52 -77.05
N SER B 987 -12.69 -30.66 -76.66
CA SER B 987 -13.90 -31.20 -77.28
C SER B 987 -15.06 -30.22 -77.13
N LYS B 988 -15.93 -30.20 -78.14
CA LYS B 988 -17.02 -29.23 -78.21
C LYS B 988 -18.37 -29.79 -77.80
N SER B 989 -18.58 -31.11 -77.91
CA SER B 989 -19.86 -31.72 -77.61
C SER B 989 -19.76 -32.51 -76.31
N PHE B 990 -20.69 -32.26 -75.39
CA PHE B 990 -20.76 -32.97 -74.12
C PHE B 990 -22.18 -33.46 -73.88
N SER B 991 -22.29 -34.62 -73.25
CA SER B 991 -23.58 -35.18 -72.88
C SER B 991 -23.37 -36.10 -71.68
N GLY B 992 -24.44 -36.37 -70.96
CA GLY B 992 -24.36 -37.22 -69.79
C GLY B 992 -25.53 -37.10 -68.85
N VAL B 993 -25.48 -37.82 -67.73
CA VAL B 993 -26.56 -37.89 -66.76
C VAL B 993 -25.98 -37.63 -65.38
N LEU B 994 -26.65 -36.78 -64.60
CA LEU B 994 -26.25 -36.49 -63.23
C LEU B 994 -27.34 -36.98 -62.29
N ASP B 995 -26.93 -37.60 -61.18
CA ASP B 995 -27.84 -38.12 -60.17
C ASP B 995 -27.71 -37.29 -58.90
N CYS B 996 -28.83 -36.74 -58.43
CA CYS B 996 -28.85 -35.93 -57.22
C CYS B 996 -29.92 -36.42 -56.25
N GLY B 997 -29.97 -37.73 -56.02
CA GLY B 997 -30.89 -38.31 -55.07
C GLY B 997 -32.14 -38.88 -55.71
N ASN B 998 -32.16 -40.20 -55.91
CA ASN B 998 -33.32 -40.96 -56.40
C ASN B 998 -33.89 -40.40 -57.70
N CYS B 999 -33.13 -39.56 -58.41
CA CYS B 999 -33.59 -38.94 -59.64
C CYS B 999 -32.47 -38.95 -60.67
N SER B 1000 -32.89 -38.97 -61.94
CA SER B 1000 -31.96 -38.99 -63.07
C SER B 1000 -32.19 -37.74 -63.92
N ARG B 1001 -31.17 -36.88 -63.99
CA ARG B 1001 -31.24 -35.65 -64.75
C ARG B 1001 -30.29 -35.71 -65.92
N ILE B 1002 -30.79 -35.41 -67.11
CA ILE B 1002 -30.01 -35.50 -68.35
C ILE B 1002 -29.78 -34.09 -68.88
N PHE B 1003 -28.69 -33.93 -69.62
CA PHE B 1003 -28.32 -32.63 -70.16
C PHE B 1003 -27.46 -32.81 -71.39
N HIS B 1004 -27.32 -31.74 -72.15
CA HIS B 1004 -26.47 -31.71 -73.34
C HIS B 1004 -25.64 -30.43 -73.34
N GLY B 1005 -24.37 -30.57 -73.70
CA GLY B 1005 -23.48 -29.43 -73.75
C GLY B 1005 -22.80 -29.25 -75.09
N GLU B 1006 -23.05 -28.12 -75.74
CA GLU B 1006 -22.44 -27.81 -77.03
C GLU B 1006 -21.78 -26.44 -76.94
N LYS B 1007 -20.59 -26.31 -77.53
CA LYS B 1007 -19.81 -25.09 -77.47
C LYS B 1007 -19.86 -24.39 -78.82
N LEU B 1008 -20.10 -23.09 -78.80
CA LEU B 1008 -20.19 -22.30 -80.02
C LEU B 1008 -18.83 -22.21 -80.70
N MET B 1009 -18.84 -22.30 -82.03
CA MET B 1009 -17.61 -22.23 -82.80
C MET B 1009 -17.12 -20.79 -82.92
N ASN B 1010 -15.80 -20.62 -82.93
CA ASN B 1010 -15.16 -19.31 -83.04
C ASN B 1010 -15.59 -18.37 -81.92
N THR B 1011 -15.91 -18.93 -80.76
CA THR B 1011 -16.43 -18.16 -79.65
C THR B 1011 -16.12 -18.91 -78.36
N ASN B 1012 -15.95 -18.16 -77.28
CA ASN B 1012 -15.68 -18.73 -75.97
C ASN B 1012 -16.96 -19.06 -75.20
N LEU B 1013 -18.06 -19.31 -75.90
CA LEU B 1013 -19.35 -19.58 -75.29
C LEU B 1013 -19.66 -21.07 -75.32
N ILE B 1014 -20.49 -21.50 -74.37
CA ILE B 1014 -21.00 -22.87 -74.32
C ILE B 1014 -22.49 -22.82 -74.03
N PHE B 1015 -23.26 -23.58 -74.79
CA PHE B 1015 -24.72 -23.65 -74.62
C PHE B 1015 -25.06 -24.97 -73.94
N ILE B 1016 -25.74 -24.89 -72.80
CA ILE B 1016 -26.08 -26.06 -71.98
C ILE B 1016 -27.58 -26.10 -71.80
N MET B 1017 -28.18 -27.25 -72.10
CA MET B 1017 -29.61 -27.46 -71.91
C MET B 1017 -29.83 -28.61 -70.94
N VAL B 1018 -30.67 -28.37 -69.93
CA VAL B 1018 -30.99 -29.36 -68.92
C VAL B 1018 -32.42 -29.10 -68.45
N GLU B 1019 -33.11 -30.16 -68.04
CA GLU B 1019 -34.46 -29.97 -67.54
C GLU B 1019 -34.44 -29.26 -66.18
N SER B 1020 -35.56 -28.61 -65.87
CA SER B 1020 -35.61 -27.68 -64.76
C SER B 1020 -35.41 -28.40 -63.43
N LYS B 1021 -34.95 -27.63 -62.43
CA LYS B 1021 -34.69 -28.18 -61.11
C LYS B 1021 -35.97 -28.57 -60.38
N GLY B 1022 -37.14 -28.17 -60.88
CA GLY B 1022 -38.38 -28.51 -60.23
C GLY B 1022 -38.67 -30.00 -60.21
N THR B 1023 -38.26 -30.72 -61.26
CA THR B 1023 -38.54 -32.14 -61.34
C THR B 1023 -37.86 -32.91 -60.21
N CYS B 1024 -36.61 -32.58 -59.90
CA CYS B 1024 -35.86 -33.26 -58.85
C CYS B 1024 -35.56 -32.28 -57.72
N PRO B 1025 -36.32 -32.31 -56.62
CA PRO B 1025 -36.11 -31.32 -55.56
C PRO B 1025 -34.89 -31.61 -54.69
N CYS B 1026 -33.71 -31.23 -55.19
CA CYS B 1026 -32.47 -31.36 -54.43
C CYS B 1026 -31.70 -30.06 -54.50
N ASP B 1027 -30.96 -29.77 -53.42
CA ASP B 1027 -30.23 -28.51 -53.31
C ASP B 1027 -28.99 -28.75 -52.44
N THR B 1028 -27.83 -28.83 -53.09
CA THR B 1028 -26.57 -28.98 -52.38
C THR B 1028 -26.02 -27.60 -52.01
N ARG B 1029 -24.80 -27.56 -51.50
CA ARG B 1029 -24.19 -26.30 -51.12
C ARG B 1029 -23.82 -25.48 -52.35
N LEU B 1030 -23.93 -24.16 -52.22
CA LEU B 1030 -23.61 -23.27 -53.33
C LEU B 1030 -22.11 -23.29 -53.60
N LEU B 1031 -21.75 -23.17 -54.88
CA LEU B 1031 -20.36 -23.11 -55.31
C LEU B 1031 -20.02 -21.65 -55.60
N ILE B 1032 -19.20 -21.06 -54.74
CA ILE B 1032 -18.91 -19.63 -54.81
C ILE B 1032 -17.59 -19.41 -55.55
N GLN B 1033 -17.63 -18.54 -56.56
CA GLN B 1033 -16.44 -18.05 -57.24
C GLN B 1033 -16.32 -16.57 -56.93
N ALA B 1034 -15.65 -16.25 -55.84
CA ALA B 1034 -15.53 -14.86 -55.41
C ALA B 1034 -14.30 -14.72 -54.52
N GLU B 1035 -13.96 -13.48 -54.21
CA GLU B 1035 -12.81 -13.15 -53.38
C GLU B 1035 -13.15 -13.53 -51.94
N GLN B 1036 -12.86 -14.77 -51.57
CA GLN B 1036 -13.20 -15.29 -50.26
C GLN B 1036 -12.00 -15.18 -49.32
N THR B 1037 -12.24 -14.64 -48.14
CA THR B 1037 -11.18 -14.46 -47.16
C THR B 1037 -10.68 -15.82 -46.66
N SER B 1038 -9.36 -15.95 -46.55
CA SER B 1038 -8.74 -17.16 -46.06
C SER B 1038 -7.51 -16.80 -45.24
N ASP B 1039 -6.86 -17.80 -44.68
CA ASP B 1039 -5.66 -17.59 -43.90
C ASP B 1039 -4.49 -18.44 -44.39
N GLY B 1040 -4.71 -19.35 -45.33
CA GLY B 1040 -3.67 -20.21 -45.83
C GLY B 1040 -2.67 -19.45 -46.69
N PRO B 1041 -1.62 -20.15 -47.15
CA PRO B 1041 -1.36 -21.57 -46.89
C PRO B 1041 -0.79 -21.84 -45.50
N ASN B 1042 -0.86 -23.08 -45.06
CA ASN B 1042 -0.36 -23.45 -43.74
C ASN B 1042 1.14 -23.22 -43.68
N PRO B 1043 1.64 -22.44 -42.70
CA PRO B 1043 3.09 -22.22 -42.60
C PRO B 1043 3.83 -23.32 -41.87
N CYS B 1044 3.13 -24.22 -41.19
CA CYS B 1044 3.79 -25.29 -40.45
C CYS B 1044 4.39 -26.35 -41.36
N ASP B 1045 3.93 -26.45 -42.61
CA ASP B 1045 4.50 -27.41 -43.56
C ASP B 1045 5.25 -26.77 -44.71
N MET B 1046 5.10 -25.46 -44.94
CA MET B 1046 5.94 -24.79 -45.92
C MET B 1046 7.40 -24.77 -45.48
N VAL B 1047 7.65 -24.63 -44.17
CA VAL B 1047 9.02 -24.66 -43.67
C VAL B 1047 9.65 -26.03 -43.84
N LYS B 1048 8.85 -27.08 -44.00
CA LYS B 1048 9.41 -28.41 -44.24
C LYS B 1048 10.13 -28.47 -45.59
N GLN B 1049 9.55 -27.86 -46.62
CA GLN B 1049 10.15 -27.80 -47.95
C GLN B 1049 10.11 -26.36 -48.44
N PRO B 1050 11.01 -25.50 -47.94
CA PRO B 1050 10.97 -24.09 -48.31
C PRO B 1050 11.47 -23.88 -49.74
N ARG B 1051 11.11 -22.71 -50.28
CA ARG B 1051 11.56 -22.34 -51.61
C ARG B 1051 13.06 -22.06 -51.61
N TYR B 1052 13.68 -22.25 -52.77
CA TYR B 1052 15.12 -22.02 -52.89
C TYR B 1052 15.45 -20.54 -52.74
N ARG B 1053 16.54 -20.27 -52.02
CA ARG B 1053 16.99 -18.91 -51.82
C ARG B 1053 18.51 -18.92 -51.62
N LYS B 1054 19.13 -17.77 -51.85
CA LYS B 1054 20.57 -17.61 -51.72
C LYS B 1054 20.86 -16.50 -50.72
N GLY B 1055 21.74 -16.77 -49.77
CA GLY B 1055 22.05 -15.82 -48.72
C GLY B 1055 23.23 -14.93 -49.05
N PRO B 1056 23.39 -13.85 -48.30
CA PRO B 1056 24.51 -12.94 -48.55
C PRO B 1056 25.85 -13.62 -48.28
N ASP B 1057 26.87 -13.19 -49.02
CA ASP B 1057 28.19 -13.76 -48.93
C ASP B 1057 29.06 -13.09 -47.87
N VAL B 1058 28.59 -11.99 -47.27
CA VAL B 1058 29.35 -11.27 -46.25
C VAL B 1058 29.01 -11.84 -44.88
N CYS B 1059 30.04 -12.14 -44.10
CA CYS B 1059 29.90 -12.75 -42.78
C CYS B 1059 30.95 -12.16 -41.87
N PHE B 1060 30.56 -11.20 -41.02
CA PHE B 1060 31.47 -10.51 -40.13
C PHE B 1060 31.14 -10.90 -38.70
N ASP B 1061 31.83 -11.91 -38.18
CA ASP B 1061 31.68 -12.34 -36.79
C ASP B 1061 32.97 -13.03 -36.37
N ASN B 1062 33.13 -13.17 -35.05
CA ASN B 1062 34.26 -13.88 -34.45
C ASN B 1062 35.60 -13.26 -34.87
N ASN B 1063 35.80 -12.03 -34.43
CA ASN B 1063 37.06 -11.33 -34.63
C ASN B 1063 37.87 -11.37 -33.33
N VAL B 1064 39.15 -11.72 -33.45
CA VAL B 1064 39.98 -11.93 -32.27
C VAL B 1064 40.25 -10.62 -31.54
N LEU B 1065 40.39 -9.51 -32.27
CA LEU B 1065 40.70 -8.23 -31.64
C LEU B 1065 39.54 -7.64 -30.86
N GLU B 1066 38.38 -8.31 -30.83
CA GLU B 1066 37.24 -7.79 -30.09
C GLU B 1066 37.53 -7.78 -28.59
N ASP B 1067 37.05 -6.73 -27.92
CA ASP B 1067 37.32 -6.57 -26.50
C ASP B 1067 36.36 -7.39 -25.65
N TYR B 1068 35.06 -7.10 -25.76
CA TYR B 1068 33.99 -7.81 -25.05
C TYR B 1068 34.26 -7.96 -23.55
N THR B 1069 35.07 -7.09 -22.96
CA THR B 1069 35.27 -7.12 -21.51
C THR B 1069 34.16 -6.39 -20.76
N ASP B 1070 33.36 -5.58 -21.45
CA ASP B 1070 32.24 -4.88 -20.83
C ASP B 1070 31.00 -5.74 -21.05
N CYS B 1071 30.79 -6.71 -20.16
CA CYS B 1071 29.74 -7.70 -20.39
C CYS B 1071 28.38 -7.15 -19.96
N GLY B 1072 28.18 -7.00 -18.65
CA GLY B 1072 27.03 -6.30 -18.12
C GLY B 1072 27.31 -5.63 -16.79
N GLY B 1073 28.57 -5.67 -16.35
CA GLY B 1073 28.89 -5.32 -14.99
C GLY B 1073 29.47 -3.94 -14.79
N VAL B 1074 30.20 -3.44 -15.80
CA VAL B 1074 30.76 -2.09 -15.70
C VAL B 1074 29.66 -1.05 -15.64
N SER B 1075 28.50 -1.35 -16.22
CA SER B 1075 27.35 -0.46 -16.17
C SER B 1075 26.57 -0.56 -14.87
N GLY B 1076 26.88 -1.55 -14.03
CA GLY B 1076 26.18 -1.73 -12.77
C GLY B 1076 25.91 -3.18 -12.43
N GLU C 38 6.47 35.35 114.08
CA GLU C 38 7.91 35.27 114.28
C GLU C 38 8.67 36.12 113.27
N SER C 39 9.60 36.92 113.75
CA SER C 39 10.42 37.75 112.87
C SER C 39 11.69 37.04 112.41
N ALA C 40 12.17 36.06 113.17
CA ALA C 40 13.38 35.35 112.78
C ALA C 40 13.19 34.59 111.48
N ARG C 41 12.04 33.94 111.30
CA ARG C 41 11.78 33.21 110.07
C ARG C 41 11.69 34.16 108.88
N ARG C 42 11.07 35.33 109.07
CA ARG C 42 11.04 36.33 108.01
C ARG C 42 12.42 36.90 107.73
N GLU C 43 13.20 37.15 108.79
CA GLU C 43 14.54 37.69 108.61
C GLU C 43 15.45 36.71 107.87
N VAL C 44 15.41 35.44 108.26
CA VAL C 44 16.22 34.44 107.56
C VAL C 44 15.69 34.22 106.15
N GLU C 45 14.39 34.41 105.93
CA GLU C 45 13.86 34.38 104.58
C GLU C 45 14.41 35.52 103.73
N SER C 46 14.46 36.73 104.31
CA SER C 46 14.98 37.88 103.57
C SER C 46 16.48 37.77 103.35
N GLN C 47 17.22 37.38 104.39
CA GLN C 47 18.68 37.29 104.27
C GLN C 47 19.08 36.23 103.24
N ALA C 48 18.43 35.06 103.28
CA ALA C 48 18.71 34.04 102.28
C ALA C 48 18.28 34.50 100.89
N GLN C 49 17.12 35.15 100.79
CA GLN C 49 16.65 35.63 99.49
C GLN C 49 17.58 36.70 98.93
N GLN C 50 18.07 37.61 99.78
CA GLN C 50 18.96 38.66 99.32
C GLN C 50 20.25 38.08 98.76
N GLN C 51 20.76 37.01 99.37
CA GLN C 51 21.96 36.34 98.87
C GLN C 51 21.72 35.67 97.52
N LEU C 52 20.47 35.38 97.17
CA LEU C 52 20.18 34.59 95.98
C LEU C 52 20.58 35.33 94.70
N GLU C 53 20.16 36.59 94.55
CA GLU C 53 20.48 37.30 93.33
C GLU C 53 21.95 37.71 93.27
N ARG C 54 22.64 37.74 94.42
CA ARG C 54 24.06 38.08 94.41
C ARG C 54 24.88 37.02 93.69
N ALA C 55 24.49 35.76 93.83
CA ALA C 55 25.17 34.64 93.17
C ALA C 55 24.55 34.30 91.82
N LYS C 56 23.58 35.09 91.35
CA LYS C 56 22.93 34.77 90.08
C LYS C 56 23.90 34.82 88.90
N HIS C 57 24.90 35.70 88.97
CA HIS C 57 25.85 35.86 87.87
C HIS C 57 27.25 35.40 88.27
N LYS C 58 27.33 34.27 88.96
CA LYS C 58 28.61 33.74 89.43
C LYS C 58 28.89 32.38 88.80
N PRO C 59 30.17 32.03 88.63
CA PRO C 59 30.50 30.76 87.97
C PRO C 59 29.99 29.55 88.73
N VAL C 60 29.68 28.49 87.99
CA VAL C 60 29.18 27.25 88.59
C VAL C 60 30.31 26.53 89.31
N ALA C 61 30.02 26.06 90.52
CA ALA C 61 31.04 25.40 91.33
C ALA C 61 31.22 23.94 90.93
N PHE C 62 30.17 23.14 91.05
CA PHE C 62 30.25 21.71 90.75
C PHE C 62 28.87 21.24 90.31
N ALA C 63 28.69 19.92 90.21
CA ALA C 63 27.42 19.34 89.80
C ALA C 63 27.40 17.87 90.19
N VAL C 64 26.19 17.37 90.48
CA VAL C 64 25.96 15.97 90.80
C VAL C 64 24.70 15.52 90.05
N ARG C 65 24.29 14.27 90.30
CA ARG C 65 23.12 13.70 89.65
C ARG C 65 22.18 13.14 90.71
N THR C 66 20.88 13.25 90.46
CA THR C 66 19.85 12.75 91.35
C THR C 66 19.11 11.61 90.67
N ASN C 67 19.06 10.46 91.34
CA ASN C 67 18.40 9.27 90.82
C ASN C 67 17.11 8.94 91.57
N VAL C 68 16.56 9.90 92.30
CA VAL C 68 15.34 9.71 93.08
C VAL C 68 14.40 10.86 92.79
N SER C 69 13.10 10.61 92.97
CA SER C 69 12.06 11.59 92.71
C SER C 69 11.69 12.29 94.01
N TYR C 70 11.82 13.62 94.03
CA TYR C 70 11.50 14.40 95.20
C TYR C 70 11.23 15.84 94.77
N CYS C 71 10.46 16.55 95.58
CA CYS C 71 10.10 17.94 95.32
C CYS C 71 10.61 18.81 96.46
N GLY C 72 11.30 19.89 96.11
CA GLY C 72 11.84 20.82 97.08
C GLY C 72 10.92 21.93 97.51
N VAL C 73 9.68 21.95 97.01
CA VAL C 73 8.72 22.97 97.38
C VAL C 73 7.70 22.47 98.40
N LEU C 74 7.41 21.16 98.44
CA LEU C 74 6.49 20.64 99.44
C LEU C 74 7.13 20.59 100.82
N ASP C 75 8.46 20.45 100.89
CA ASP C 75 9.14 20.40 102.18
C ASP C 75 9.01 21.74 102.90
N GLU C 76 8.74 21.67 104.20
CA GLU C 76 8.57 22.85 105.03
C GLU C 76 9.87 23.33 105.65
N GLU C 77 10.98 22.62 105.45
CA GLU C 77 12.26 23.02 105.99
C GLU C 77 13.11 23.84 105.03
N CYS C 78 12.59 24.10 103.83
CA CYS C 78 13.34 24.92 102.89
C CYS C 78 13.41 26.37 103.39
N PRO C 79 14.57 27.02 103.28
CA PRO C 79 14.67 28.42 103.73
C PRO C 79 13.72 29.35 103.00
N VAL C 80 13.46 29.11 101.72
CA VAL C 80 12.53 29.90 100.92
C VAL C 80 11.42 28.97 100.44
N GLN C 81 10.17 29.31 100.77
CA GLN C 81 9.03 28.51 100.41
C GLN C 81 8.39 29.05 99.13
N GLY C 82 8.10 28.15 98.19
CA GLY C 82 7.54 28.50 96.91
C GLY C 82 8.55 28.60 95.78
N SER C 83 9.84 28.54 96.09
CA SER C 83 10.90 28.60 95.09
C SER C 83 11.67 27.29 95.03
N GLY C 84 10.98 26.18 95.32
CA GLY C 84 11.60 24.88 95.29
C GLY C 84 11.80 24.36 93.87
N VAL C 85 12.42 23.19 93.79
CA VAL C 85 12.73 22.54 92.52
C VAL C 85 11.84 21.31 92.37
N ASN C 86 11.18 21.21 91.22
CA ASN C 86 10.35 20.05 90.89
C ASN C 86 11.12 19.15 89.94
N PHE C 87 12.09 18.44 90.51
CA PHE C 87 12.94 17.54 89.73
C PHE C 87 12.43 16.10 89.82
N GLU C 88 12.87 15.29 88.85
CA GLU C 88 12.47 13.89 88.80
C GLU C 88 13.69 12.98 88.74
N ALA C 89 13.48 11.69 88.54
CA ALA C 89 14.57 10.73 88.50
C ALA C 89 15.48 11.01 87.30
N LYS C 90 16.78 10.82 87.51
CA LYS C 90 17.80 11.03 86.47
C LYS C 90 17.74 12.44 85.92
N ASP C 91 17.98 13.41 86.80
CA ASP C 91 18.03 14.82 86.45
C ASP C 91 19.42 15.38 86.74
N PHE C 92 19.60 16.66 86.41
CA PHE C 92 20.89 17.33 86.59
C PHE C 92 20.67 18.66 87.29
N LEU C 93 21.68 19.07 88.06
CA LEU C 93 21.67 20.34 88.77
C LEU C 93 23.09 20.89 88.81
N HIS C 94 23.19 22.21 88.99
CA HIS C 94 24.47 22.91 89.01
C HIS C 94 24.58 23.70 90.31
N ILE C 95 25.42 23.24 91.23
CA ILE C 95 25.67 23.96 92.47
C ILE C 95 26.67 25.08 92.21
N LYS C 96 26.47 26.21 92.88
CA LYS C 96 27.32 27.39 92.68
C LYS C 96 27.93 27.92 93.97
N GLU C 97 27.24 27.79 95.09
CA GLU C 97 27.75 28.24 96.38
C GLU C 97 27.43 27.20 97.45
N LYS C 98 27.71 27.56 98.70
CA LYS C 98 27.43 26.71 99.85
C LYS C 98 26.54 27.46 100.83
N TYR C 99 25.54 26.77 101.37
CA TYR C 99 24.60 27.37 102.32
C TYR C 99 24.65 26.73 103.69
N SER C 100 24.51 25.41 103.77
CA SER C 100 24.57 24.69 105.04
C SER C 100 24.75 23.21 104.73
N ASN C 101 24.72 22.39 105.77
CA ASN C 101 24.83 20.94 105.64
C ASN C 101 23.51 20.26 105.33
N ASP C 102 22.41 21.02 105.27
CA ASP C 102 21.09 20.48 104.96
C ASP C 102 20.48 21.02 103.68
N TRP C 103 21.01 22.11 103.12
CA TRP C 103 20.47 22.69 101.90
C TRP C 103 21.61 23.20 101.03
N TRP C 104 21.36 23.20 99.72
CA TRP C 104 22.33 23.68 98.75
C TRP C 104 21.61 24.53 97.70
N ILE C 105 22.36 25.44 97.10
CA ILE C 105 21.84 26.31 96.04
C ILE C 105 22.25 25.70 94.70
N GLY C 106 21.26 25.41 93.86
CA GLY C 106 21.52 24.80 92.58
C GLY C 106 20.62 25.36 91.50
N ARG C 107 21.09 25.22 90.26
CA ARG C 107 20.37 25.66 89.08
C ARG C 107 20.08 24.46 88.19
N LEU C 108 18.84 24.35 87.72
CA LEU C 108 18.45 23.23 86.87
C LEU C 108 19.15 23.29 85.53
N VAL C 109 19.46 22.12 84.98
CA VAL C 109 20.08 22.03 83.67
C VAL C 109 19.11 22.46 82.56
N LYS C 110 17.82 22.44 82.83
CA LYS C 110 16.82 22.79 81.83
C LYS C 110 16.93 24.26 81.44
N GLU C 111 16.51 24.58 80.22
CA GLU C 111 16.49 25.95 79.76
C GLU C 111 15.56 26.79 80.63
N GLY C 112 15.99 28.02 80.92
CA GLY C 112 15.22 28.89 81.79
C GLY C 112 15.26 28.53 83.26
N GLY C 113 16.25 27.73 83.68
CA GLY C 113 16.37 27.34 85.07
C GLY C 113 16.54 28.50 86.02
N ASP C 114 15.73 28.54 87.07
CA ASP C 114 15.76 29.61 88.04
C ASP C 114 16.54 29.17 89.28
N ILE C 115 16.60 30.05 90.28
CA ILE C 115 17.26 29.71 91.53
C ILE C 115 16.38 28.75 92.32
N ALA C 116 16.98 27.66 92.79
CA ALA C 116 16.23 26.63 93.50
C ALA C 116 17.13 26.00 94.55
N PHE C 117 16.49 25.34 95.51
CA PHE C 117 17.19 24.69 96.63
C PHE C 117 16.99 23.19 96.52
N ILE C 118 18.08 22.44 96.55
CA ILE C 118 18.07 20.99 96.43
C ILE C 118 18.57 20.40 97.75
N PRO C 119 17.88 19.41 98.32
CA PRO C 119 18.28 18.89 99.63
C PRO C 119 19.67 18.29 99.62
N SER C 120 20.36 18.42 100.76
CA SER C 120 21.69 17.88 100.93
C SER C 120 21.64 16.35 101.01
N PRO C 121 22.77 15.67 100.79
CA PRO C 121 22.77 14.21 100.94
C PRO C 121 22.28 13.74 102.30
N GLN C 122 22.62 14.46 103.37
CA GLN C 122 22.08 14.12 104.68
C GLN C 122 20.60 14.49 104.79
N ARG C 123 20.22 15.63 104.23
CA ARG C 123 18.81 16.04 104.26
C ARG C 123 17.94 15.07 103.48
N LEU C 124 18.41 14.61 102.32
CA LEU C 124 17.65 13.62 101.56
C LEU C 124 17.54 12.30 102.32
N GLU C 125 18.56 11.94 103.10
CA GLU C 125 18.46 10.76 103.95
C GLU C 125 17.41 10.94 105.03
N SER C 126 17.33 12.14 105.60
CA SER C 126 16.32 12.39 106.63
C SER C 126 14.91 12.27 106.07
N ILE C 127 14.68 12.79 104.86
CA ILE C 127 13.37 12.62 104.23
C ILE C 127 13.21 11.23 103.62
N ARG C 128 14.31 10.53 103.35
CA ARG C 128 14.21 9.14 102.89
C ARG C 128 13.61 8.27 103.97
N LEU C 129 14.04 8.44 105.22
CA LEU C 129 13.42 7.71 106.32
C LEU C 129 11.99 8.20 106.57
N LYS C 130 11.69 9.45 106.23
CA LYS C 130 10.35 9.99 106.44
C LYS C 130 9.33 9.33 105.51
N GLN C 131 9.75 8.92 104.32
CA GLN C 131 8.79 8.40 103.34
C GLN C 131 8.25 7.03 103.75
N GLU C 132 9.08 6.16 104.31
CA GLU C 132 8.67 4.83 104.70
C GLU C 132 8.42 4.69 106.20
N GLN C 133 8.29 5.80 106.93
CA GLN C 133 7.89 5.75 108.33
C GLN C 133 6.42 6.08 108.52
N LYS C 134 5.74 6.62 107.50
CA LYS C 134 4.32 6.88 107.60
C LYS C 134 3.48 5.60 107.55
N ALA C 135 4.06 4.50 107.10
CA ALA C 135 3.34 3.24 107.03
C ALA C 135 3.11 2.69 108.44
N ARG C 136 2.27 1.65 108.52
CA ARG C 136 1.92 1.08 109.81
C ARG C 136 3.16 0.50 110.50
N ARG C 137 4.00 -0.21 109.76
CA ARG C 137 5.22 -0.78 110.30
C ARG C 137 6.32 -0.73 109.23
N SER C 138 7.57 -0.72 109.70
CA SER C 138 8.72 -0.66 108.82
C SER C 138 9.74 -1.76 109.03
N GLY C 139 9.79 -2.39 110.20
CA GLY C 139 10.73 -3.46 110.49
C GLY C 139 10.11 -4.82 110.31
N ASN C 140 10.48 -5.76 111.18
CA ASN C 140 9.96 -7.11 111.14
C ASN C 140 8.53 -7.30 111.67
N PRO C 141 8.04 -6.57 112.69
CA PRO C 141 6.78 -6.99 113.33
C PRO C 141 5.58 -6.61 112.48
N SER C 142 4.98 -7.61 111.84
CA SER C 142 3.80 -7.37 111.02
C SER C 142 2.58 -7.10 111.91
N SER C 143 1.68 -6.26 111.39
CA SER C 143 0.45 -5.91 112.08
C SER C 143 -0.72 -6.79 111.66
N LEU C 144 -0.44 -8.03 111.30
CA LEU C 144 -1.47 -8.97 110.84
C LEU C 144 -2.28 -9.46 112.06
N SER C 145 -3.12 -8.55 112.57
CA SER C 145 -3.96 -8.81 113.73
C SER C 145 -3.14 -9.26 114.93
N ASP C 146 -1.99 -8.63 115.14
CA ASP C 146 -1.10 -8.94 116.25
C ASP C 146 -0.67 -7.62 116.89
N ILE C 147 -1.46 -7.14 117.85
CA ILE C 147 -1.17 -5.92 118.60
C ILE C 147 -1.27 -6.23 120.08
N GLY C 148 -0.29 -5.77 120.85
CA GLY C 148 -0.28 -5.94 122.29
C GLY C 148 0.51 -7.12 122.80
N ASN C 149 0.98 -7.99 121.92
CA ASN C 149 1.74 -9.17 122.32
C ASN C 149 3.24 -9.03 122.05
N ARG C 150 3.61 -8.73 120.81
CA ARG C 150 5.02 -8.60 120.42
C ARG C 150 5.30 -7.12 120.14
N ARG C 151 5.86 -6.42 121.13
CA ARG C 151 6.23 -5.03 120.93
C ARG C 151 7.33 -4.88 119.90
N SER C 152 8.32 -5.78 119.94
CA SER C 152 9.43 -5.81 118.99
C SER C 152 10.11 -4.46 118.88
N PRO C 153 10.91 -4.06 119.88
CA PRO C 153 11.59 -2.78 119.80
C PRO C 153 12.49 -2.73 118.58
N PRO C 154 12.65 -1.56 117.97
CA PRO C 154 13.39 -1.46 116.70
C PRO C 154 14.83 -1.92 116.86
N PRO C 155 15.23 -2.97 116.12
CA PRO C 155 16.62 -3.41 116.18
C PRO C 155 17.51 -2.64 115.24
N SER C 156 18.79 -3.04 115.13
CA SER C 156 19.71 -2.36 114.22
C SER C 156 19.31 -2.58 112.77
N LEU C 157 18.72 -3.73 112.45
CA LEU C 157 18.34 -4.03 111.08
C LEU C 157 17.18 -3.18 110.56
N ALA C 158 16.48 -2.47 111.46
CA ALA C 158 15.33 -1.67 111.07
C ALA C 158 15.70 -0.22 110.72
N LYS C 159 16.97 0.13 110.78
CA LYS C 159 17.44 1.48 110.49
C LYS C 159 18.25 1.50 109.20
N GLN C 160 18.71 2.70 108.83
CA GLN C 160 19.46 2.88 107.59
C GLN C 160 20.92 2.45 107.72
N LYS C 161 21.43 2.27 108.94
CA LYS C 161 22.81 1.87 109.11
C LYS C 161 23.07 0.44 108.64
N GLN C 162 22.03 -0.37 108.53
CA GLN C 162 22.16 -1.73 108.00
C GLN C 162 21.98 -1.71 106.49
N LYS C 163 21.82 -2.89 105.89
CA LYS C 163 21.66 -3.04 104.43
C LYS C 163 22.84 -2.42 103.70
N GLN C 164 24.05 -2.64 104.22
CA GLN C 164 25.28 -2.11 103.64
C GLN C 164 25.85 -3.03 102.56
N ALA C 165 25.04 -3.92 101.99
CA ALA C 165 25.53 -4.80 100.94
C ALA C 165 25.93 -4.01 99.70
N GLU C 166 25.10 -3.04 99.30
CA GLU C 166 25.38 -2.21 98.14
C GLU C 166 25.58 -0.74 98.52
N HIS C 167 24.61 -0.14 99.21
CA HIS C 167 24.68 1.24 99.66
C HIS C 167 24.95 2.19 98.49
N VAL C 168 24.00 2.21 97.54
CA VAL C 168 24.09 3.09 96.38
C VAL C 168 23.90 4.54 96.84
N PRO C 169 24.84 5.43 96.55
CA PRO C 169 24.70 6.81 96.99
C PRO C 169 23.61 7.52 96.22
N PRO C 170 22.70 8.21 96.91
CA PRO C 170 21.63 8.93 96.18
C PRO C 170 22.17 10.00 95.23
N TYR C 171 23.26 10.65 95.59
CA TYR C 171 23.88 11.67 94.76
C TYR C 171 25.23 11.16 94.25
N ASP C 172 25.42 11.20 92.94
CA ASP C 172 26.65 10.76 92.30
C ASP C 172 27.33 11.95 91.66
N VAL C 173 28.66 12.00 91.78
CA VAL C 173 29.44 13.12 91.25
C VAL C 173 29.63 12.91 89.76
N VAL C 174 28.74 13.51 88.97
CA VAL C 174 28.79 13.42 87.51
C VAL C 174 29.37 14.71 86.97
N PRO C 175 29.92 14.73 85.75
CA PRO C 175 30.41 15.98 85.19
C PRO C 175 29.29 17.00 85.01
N SER C 176 29.67 18.28 85.11
CA SER C 176 28.68 19.35 84.95
C SER C 176 28.05 19.33 83.56
N MET C 177 28.87 19.09 82.53
CA MET C 177 28.39 18.97 81.16
C MET C 177 28.63 17.55 80.67
N ARG C 178 27.60 16.94 80.12
CA ARG C 178 27.69 15.55 79.68
C ARG C 178 28.52 15.45 78.41
N PRO C 179 29.59 14.65 78.40
CA PRO C 179 30.36 14.48 77.17
C PRO C 179 29.58 13.75 76.09
N VAL C 180 29.86 14.10 74.84
CA VAL C 180 29.17 13.56 73.68
C VAL C 180 30.04 12.50 73.03
N VAL C 181 29.48 11.31 72.85
CA VAL C 181 30.21 10.18 72.26
C VAL C 181 29.38 9.60 71.14
N LEU C 182 30.04 9.33 70.02
CA LEU C 182 29.43 8.66 68.87
C LEU C 182 29.72 7.17 68.93
N VAL C 183 28.67 6.36 68.78
CA VAL C 183 28.78 4.91 68.86
C VAL C 183 28.14 4.31 67.62
N GLY C 184 28.64 3.15 67.19
CA GLY C 184 28.13 2.47 66.03
C GLY C 184 28.76 2.97 64.75
N PRO C 185 28.40 2.35 63.62
CA PRO C 185 27.48 1.21 63.56
C PRO C 185 28.19 -0.15 63.63
N SER C 186 29.50 -0.15 63.82
CA SER C 186 30.29 -1.38 63.80
C SER C 186 31.45 -1.23 64.78
N LEU C 187 32.44 -2.11 64.65
CA LEU C 187 33.58 -2.10 65.56
C LEU C 187 34.38 -0.80 65.43
N LYS C 188 34.78 -0.25 66.57
CA LYS C 188 35.57 0.96 66.60
C LYS C 188 37.03 0.66 66.33
N GLY C 189 37.75 1.65 65.81
CA GLY C 189 39.14 1.49 65.47
C GLY C 189 39.41 0.93 64.10
N TYR C 190 38.36 0.52 63.37
CA TYR C 190 38.50 0.01 62.02
C TYR C 190 38.20 1.13 61.02
N GLU C 191 38.27 0.78 59.73
CA GLU C 191 38.01 1.76 58.69
C GLU C 191 36.57 2.25 58.72
N VAL C 192 35.63 1.34 58.98
CA VAL C 192 34.21 1.67 58.83
C VAL C 192 33.79 2.72 59.85
N THR C 193 34.10 2.50 61.13
CA THR C 193 33.57 3.36 62.18
C THR C 193 34.35 4.67 62.31
N ASP C 194 35.67 4.63 62.10
CA ASP C 194 36.49 5.82 62.35
C ASP C 194 36.12 6.97 61.41
N MET C 195 35.97 6.67 60.12
CA MET C 195 35.73 7.71 59.12
C MET C 195 34.28 8.23 59.10
N MET C 196 33.28 7.39 59.36
CA MET C 196 31.91 7.89 59.42
C MET C 196 31.63 8.74 60.66
N GLN C 197 32.49 8.64 61.67
CA GLN C 197 32.45 9.52 62.84
C GLN C 197 33.40 10.70 62.74
N LYS C 198 34.49 10.55 61.98
CA LYS C 198 35.45 11.64 61.81
C LYS C 198 34.80 12.85 61.15
N ALA C 199 33.93 12.60 60.16
CA ALA C 199 33.29 13.70 59.45
C ALA C 199 32.45 14.55 60.41
N LEU C 200 31.70 13.91 61.30
CA LEU C 200 30.89 14.66 62.25
C LEU C 200 31.74 15.44 63.24
N PHE C 201 32.92 14.92 63.59
CA PHE C 201 33.82 15.67 64.45
C PHE C 201 34.29 16.96 63.77
N ASP C 202 34.65 16.89 62.49
CA ASP C 202 35.06 18.08 61.75
C ASP C 202 33.88 19.01 61.51
N PHE C 203 32.70 18.45 61.23
CA PHE C 203 31.53 19.28 61.01
C PHE C 203 31.15 20.05 62.26
N LEU C 204 31.19 19.40 63.42
CA LEU C 204 30.90 20.10 64.67
C LEU C 204 32.02 21.06 65.04
N LYS C 205 33.27 20.69 64.75
CA LYS C 205 34.40 21.55 65.09
C LYS C 205 34.35 22.87 64.33
N HIS C 206 34.00 22.83 63.05
CA HIS C 206 33.96 24.05 62.25
C HIS C 206 32.92 25.02 62.77
N ARG C 207 31.72 24.52 63.13
CA ARG C 207 30.67 25.39 63.61
C ARG C 207 30.88 25.82 65.05
N PHE C 208 31.53 24.99 65.87
CA PHE C 208 31.80 25.31 67.26
C PHE C 208 33.25 25.74 67.49
N ASP C 209 33.91 26.25 66.44
CA ASP C 209 35.29 26.66 66.57
C ASP C 209 35.41 27.85 67.53
N GLY C 210 36.43 27.82 68.38
CA GLY C 210 36.64 28.84 69.38
C GLY C 210 35.86 28.63 70.66
N ARG C 211 35.03 27.60 70.75
CA ARG C 211 34.27 27.32 71.95
C ARG C 211 34.21 25.85 72.31
N ILE C 212 34.81 24.97 71.53
CA ILE C 212 34.73 23.53 71.75
C ILE C 212 36.14 22.95 71.80
N SER C 213 36.27 21.83 72.50
CA SER C 213 37.54 21.11 72.62
C SER C 213 37.32 19.65 72.24
N ILE C 214 38.13 19.16 71.31
CA ILE C 214 38.04 17.77 70.84
C ILE C 214 39.27 17.02 71.34
N THR C 215 39.03 15.93 72.06
CA THR C 215 40.09 15.12 72.64
C THR C 215 39.84 13.65 72.36
N ARG C 216 40.91 12.91 72.08
CA ARG C 216 40.86 11.47 71.87
C ARG C 216 41.61 10.78 73.01
N VAL C 217 41.00 9.75 73.58
CA VAL C 217 41.56 9.02 74.71
C VAL C 217 41.98 7.64 74.22
N THR C 218 43.21 7.24 74.58
CA THR C 218 43.70 5.93 74.18
C THR C 218 43.51 4.90 75.28
N ALA C 219 43.55 5.33 76.54
CA ALA C 219 43.35 4.41 77.66
C ALA C 219 41.89 3.97 77.75
N ASP C 220 41.68 2.81 78.36
CA ASP C 220 40.34 2.28 78.54
C ASP C 220 39.55 3.17 79.49
N LEU C 221 38.29 3.42 79.15
CA LEU C 221 37.42 4.27 79.95
C LEU C 221 36.21 3.53 80.51
N SER C 222 35.86 2.36 79.96
CA SER C 222 34.70 1.60 80.42
C SER C 222 34.85 1.06 81.84
N LEU C 223 36.06 1.09 82.40
CA LEU C 223 36.31 0.59 83.74
C LEU C 223 36.30 1.71 84.78
N ALA C 224 35.48 2.74 84.57
CA ALA C 224 35.39 3.87 85.49
C ALA C 224 34.48 3.48 86.65
N LYS C 225 35.07 2.85 87.66
CA LYS C 225 34.36 2.43 88.86
C LYS C 225 34.76 3.31 90.04
N ARG C 226 33.91 3.27 91.08
CA ARG C 226 34.10 4.15 92.22
C ARG C 226 34.05 3.38 93.54
N SER C 227 33.35 2.26 93.57
CA SER C 227 33.11 1.50 94.80
C SER C 227 33.72 0.11 94.72
N VAL C 228 34.93 0.03 94.16
CA VAL C 228 35.66 -1.24 94.12
C VAL C 228 36.57 -1.38 95.35
N LEU C 229 37.35 -0.35 95.63
CA LEU C 229 38.23 -0.36 96.80
C LEU C 229 38.50 1.09 97.19
N ASN C 230 39.02 1.27 98.40
CA ASN C 230 39.31 2.62 98.89
C ASN C 230 40.35 3.30 98.01
N ASN C 231 41.39 2.57 97.60
CA ASN C 231 42.42 3.12 96.75
C ASN C 231 43.13 1.99 95.99
N PRO C 232 42.56 1.48 94.90
CA PRO C 232 43.19 0.39 94.16
C PRO C 232 44.45 0.84 93.44
N GLY C 233 45.61 0.35 93.86
CA GLY C 233 46.86 0.75 93.26
C GLY C 233 47.21 2.20 93.56
N LYS C 234 47.43 2.50 94.84
CA LYS C 234 47.75 3.88 95.22
C LYS C 234 49.12 4.30 94.72
N ARG C 235 50.09 3.38 94.73
CA ARG C 235 51.44 3.66 94.29
C ARG C 235 51.83 2.72 93.15
N THR C 236 52.75 3.19 92.31
CA THR C 236 53.21 2.43 91.16
C THR C 236 54.41 1.55 91.47
N ILE C 237 54.96 1.62 92.68
CA ILE C 237 56.13 0.84 93.06
C ILE C 237 55.76 -0.35 93.94
N ILE C 238 54.46 -0.60 94.15
CA ILE C 238 54.04 -1.72 94.98
C ILE C 238 54.37 -3.04 94.30
N GLU C 239 54.35 -3.09 92.97
CA GLU C 239 54.57 -4.31 92.20
C GLU C 239 53.54 -5.38 92.57
N ARG C 240 52.30 -4.95 92.75
CA ARG C 240 51.19 -5.86 93.05
C ARG C 240 50.54 -6.30 91.74
N SER C 241 49.39 -6.96 91.85
CA SER C 241 48.66 -7.41 90.66
C SER C 241 48.17 -6.23 89.83
N SER C 242 47.56 -5.23 90.50
CA SER C 242 47.02 -4.08 89.81
C SER C 242 48.00 -2.91 89.71
N ALA C 243 49.19 -3.04 90.31
CA ALA C 243 50.17 -1.96 90.22
C ALA C 243 50.82 -1.91 88.85
N ARG C 244 51.12 -3.08 88.27
CA ARG C 244 51.77 -3.16 86.98
C ARG C 244 50.79 -3.19 85.81
N SER C 245 49.49 -3.27 86.08
CA SER C 245 48.49 -3.36 85.03
C SER C 245 48.12 -1.94 84.57
N SER C 246 47.14 -1.85 83.67
CA SER C 246 46.67 -0.58 83.13
C SER C 246 45.50 -0.01 83.91
N ILE C 247 45.13 -0.63 85.04
CA ILE C 247 44.02 -0.13 85.83
C ILE C 247 44.35 1.24 86.41
N ALA C 248 45.61 1.45 86.79
CA ALA C 248 46.02 2.73 87.37
C ALA C 248 45.83 3.87 86.37
N GLU C 249 46.14 3.63 85.10
CA GLU C 249 45.95 4.66 84.08
C GLU C 249 44.48 4.99 83.84
N VAL C 250 43.56 4.09 84.22
CA VAL C 250 42.14 4.32 83.96
C VAL C 250 41.63 5.48 84.81
N GLN C 251 41.94 5.47 86.11
CA GLN C 251 41.41 6.50 86.99
C GLN C 251 41.98 7.88 86.67
N SER C 252 43.27 7.94 86.29
CA SER C 252 43.91 9.23 86.04
C SER C 252 43.19 10.03 84.97
N GLU C 253 42.62 9.35 83.97
CA GLU C 253 41.85 10.05 82.95
C GLU C 253 40.50 10.55 83.46
N ILE C 254 39.94 9.89 84.48
CA ILE C 254 38.61 10.24 84.95
C ILE C 254 38.63 11.61 85.62
N GLU C 255 39.62 11.87 86.47
CA GLU C 255 39.73 13.18 87.10
C GLU C 255 39.99 14.27 86.08
N ARG C 256 40.75 13.95 85.01
CA ARG C 256 40.95 14.91 83.93
C ARG C 256 39.63 15.22 83.24
N ILE C 257 38.78 14.21 83.05
CA ILE C 257 37.44 14.45 82.50
C ILE C 257 36.66 15.34 83.45
N PHE C 258 36.76 15.09 84.76
CA PHE C 258 36.11 15.95 85.73
C PHE C 258 36.61 17.39 85.64
N GLU C 259 37.93 17.56 85.59
CA GLU C 259 38.50 18.91 85.49
C GLU C 259 38.17 19.56 84.15
N LEU C 260 38.18 18.78 83.07
CA LEU C 260 37.78 19.33 81.78
C LEU C 260 36.31 19.71 81.75
N ALA C 261 35.48 19.04 82.55
CA ALA C 261 34.07 19.37 82.62
C ALA C 261 33.85 20.75 83.27
N LYS C 262 34.66 21.06 84.29
CA LYS C 262 34.54 22.34 84.97
C LYS C 262 35.00 23.51 84.12
N SER C 263 35.65 23.26 82.99
CA SER C 263 36.13 24.32 82.12
C SER C 263 35.01 25.06 81.39
N LEU C 264 33.77 24.54 81.45
CA LEU C 264 32.56 25.12 80.87
C LEU C 264 32.54 25.00 79.35
N GLN C 265 33.61 24.54 78.72
CA GLN C 265 33.65 24.40 77.27
C GLN C 265 33.16 23.01 76.87
N LEU C 266 32.45 22.94 75.74
CA LEU C 266 31.94 21.67 75.26
C LEU C 266 33.09 20.75 74.88
N VAL C 267 32.95 19.48 75.28
CA VAL C 267 33.98 18.47 75.05
C VAL C 267 33.32 17.19 74.56
N VAL C 268 33.89 16.60 73.51
CA VAL C 268 33.42 15.33 72.98
C VAL C 268 34.55 14.32 73.10
N LEU C 269 34.19 13.04 73.20
CA LEU C 269 35.15 11.96 73.40
C LEU C 269 35.19 11.07 72.17
N ASP C 270 36.41 10.74 71.72
CA ASP C 270 36.63 9.85 70.59
C ASP C 270 37.11 8.48 71.06
N ALA C 271 36.60 8.00 72.18
CA ALA C 271 37.06 6.73 72.75
C ALA C 271 36.74 5.58 71.82
N ASP C 272 37.74 4.73 71.59
CA ASP C 272 37.59 3.53 70.78
C ASP C 272 37.31 2.28 71.61
N THR C 273 37.13 2.44 72.92
CA THR C 273 36.86 1.33 73.82
C THR C 273 35.38 1.20 74.16
N ILE C 274 34.51 1.95 73.48
CA ILE C 274 33.08 1.90 73.73
C ILE C 274 32.39 1.24 72.55
N ASN C 275 31.58 0.23 72.83
CA ASN C 275 30.78 -0.44 71.81
C ASN C 275 29.33 -0.67 72.20
N HIS C 276 29.00 -0.71 73.50
CA HIS C 276 27.64 -0.90 73.97
C HIS C 276 27.30 0.18 74.98
N PRO C 277 26.12 0.78 74.88
CA PRO C 277 25.76 1.87 75.81
C PRO C 277 25.73 1.43 77.26
N ALA C 278 25.30 0.20 77.54
CA ALA C 278 25.22 -0.27 78.92
C ALA C 278 26.58 -0.46 79.56
N GLN C 279 27.64 -0.64 78.74
CA GLN C 279 28.98 -0.77 79.29
C GLN C 279 29.43 0.51 79.97
N LEU C 280 29.08 1.66 79.40
CA LEU C 280 29.46 2.96 79.93
C LEU C 280 28.25 3.72 80.49
N ALA C 281 27.28 2.99 81.03
CA ALA C 281 26.06 3.59 81.58
C ALA C 281 26.09 3.68 83.10
N LYS C 282 26.60 2.64 83.77
CA LYS C 282 26.64 2.64 85.24
C LYS C 282 27.73 3.55 85.79
N THR C 283 28.70 3.94 84.98
CA THR C 283 29.80 4.79 85.45
C THR C 283 29.28 6.19 85.76
N SER C 284 30.09 6.92 86.53
CA SER C 284 29.71 8.27 86.95
C SER C 284 29.62 9.23 85.77
N LEU C 285 30.53 9.10 84.79
CA LEU C 285 30.53 10.03 83.66
C LEU C 285 29.24 9.94 82.86
N ALA C 286 28.86 8.72 82.45
CA ALA C 286 27.66 8.46 81.66
C ALA C 286 27.58 9.41 80.47
N PRO C 287 28.45 9.25 79.47
CA PRO C 287 28.48 10.21 78.36
C PRO C 287 27.24 10.13 77.49
N ILE C 288 27.03 11.18 76.72
CA ILE C 288 25.90 11.25 75.79
C ILE C 288 26.10 10.20 74.71
N ILE C 289 25.23 9.19 74.67
CA ILE C 289 25.32 8.12 73.69
C ILE C 289 24.55 8.54 72.44
N VAL C 290 25.27 8.79 71.35
CA VAL C 290 24.68 9.16 70.08
C VAL C 290 24.76 7.96 69.16
N PHE C 291 23.60 7.52 68.67
CA PHE C 291 23.49 6.29 67.90
C PHE C 291 23.34 6.61 66.42
N VAL C 292 24.15 5.96 65.59
CA VAL C 292 23.99 5.96 64.15
C VAL C 292 23.51 4.57 63.73
N LYS C 293 22.42 4.51 62.99
CA LYS C 293 21.80 3.24 62.62
C LYS C 293 21.57 3.19 61.13
N VAL C 294 21.47 1.95 60.62
CA VAL C 294 21.26 1.70 59.21
C VAL C 294 19.90 1.05 59.03
N SER C 295 19.22 1.40 57.93
CA SER C 295 17.86 0.93 57.69
C SER C 295 17.81 -0.60 57.57
N SER C 296 18.76 -1.17 56.83
CA SER C 296 18.77 -2.61 56.59
C SER C 296 20.20 -3.11 56.55
N PRO C 297 20.44 -4.36 56.93
CA PRO C 297 21.79 -4.92 56.78
C PRO C 297 22.24 -5.03 55.34
N LYS C 298 21.32 -5.02 54.37
CA LYS C 298 21.71 -5.06 52.97
C LYS C 298 22.55 -3.85 52.59
N VAL C 299 22.24 -2.69 53.17
CA VAL C 299 23.05 -1.50 52.94
C VAL C 299 24.45 -1.71 53.50
N LEU C 300 24.55 -2.30 54.70
CA LEU C 300 25.85 -2.52 55.32
C LEU C 300 26.70 -3.49 54.51
N GLN C 301 26.09 -4.58 54.03
CA GLN C 301 26.86 -5.60 53.31
C GLN C 301 27.48 -5.02 52.04
N ARG C 302 26.72 -4.22 51.29
CA ARG C 302 27.25 -3.58 50.09
C ARG C 302 28.25 -2.47 50.42
N LEU C 303 28.20 -1.94 51.64
CA LEU C 303 29.11 -0.85 52.00
C LEU C 303 30.55 -1.32 52.03
N ILE C 304 30.83 -2.42 52.72
CA ILE C 304 32.18 -2.98 52.75
C ILE C 304 32.60 -3.46 51.36
N ARG C 305 31.65 -3.96 50.57
CA ARG C 305 31.96 -4.37 49.20
C ARG C 305 32.54 -3.20 48.40
N SER C 306 32.08 -1.98 48.66
CA SER C 306 32.65 -0.81 47.99
C SER C 306 34.01 -0.42 48.56
N ARG C 307 34.35 -0.89 49.76
CA ARG C 307 35.63 -0.55 50.37
C ARG C 307 36.78 -1.32 49.74
N GLY C 308 36.74 -2.64 49.83
CA GLY C 308 37.79 -3.44 49.25
C GLY C 308 37.90 -4.78 49.94
N LYS C 309 38.99 -5.49 49.60
CA LYS C 309 39.26 -6.82 50.13
C LYS C 309 39.77 -6.80 51.57
N SER C 310 40.12 -5.62 52.10
CA SER C 310 40.68 -5.56 53.45
C SER C 310 39.64 -5.84 54.52
N GLN C 311 38.44 -5.26 54.38
CA GLN C 311 37.44 -5.33 55.42
C GLN C 311 36.49 -6.52 55.29
N MET C 312 36.63 -7.33 54.23
CA MET C 312 35.78 -8.51 54.11
C MET C 312 36.14 -9.57 55.14
N LYS C 313 37.43 -9.66 55.51
CA LYS C 313 37.85 -10.64 56.49
C LYS C 313 37.22 -10.39 57.85
N HIS C 314 37.15 -9.12 58.26
CA HIS C 314 36.50 -8.73 59.50
C HIS C 314 35.03 -8.39 59.31
N LEU C 315 34.50 -8.56 58.09
CA LEU C 315 33.09 -8.28 57.85
C LEU C 315 32.17 -9.17 58.68
N THR C 316 32.64 -10.38 59.02
CA THR C 316 31.82 -11.29 59.82
C THR C 316 31.53 -10.72 61.20
N VAL C 317 32.52 -10.06 61.80
CA VAL C 317 32.31 -9.49 63.13
C VAL C 317 31.64 -8.12 63.06
N GLN C 318 31.77 -7.41 61.93
CA GLN C 318 31.07 -6.13 61.79
C GLN C 318 29.57 -6.34 61.69
N MET C 319 29.13 -7.41 61.02
CA MET C 319 27.71 -7.72 60.98
C MET C 319 27.18 -8.04 62.37
N MET C 320 27.96 -8.79 63.16
CA MET C 320 27.54 -9.10 64.52
C MET C 320 27.45 -7.83 65.37
N ALA C 321 28.41 -6.91 65.21
CA ALA C 321 28.43 -5.71 66.04
C ALA C 321 27.18 -4.87 65.83
N TYR C 322 26.76 -4.70 64.57
CA TYR C 322 25.52 -3.98 64.31
C TYR C 322 24.32 -4.69 64.90
N ASP C 323 24.29 -6.03 64.78
CA ASP C 323 23.16 -6.79 65.29
C ASP C 323 23.06 -6.73 66.80
N LYS C 324 24.20 -6.89 67.50
CA LYS C 324 24.17 -6.85 68.96
C LYS C 324 23.98 -5.44 69.50
N LEU C 325 24.09 -4.42 68.65
CA LEU C 325 23.86 -3.05 69.09
C LEU C 325 22.45 -2.58 68.73
N VAL C 326 21.89 -3.09 67.62
CA VAL C 326 20.55 -2.70 67.23
C VAL C 326 19.49 -3.38 68.10
N GLN C 327 19.80 -4.55 68.67
CA GLN C 327 18.84 -5.21 69.54
C GLN C 327 18.67 -4.51 70.88
N CYS C 328 19.60 -3.63 71.23
CA CYS C 328 19.44 -2.82 72.44
C CYS C 328 18.26 -1.87 72.25
N PRO C 329 17.41 -1.70 73.27
CA PRO C 329 16.25 -0.80 73.14
C PRO C 329 16.68 0.61 72.84
N PRO C 330 15.95 1.31 71.96
CA PRO C 330 16.35 2.68 71.58
C PRO C 330 16.34 3.68 72.73
N GLU C 331 15.45 3.51 73.70
CA GLU C 331 15.30 4.52 74.74
C GLU C 331 16.54 4.68 75.61
N SER C 332 17.39 3.65 75.70
CA SER C 332 18.63 3.77 76.44
C SER C 332 19.56 4.81 75.80
N PHE C 333 19.59 4.84 74.47
CA PHE C 333 20.43 5.80 73.76
C PHE C 333 19.89 7.21 73.94
N ASP C 334 20.79 8.17 74.08
CA ASP C 334 20.38 9.55 74.30
C ASP C 334 19.66 10.11 73.07
N VAL C 335 20.27 9.98 71.89
CA VAL C 335 19.68 10.46 70.64
C VAL C 335 19.88 9.42 69.56
N ILE C 336 19.17 9.61 68.45
CA ILE C 336 19.20 8.70 67.32
C ILE C 336 19.46 9.50 66.05
N LEU C 337 20.16 8.90 65.10
CA LEU C 337 20.47 9.51 63.81
C LEU C 337 20.05 8.54 62.71
N ASP C 338 18.79 8.63 62.30
CA ASP C 338 18.25 7.76 61.26
C ASP C 338 18.40 8.34 59.86
N GLU C 339 18.73 9.63 59.74
CA GLU C 339 18.87 10.24 58.42
C GLU C 339 20.09 9.71 57.69
N ASN C 340 19.99 9.64 56.37
CA ASN C 340 21.06 9.12 55.53
C ASN C 340 21.88 10.21 54.84
N GLN C 341 21.31 11.39 54.63
CA GLN C 341 22.01 12.46 53.94
C GLN C 341 23.10 13.07 54.83
N LEU C 342 24.02 13.78 54.18
CA LEU C 342 25.08 14.47 54.92
C LEU C 342 24.52 15.60 55.77
N GLU C 343 23.67 16.43 55.17
CA GLU C 343 23.24 17.66 55.83
C GLU C 343 22.22 17.39 56.93
N ASP C 344 21.15 16.67 56.60
CA ASP C 344 20.10 16.42 57.57
C ASP C 344 20.59 15.61 58.77
N ALA C 345 21.68 14.85 58.60
CA ALA C 345 22.28 14.17 59.74
C ALA C 345 23.12 15.12 60.59
N CYS C 346 23.67 16.17 60.00
CA CYS C 346 24.54 17.08 60.73
C CYS C 346 23.72 18.07 61.56
N GLU C 347 22.86 18.85 60.91
CA GLU C 347 22.12 19.89 61.61
C GLU C 347 21.12 19.31 62.61
N HIS C 348 20.73 18.05 62.45
CA HIS C 348 19.81 17.44 63.41
C HIS C 348 20.43 17.40 64.81
N LEU C 349 21.72 17.05 64.89
CA LEU C 349 22.42 17.09 66.17
C LEU C 349 22.88 18.49 66.54
N ALA C 350 22.88 19.43 65.58
CA ALA C 350 23.37 20.77 65.86
C ALA C 350 22.46 21.50 66.85
N GLU C 351 21.16 21.49 66.59
CA GLU C 351 20.23 22.17 67.50
C GLU C 351 20.12 21.45 68.83
N TYR C 352 20.28 20.12 68.84
CA TYR C 352 20.24 19.38 70.10
C TYR C 352 21.37 19.81 71.03
N LEU C 353 22.57 19.99 70.50
CA LEU C 353 23.68 20.48 71.31
C LEU C 353 23.58 21.97 71.60
N GLU C 354 23.00 22.75 70.66
CA GLU C 354 22.85 24.18 70.90
C GLU C 354 21.82 24.46 71.98
N VAL C 355 20.70 23.73 71.97
CA VAL C 355 19.69 23.93 73.01
C VAL C 355 20.23 23.50 74.37
N TYR C 356 21.05 22.44 74.40
CA TYR C 356 21.71 22.06 75.65
C TYR C 356 22.70 23.13 76.10
N TRP C 357 23.42 23.72 75.14
CA TRP C 357 24.40 24.76 75.48
C TRP C 357 23.72 25.97 76.10
N ARG C 358 22.59 26.39 75.55
CA ARG C 358 21.87 27.52 76.11
C ARG C 358 21.18 27.15 77.42
N ALA C 359 20.75 25.89 77.55
CA ALA C 359 20.04 25.47 78.76
C ALA C 359 20.93 25.50 79.99
N THR C 360 22.21 25.16 79.83
CA THR C 360 23.13 25.16 80.97
C THR C 360 23.30 26.56 81.55
N HIS C 361 23.42 27.57 80.69
CA HIS C 361 23.60 28.95 81.15
C HIS C 361 22.25 29.66 81.29
#